data_2FT3
#
_entry.id   2FT3
#
_cell.length_a   206.511
_cell.length_b   119.222
_cell.length_c   140.625
_cell.angle_alpha   90.00
_cell.angle_beta   116.61
_cell.angle_gamma   90.00
#
_symmetry.space_group_name_H-M   'C 1 2 1'
#
loop_
_entity.id
_entity.type
_entity.pdbx_description
1 polymer Biglycan
2 non-polymer 2-acetamido-2-deoxy-beta-D-glucopyranose
3 non-polymer 'CITRATE ANION'
#
_entity_poly.entity_id   1
_entity_poly.type   'polypeptide(L)'
_entity_poly.pdbx_seq_one_letter_code
;DEEASGAETTSGIPDLDSLPPTYSAMCPFGCHCHLRVVQCSDLGLKAVPKEISPDTTLLDLQNNDISELRKDDFKGLQHL
YALVLVNNKISKIHEKAFSPLRKLQKLYISKNHLVEIPPNLPSSLVELRIHDNRIRKVPKGVFSGLRNMNCIEMGGNPLE
NSGFEPGAFDGLKLNYLRISEAKLTGIPKDLPETLNELHLDHNKIQAIELEDLLRYSKLYRLGLGHNQIRMIENGSLSFL
PTLRELHLDNNKLSRVPAGLPDLKLLQVVYLHTNNITKVGVNDFCPVGFGVKRAYYNGISLFNNPVPYWEVQPATFRCVT
DRLAIQFGNYKK
;
_entity_poly.pdbx_strand_id   A,B,C,D,E,F
#
loop_
_chem_comp.id
_chem_comp.type
_chem_comp.name
_chem_comp.formula
FLC non-polymer 'CITRATE ANION' 'C6 H5 O7 -3'
NAG D-saccharide, beta linking 2-acetamido-2-deoxy-beta-D-glucopyranose 'C8 H15 N O6'
#
# COMPACT_ATOMS: atom_id res chain seq x y z
N ALA A 25 -2.98 65.75 9.75
CA ALA A 25 -2.87 65.41 8.30
C ALA A 25 -4.23 65.32 7.46
N MET A 26 -4.69 66.39 6.79
CA MET A 26 -5.83 66.21 5.87
C MET A 26 -5.56 65.00 4.96
N CYS A 27 -6.39 64.75 3.94
CA CYS A 27 -6.29 63.45 3.18
C CYS A 27 -5.65 63.26 1.81
N PRO A 28 -5.22 62.02 1.59
CA PRO A 28 -4.46 61.60 0.42
C PRO A 28 -5.08 62.11 -0.86
N PHE A 29 -4.33 62.16 -1.96
CA PHE A 29 -4.77 62.90 -3.16
C PHE A 29 -6.17 62.62 -3.71
N GLY A 30 -6.37 61.40 -4.17
CA GLY A 30 -7.68 61.06 -4.71
C GLY A 30 -8.76 61.13 -3.67
N CYS A 31 -8.42 60.76 -2.44
CA CYS A 31 -9.37 60.76 -1.37
C CYS A 31 -10.14 62.05 -1.14
N HIS A 32 -11.27 61.88 -0.46
CA HIS A 32 -12.21 62.92 -0.07
C HIS A 32 -12.71 62.40 1.22
N CYS A 33 -12.75 63.26 2.20
CA CYS A 33 -13.07 62.80 3.51
C CYS A 33 -13.66 63.94 4.30
N HIS A 34 -14.47 63.59 5.27
CA HIS A 34 -15.33 64.57 5.91
C HIS A 34 -15.65 64.06 7.26
N LEU A 35 -15.27 64.82 8.27
CA LEU A 35 -15.63 64.45 9.64
C LEU A 35 -15.18 63.06 9.97
N ARG A 36 -13.86 62.84 10.01
CA ARG A 36 -13.25 61.57 10.47
C ARG A 36 -13.52 60.33 9.59
N VAL A 37 -14.25 60.53 8.49
CA VAL A 37 -14.40 59.45 7.49
C VAL A 37 -13.46 59.82 6.33
N VAL A 38 -12.70 58.80 5.91
CA VAL A 38 -11.77 58.93 4.82
C VAL A 38 -12.16 57.95 3.74
N GLN A 39 -12.48 58.48 2.57
CA GLN A 39 -12.98 57.73 1.44
C GLN A 39 -11.90 57.72 0.36
N CYS A 40 -11.21 56.60 0.21
CA CYS A 40 -10.15 56.49 -0.76
C CYS A 40 -10.37 55.35 -1.69
N SER A 41 -11.43 55.33 -2.51
CA SER A 41 -11.76 54.09 -3.27
C SER A 41 -11.61 54.20 -4.78
N ASP A 42 -11.20 53.12 -5.46
CA ASP A 42 -11.06 53.11 -6.97
C ASP A 42 -10.02 54.06 -7.58
N LEU A 43 -9.07 54.48 -6.76
CA LEU A 43 -7.99 55.33 -7.20
C LEU A 43 -6.87 54.44 -7.78
N GLY A 44 -6.90 53.13 -7.44
CA GLY A 44 -5.83 52.17 -7.72
C GLY A 44 -4.62 52.70 -7.02
N LEU A 45 -4.59 52.64 -5.68
CA LEU A 45 -3.45 53.18 -4.95
C LEU A 45 -2.46 52.08 -4.74
N LYS A 46 -1.18 52.31 -5.07
CA LYS A 46 -0.09 51.29 -4.92
C LYS A 46 -0.01 50.72 -3.46
N ALA A 47 -0.09 51.57 -2.44
CA ALA A 47 -0.29 51.12 -1.06
C ALA A 47 -1.06 52.14 -0.18
N VAL A 48 -1.22 51.85 1.13
CA VAL A 48 -2.02 52.71 2.04
C VAL A 48 -1.33 54.03 2.14
N PRO A 49 -2.07 55.08 1.85
CA PRO A 49 -1.45 56.40 1.70
C PRO A 49 -0.72 56.80 2.99
N LYS A 50 0.25 57.75 2.93
CA LYS A 50 0.94 58.20 4.19
C LYS A 50 0.28 59.40 4.86
N GLU A 51 -0.60 60.12 4.17
CA GLU A 51 -1.25 61.19 4.90
C GLU A 51 -2.63 60.81 5.48
N ILE A 52 -2.69 60.26 6.69
CA ILE A 52 -4.01 59.86 7.21
C ILE A 52 -4.35 60.30 8.64
N SER A 53 -5.13 61.38 8.81
CA SER A 53 -5.48 61.96 10.14
C SER A 53 -5.76 60.92 11.22
N PRO A 54 -5.22 61.05 12.42
CA PRO A 54 -5.47 60.06 13.46
C PRO A 54 -6.92 60.11 13.93
N ASP A 55 -7.51 61.30 13.93
CA ASP A 55 -8.95 61.49 14.25
C ASP A 55 -9.77 60.39 13.56
N THR A 56 -9.27 59.97 12.41
CA THR A 56 -9.91 59.02 11.51
C THR A 56 -10.58 57.82 12.14
N THR A 57 -11.89 57.70 11.86
CA THR A 57 -12.78 56.59 12.28
C THR A 57 -13.03 55.51 11.18
N LEU A 58 -13.50 55.87 9.98
CA LEU A 58 -13.60 54.88 8.89
C LEU A 58 -12.52 55.14 7.83
N LEU A 59 -11.94 54.07 7.30
CA LEU A 59 -11.00 54.18 6.21
C LEU A 59 -11.54 53.21 5.20
N ASP A 60 -12.26 53.72 4.24
CA ASP A 60 -12.80 52.94 3.16
C ASP A 60 -11.79 52.98 1.96
N LEU A 61 -10.90 52.02 1.81
CA LEU A 61 -9.98 52.15 0.66
C LEU A 61 -10.03 50.86 -0.12
N GLN A 62 -11.16 50.80 -0.84
CA GLN A 62 -11.59 49.65 -1.59
C GLN A 62 -11.27 49.74 -3.08
N ASN A 63 -10.85 48.59 -3.63
CA ASN A 63 -10.56 48.51 -5.08
C ASN A 63 -9.44 49.45 -5.49
N ASN A 64 -8.26 49.20 -4.90
CA ASN A 64 -7.05 49.88 -5.26
C ASN A 64 -6.11 48.79 -5.43
N ASP A 65 -4.83 49.11 -5.40
CA ASP A 65 -3.80 48.13 -5.71
C ASP A 65 -2.80 47.71 -4.64
N ILE A 66 -3.20 47.83 -3.39
CA ILE A 66 -2.34 47.48 -2.27
C ILE A 66 -1.93 45.99 -2.28
N SER A 67 -0.67 45.65 -2.07
CA SER A 67 -0.27 44.21 -2.19
C SER A 67 0.22 43.64 -0.87
N GLU A 68 0.43 44.54 0.08
CA GLU A 68 0.86 44.19 1.42
C GLU A 68 0.50 45.27 2.43
N LEU A 69 0.63 44.92 3.70
CA LEU A 69 0.47 45.87 4.79
C LEU A 69 1.79 45.90 5.60
N ARG A 70 2.26 47.10 5.81
CA ARG A 70 3.56 47.26 6.38
C ARG A 70 3.46 47.63 7.84
N LYS A 71 4.39 47.15 8.65
CA LYS A 71 4.39 47.44 10.08
C LYS A 71 3.69 48.74 10.42
N ASP A 72 4.14 49.82 9.79
CA ASP A 72 3.68 51.13 10.19
C ASP A 72 2.70 51.74 9.24
N ASP A 73 2.18 50.90 8.36
CA ASP A 73 1.13 51.33 7.42
C ASP A 73 -0.04 52.07 8.12
N PHE A 74 -0.50 51.54 9.26
CA PHE A 74 -1.64 52.15 9.99
C PHE A 74 -1.30 52.88 11.28
N LYS A 75 0.00 53.20 11.43
CA LYS A 75 0.55 53.86 12.61
C LYS A 75 -0.31 55.03 13.12
N GLY A 76 -0.70 54.94 14.39
CA GLY A 76 -1.41 56.00 15.09
C GLY A 76 -2.84 56.24 14.65
N LEU A 77 -3.52 55.20 14.20
CA LEU A 77 -4.96 55.30 13.91
C LEU A 77 -5.78 54.63 15.03
N GLN A 78 -5.32 54.80 16.25
CA GLN A 78 -6.02 54.25 17.36
C GLN A 78 -7.53 54.60 17.42
N HIS A 79 -8.03 55.50 16.57
CA HIS A 79 -9.45 55.72 16.69
C HIS A 79 -10.15 55.07 15.55
N LEU A 80 -9.37 54.36 14.74
CA LEU A 80 -9.93 53.66 13.60
C LEU A 80 -10.88 52.54 14.07
N TYR A 81 -12.16 52.70 13.70
CA TYR A 81 -13.22 51.75 14.03
C TYR A 81 -13.45 50.72 12.93
N ALA A 82 -13.79 51.15 11.71
CA ALA A 82 -14.02 50.20 10.57
C ALA A 82 -13.09 50.38 9.35
N LEU A 83 -12.26 49.38 9.00
CA LEU A 83 -11.35 49.45 7.87
C LEU A 83 -11.81 48.44 6.80
N VAL A 84 -12.16 49.05 5.66
CA VAL A 84 -12.60 48.35 4.47
C VAL A 84 -11.42 48.23 3.44
N LEU A 85 -10.95 46.98 3.27
CA LEU A 85 -9.76 46.70 2.44
C LEU A 85 -10.16 45.86 1.27
N VAL A 86 -11.46 45.69 1.06
CA VAL A 86 -11.94 44.77 0.03
C VAL A 86 -11.46 45.15 -1.39
N ASN A 87 -11.50 44.14 -2.29
CA ASN A 87 -11.21 44.32 -3.72
C ASN A 87 -9.82 44.92 -4.02
N ASN A 88 -8.80 44.39 -3.30
CA ASN A 88 -7.38 44.75 -3.49
C ASN A 88 -6.63 43.54 -3.82
N LYS A 89 -5.32 43.58 -3.79
CA LYS A 89 -4.61 42.37 -4.08
C LYS A 89 -3.49 42.11 -3.04
N ILE A 90 -3.91 42.13 -1.79
CA ILE A 90 -3.02 42.00 -0.65
C ILE A 90 -2.53 40.60 -0.60
N SER A 91 -1.34 40.33 -0.03
CA SER A 91 -0.83 38.96 -0.02
C SER A 91 0.16 38.79 1.07
N LYS A 92 0.70 39.90 1.56
CA LYS A 92 1.60 39.84 2.71
C LYS A 92 1.15 40.80 3.78
N ILE A 93 0.97 40.38 5.00
CA ILE A 93 0.62 41.35 6.04
C ILE A 93 1.59 41.25 7.24
N HIS A 94 2.41 42.29 7.38
CA HIS A 94 3.41 42.40 8.43
C HIS A 94 2.79 42.18 9.81
N GLU A 95 3.42 41.34 10.65
CA GLU A 95 2.92 41.00 11.99
C GLU A 95 2.30 42.16 12.80
N LYS A 96 3.07 43.23 12.99
CA LYS A 96 2.65 44.39 13.79
C LYS A 96 1.96 45.44 12.92
N ALA A 97 1.20 44.93 11.95
CA ALA A 97 0.47 45.74 11.00
C ALA A 97 -0.74 46.33 11.65
N PHE A 98 -1.52 45.45 12.29
CA PHE A 98 -2.77 45.80 12.97
C PHE A 98 -2.66 46.34 14.42
N SER A 99 -1.51 46.13 15.05
CA SER A 99 -1.26 46.50 16.45
C SER A 99 -1.49 47.98 16.90
N PRO A 100 -1.42 48.94 16.02
CA PRO A 100 -1.77 50.31 16.41
C PRO A 100 -3.28 50.54 16.38
N LEU A 101 -4.07 49.50 16.08
CA LEU A 101 -5.52 49.67 15.84
C LEU A 101 -6.50 49.51 17.00
N ARG A 102 -6.04 49.82 18.21
CA ARG A 102 -6.75 49.63 19.51
C ARG A 102 -8.31 49.60 19.52
N LYS A 103 -8.99 50.43 18.72
CA LYS A 103 -10.44 50.41 18.82
C LYS A 103 -11.10 49.78 17.63
N LEU A 104 -10.32 49.48 16.59
CA LEU A 104 -10.86 48.75 15.43
C LEU A 104 -11.89 47.58 15.72
N GLN A 105 -13.10 47.73 15.17
CA GLN A 105 -14.18 46.71 15.28
C GLN A 105 -14.59 46.05 13.96
N LYS A 106 -14.36 46.72 12.84
CA LYS A 106 -14.69 46.10 11.58
C LYS A 106 -13.47 45.95 10.66
N LEU A 107 -13.18 44.74 10.16
CA LEU A 107 -12.07 44.45 9.21
C LEU A 107 -12.64 43.63 8.08
N TYR A 108 -12.93 44.32 6.98
CA TYR A 108 -13.41 43.68 5.75
C TYR A 108 -12.19 43.52 4.81
N ILE A 109 -11.64 42.32 4.65
CA ILE A 109 -10.62 42.17 3.64
C ILE A 109 -10.99 41.10 2.67
N SER A 110 -12.12 41.33 2.01
CA SER A 110 -12.65 40.37 1.03
C SER A 110 -11.95 40.57 -0.31
N LYS A 111 -11.96 39.52 -1.15
CA LYS A 111 -11.49 39.58 -2.56
C LYS A 111 -10.08 40.04 -2.66
N ASN A 112 -9.18 39.30 -2.02
CA ASN A 112 -7.76 39.64 -2.02
C ASN A 112 -6.97 38.39 -2.28
N HIS A 113 -5.67 38.53 -2.28
CA HIS A 113 -4.81 37.38 -2.47
C HIS A 113 -4.29 36.80 -1.15
N LEU A 114 -4.99 37.05 -0.05
CA LEU A 114 -4.56 36.52 1.22
C LEU A 114 -4.28 34.97 1.19
N VAL A 115 -3.28 34.49 1.95
CA VAL A 115 -2.88 33.06 1.94
C VAL A 115 -2.81 32.45 3.38
N GLU A 116 -3.31 33.19 4.36
CA GLU A 116 -3.36 32.78 5.81
C GLU A 116 -4.27 33.73 6.58
N ILE A 117 -5.15 33.26 7.47
CA ILE A 117 -5.85 34.22 8.29
C ILE A 117 -4.79 35.13 8.94
N PRO A 118 -4.91 36.46 8.84
CA PRO A 118 -3.93 37.34 9.44
C PRO A 118 -3.99 37.20 10.92
N PRO A 119 -2.83 37.18 11.59
CA PRO A 119 -2.80 37.10 13.07
C PRO A 119 -2.81 38.50 13.78
N ASN A 120 -2.99 38.49 15.09
CA ASN A 120 -2.77 39.68 15.89
C ASN A 120 -3.73 40.75 15.64
N LEU A 121 -4.86 40.35 15.10
CA LEU A 121 -5.90 41.30 14.78
C LEU A 121 -6.32 41.85 16.08
N PRO A 122 -6.95 43.00 16.02
CA PRO A 122 -7.36 43.76 17.24
C PRO A 122 -8.46 43.19 18.18
N SER A 123 -8.09 42.74 19.37
CA SER A 123 -9.08 42.17 20.24
C SER A 123 -10.41 42.94 20.25
N SER A 124 -10.38 44.20 19.83
CA SER A 124 -11.61 45.01 19.72
C SER A 124 -12.65 44.50 18.67
N LEU A 125 -12.11 44.03 17.55
CA LEU A 125 -12.87 43.39 16.47
C LEU A 125 -14.09 42.53 16.82
N VAL A 126 -15.16 42.83 16.11
CA VAL A 126 -16.42 42.18 16.25
C VAL A 126 -16.88 41.61 14.91
N GLU A 127 -16.46 42.17 13.77
CA GLU A 127 -16.87 41.56 12.49
C GLU A 127 -15.65 41.30 11.68
N LEU A 128 -15.53 40.18 10.97
CA LEU A 128 -14.31 39.91 10.12
C LEU A 128 -14.60 39.29 8.74
N ARG A 129 -14.63 40.13 7.71
CA ARG A 129 -14.95 39.61 6.38
C ARG A 129 -13.69 39.21 5.65
N ILE A 130 -13.62 37.99 5.13
CA ILE A 130 -12.39 37.60 4.46
C ILE A 130 -12.63 36.53 3.38
N HIS A 131 -13.67 36.82 2.62
CA HIS A 131 -14.21 36.09 1.45
C HIS A 131 -13.35 36.21 0.18
N ASP A 132 -13.50 35.28 -0.75
CA ASP A 132 -12.74 35.34 -2.00
C ASP A 132 -11.25 35.41 -1.90
N ASN A 133 -10.67 34.77 -0.92
CA ASN A 133 -9.28 34.87 -0.80
C ASN A 133 -8.71 33.59 -1.24
N ARG A 134 -7.49 33.32 -0.77
CA ARG A 134 -6.74 32.12 -1.10
C ARG A 134 -6.27 31.36 0.14
N ILE A 135 -7.05 31.32 1.20
CA ILE A 135 -6.61 30.65 2.43
C ILE A 135 -6.82 29.15 2.30
N ARG A 136 -5.75 28.37 2.44
CA ARG A 136 -5.93 26.95 2.31
C ARG A 136 -6.06 26.17 3.63
N LYS A 137 -5.40 26.64 4.67
CA LYS A 137 -5.54 26.02 6.00
C LYS A 137 -5.60 27.05 7.17
N VAL A 138 -6.61 26.92 8.02
CA VAL A 138 -6.71 27.73 9.24
C VAL A 138 -6.19 27.01 10.52
N PRO A 139 -5.08 27.50 11.07
CA PRO A 139 -4.32 26.79 12.07
C PRO A 139 -5.02 26.93 13.35
N LYS A 140 -4.29 26.76 14.45
CA LYS A 140 -4.93 26.70 15.75
C LYS A 140 -5.22 27.99 16.47
N GLY A 141 -4.23 28.53 17.15
CA GLY A 141 -4.47 29.71 18.00
C GLY A 141 -4.69 31.00 17.22
N VAL A 142 -5.11 30.84 15.98
CA VAL A 142 -5.27 31.97 15.08
C VAL A 142 -6.25 32.97 15.65
N PHE A 143 -7.38 32.45 16.14
CA PHE A 143 -8.42 33.29 16.74
C PHE A 143 -8.34 33.35 18.25
N SER A 144 -7.27 32.77 18.79
CA SER A 144 -7.06 32.68 20.23
C SER A 144 -7.22 34.01 21.04
N GLY A 145 -6.83 35.13 20.44
CA GLY A 145 -6.88 36.45 21.05
C GLY A 145 -8.26 37.08 21.09
N LEU A 146 -8.98 37.04 19.99
CA LEU A 146 -10.28 37.71 19.93
C LEU A 146 -11.25 37.20 21.01
N ARG A 147 -12.09 38.11 21.51
CA ARG A 147 -13.08 37.84 22.58
C ARG A 147 -14.30 38.69 22.40
N ASN A 148 -14.48 39.21 21.20
CA ASN A 148 -15.67 39.99 20.84
C ASN A 148 -16.25 39.61 19.50
N MET A 149 -15.62 38.62 18.85
CA MET A 149 -16.04 38.20 17.55
C MET A 149 -17.49 37.83 17.60
N ASN A 150 -18.09 37.65 16.45
CA ASN A 150 -19.47 37.15 16.38
C ASN A 150 -19.86 36.96 14.90
N CYS A 151 -19.07 37.63 14.05
CA CYS A 151 -19.29 37.59 12.64
C CYS A 151 -17.98 37.23 12.02
N ILE A 152 -18.06 36.35 11.02
CA ILE A 152 -16.88 35.84 10.30
C ILE A 152 -17.24 35.27 8.94
N GLU A 153 -16.93 36.08 7.93
CA GLU A 153 -17.07 35.57 6.62
C GLU A 153 -15.75 34.91 6.19
N MET A 154 -15.77 33.67 5.71
CA MET A 154 -14.54 33.04 5.22
C MET A 154 -14.79 32.27 3.91
N GLY A 155 -15.95 32.48 3.29
CA GLY A 155 -16.20 31.80 2.03
C GLY A 155 -15.32 32.32 0.88
N GLY A 156 -15.50 31.73 -0.31
CA GLY A 156 -14.80 32.13 -1.50
C GLY A 156 -13.42 31.65 -1.31
N ASN A 157 -13.22 30.87 -0.26
CA ASN A 157 -11.89 30.31 -0.04
C ASN A 157 -11.74 28.83 -0.45
N PRO A 158 -10.52 28.39 -0.70
CA PRO A 158 -10.36 27.03 -1.09
C PRO A 158 -9.87 26.31 0.14
N LEU A 159 -10.77 25.84 0.97
CA LEU A 159 -10.31 24.94 2.00
C LEU A 159 -11.10 23.65 2.05
N GLU A 160 -10.39 22.56 2.28
CA GLU A 160 -10.98 21.27 2.38
C GLU A 160 -11.12 20.97 3.84
N ASN A 161 -11.91 19.99 4.24
CA ASN A 161 -12.03 19.78 5.67
C ASN A 161 -10.69 19.50 6.30
N SER A 162 -9.77 18.95 5.52
CA SER A 162 -8.44 18.66 6.03
C SER A 162 -7.61 19.93 6.23
N GLY A 163 -8.06 21.08 5.73
CA GLY A 163 -7.41 22.37 6.02
C GLY A 163 -7.66 22.91 7.44
N PHE A 164 -8.85 22.69 8.00
CA PHE A 164 -9.06 23.10 9.38
C PHE A 164 -8.17 22.28 10.25
N GLU A 165 -8.13 22.60 11.52
CA GLU A 165 -7.16 21.98 12.35
C GLU A 165 -7.67 21.95 13.78
N PRO A 166 -7.36 20.89 14.50
CA PRO A 166 -7.79 20.75 15.87
C PRO A 166 -7.76 22.04 16.71
N GLY A 167 -8.92 22.55 17.09
CA GLY A 167 -8.94 23.72 17.92
C GLY A 167 -8.61 24.96 17.13
N ALA A 168 -9.23 25.10 15.95
CA ALA A 168 -8.99 26.28 15.10
C ALA A 168 -9.80 27.41 15.66
N PHE A 169 -11.06 27.12 15.97
CA PHE A 169 -11.94 28.14 16.53
C PHE A 169 -11.99 28.05 18.06
N ASP A 170 -10.87 27.65 18.62
CA ASP A 170 -10.69 27.39 20.02
C ASP A 170 -10.88 28.64 20.83
N GLY A 171 -11.62 28.49 21.93
CA GLY A 171 -12.02 29.65 22.72
C GLY A 171 -12.34 30.79 21.77
N LEU A 172 -13.60 30.89 21.32
CA LEU A 172 -14.03 31.98 20.45
C LEU A 172 -15.52 32.11 20.50
N LYS A 173 -16.04 32.75 21.53
CA LYS A 173 -17.46 32.81 21.70
C LYS A 173 -18.08 33.65 20.62
N LEU A 174 -18.52 33.11 19.47
CA LEU A 174 -19.11 33.96 18.40
C LEU A 174 -20.41 33.41 17.85
N ASN A 175 -21.33 34.31 17.52
CA ASN A 175 -22.64 33.83 17.09
C ASN A 175 -22.88 33.61 15.55
N TYR A 176 -22.05 34.21 14.69
CA TYR A 176 -22.33 34.00 13.28
C TYR A 176 -21.12 33.36 12.63
N LEU A 177 -21.31 32.53 11.63
CA LEU A 177 -20.14 32.06 10.91
C LEU A 177 -20.46 31.56 9.50
N ARG A 178 -19.79 32.06 8.48
CA ARG A 178 -20.14 31.53 7.22
C ARG A 178 -18.93 31.10 6.46
N ILE A 179 -18.92 29.82 6.05
CA ILE A 179 -17.81 29.20 5.30
C ILE A 179 -18.42 28.60 4.03
N SER A 180 -19.07 29.45 3.26
CA SER A 180 -19.67 29.03 1.98
C SER A 180 -18.62 28.89 0.88
N GLU A 181 -19.03 28.33 -0.25
CA GLU A 181 -18.23 28.38 -1.44
C GLU A 181 -16.78 27.92 -1.22
N ALA A 182 -16.60 26.88 -0.44
CA ALA A 182 -15.26 26.44 -0.22
C ALA A 182 -15.20 25.03 -0.64
N LYS A 183 -14.31 24.27 -0.01
CA LYS A 183 -14.09 22.88 -0.41
C LYS A 183 -14.48 21.91 0.70
N LEU A 184 -15.53 22.29 1.43
CA LEU A 184 -16.03 21.43 2.48
C LEU A 184 -16.60 20.14 1.90
N THR A 185 -16.19 19.03 2.50
CA THR A 185 -16.68 17.77 2.04
C THR A 185 -17.66 17.17 3.06
N GLY A 186 -17.56 17.62 4.29
CA GLY A 186 -18.57 17.31 5.31
C GLY A 186 -18.67 18.44 6.34
N ILE A 187 -19.79 18.55 7.07
CA ILE A 187 -19.95 19.58 8.11
C ILE A 187 -18.89 19.51 9.16
N PRO A 188 -18.14 20.61 9.34
CA PRO A 188 -17.08 20.66 10.42
C PRO A 188 -17.58 20.38 11.86
N LYS A 189 -16.73 19.92 12.76
CA LYS A 189 -17.23 19.58 14.08
C LYS A 189 -16.77 20.47 15.19
N ASP A 190 -15.54 20.94 15.11
CA ASP A 190 -15.03 21.74 16.19
C ASP A 190 -15.17 23.24 15.96
N LEU A 191 -16.39 23.68 15.68
CA LEU A 191 -16.71 25.07 15.48
C LEU A 191 -17.07 25.58 16.83
N PRO A 192 -17.45 26.83 16.89
CA PRO A 192 -17.86 27.45 18.16
C PRO A 192 -19.22 26.92 18.55
N GLU A 193 -19.44 26.66 19.83
CA GLU A 193 -20.73 26.05 20.27
C GLU A 193 -21.85 27.05 20.42
N THR A 194 -21.38 28.26 20.67
CA THR A 194 -22.12 29.50 20.88
C THR A 194 -22.83 29.99 19.59
N LEU A 195 -22.39 29.47 18.46
CA LEU A 195 -22.91 29.74 17.15
C LEU A 195 -24.43 29.85 17.16
N ASN A 196 -24.97 30.95 16.64
CA ASN A 196 -26.39 31.11 16.55
C ASN A 196 -26.74 30.93 15.16
N GLU A 197 -25.92 31.42 14.22
CA GLU A 197 -26.08 31.03 12.78
C GLU A 197 -24.88 30.21 12.22
N LEU A 198 -25.11 29.29 11.27
CA LEU A 198 -24.00 28.56 10.64
C LEU A 198 -24.27 28.37 9.15
N HIS A 199 -23.43 28.92 8.33
CA HIS A 199 -23.65 28.63 6.97
C HIS A 199 -22.49 27.79 6.39
N LEU A 200 -22.82 27.01 5.35
CA LEU A 200 -21.90 26.14 4.69
C LEU A 200 -22.47 25.95 3.29
N ASP A 201 -23.29 26.89 2.85
CA ASP A 201 -23.89 26.71 1.49
C ASP A 201 -22.84 26.70 0.38
N HIS A 202 -23.18 26.14 -0.76
CA HIS A 202 -22.19 26.11 -1.81
C HIS A 202 -20.89 25.34 -1.48
N ASN A 203 -21.00 24.09 -1.07
CA ASN A 203 -19.81 23.32 -0.87
C ASN A 203 -19.86 22.04 -1.67
N LYS A 204 -19.15 21.03 -1.20
CA LYS A 204 -19.28 19.70 -1.81
C LYS A 204 -19.66 18.70 -0.73
N ILE A 205 -20.40 19.14 0.29
CA ILE A 205 -20.75 18.25 1.44
C ILE A 205 -21.46 16.96 0.95
N GLN A 206 -21.05 15.82 1.52
CA GLN A 206 -21.55 14.51 1.14
C GLN A 206 -22.84 14.03 1.82
N ALA A 207 -22.99 14.29 3.11
CA ALA A 207 -24.21 13.87 3.75
C ALA A 207 -24.15 14.23 5.19
N ILE A 208 -25.25 14.70 5.78
CA ILE A 208 -25.22 14.97 7.22
C ILE A 208 -25.50 13.75 8.14
N GLU A 209 -24.44 13.37 8.84
CA GLU A 209 -24.42 12.25 9.76
C GLU A 209 -24.90 12.53 11.18
N LEU A 210 -24.81 11.52 12.03
CA LEU A 210 -25.40 11.58 13.33
C LEU A 210 -24.83 12.66 14.26
N GLU A 211 -23.52 12.73 14.46
CA GLU A 211 -23.00 13.69 15.42
C GLU A 211 -22.35 14.90 14.76
N ASP A 212 -22.74 15.18 13.52
CA ASP A 212 -22.27 16.40 12.84
C ASP A 212 -22.70 17.71 13.55
N LEU A 213 -24.01 17.86 13.71
CA LEU A 213 -24.53 19.08 14.29
C LEU A 213 -24.55 18.97 15.78
N LEU A 214 -23.81 18.01 16.31
CA LEU A 214 -23.94 17.73 17.73
C LEU A 214 -23.88 18.97 18.59
N ARG A 215 -22.67 19.45 18.84
CA ARG A 215 -22.45 20.55 19.77
C ARG A 215 -23.02 21.94 19.35
N TYR A 216 -23.55 22.06 18.13
CA TYR A 216 -24.16 23.33 17.70
C TYR A 216 -25.59 23.57 18.27
N SER A 217 -25.79 23.22 19.56
CA SER A 217 -27.09 23.16 20.24
C SER A 217 -27.90 24.45 20.43
N LYS A 218 -27.48 25.55 19.79
CA LYS A 218 -28.16 26.83 19.95
C LYS A 218 -28.51 27.56 18.66
N LEU A 219 -28.62 26.85 17.53
CA LEU A 219 -28.74 27.49 16.18
C LEU A 219 -30.08 28.05 15.82
N TYR A 220 -30.09 29.19 15.17
CA TYR A 220 -31.34 29.73 14.65
C TYR A 220 -31.46 29.24 13.26
N ARG A 221 -30.47 29.61 12.41
CA ARG A 221 -30.35 29.09 11.01
C ARG A 221 -29.32 27.94 10.72
N LEU A 222 -29.41 27.42 9.53
CA LEU A 222 -28.49 26.42 9.20
C LEU A 222 -28.67 26.31 7.74
N GLY A 223 -27.90 27.07 6.98
CA GLY A 223 -27.92 26.88 5.52
C GLY A 223 -27.10 25.63 5.12
N LEU A 224 -27.57 24.77 4.24
CA LEU A 224 -26.67 23.80 3.63
C LEU A 224 -27.01 23.71 2.19
N GLY A 225 -27.80 24.66 1.69
CA GLY A 225 -28.21 24.71 0.27
C GLY A 225 -27.07 24.62 -0.72
N HIS A 226 -27.35 24.14 -1.93
CA HIS A 226 -26.29 23.94 -2.93
C HIS A 226 -25.18 23.06 -2.45
N ASN A 227 -25.52 21.88 -1.99
CA ASN A 227 -24.50 20.96 -1.59
C ASN A 227 -24.79 19.63 -2.27
N GLN A 228 -24.18 18.58 -1.75
CA GLN A 228 -24.32 17.31 -2.39
C GLN A 228 -24.79 16.30 -1.40
N ILE A 229 -25.60 16.79 -0.47
CA ILE A 229 -26.12 15.94 0.55
C ILE A 229 -27.00 14.85 -0.08
N ARG A 230 -26.64 13.60 0.18
CA ARG A 230 -27.32 12.49 -0.43
C ARG A 230 -28.19 11.88 0.65
N MET A 231 -27.63 11.76 1.87
CA MET A 231 -28.33 11.07 3.00
C MET A 231 -28.18 11.58 4.46
N ILE A 232 -29.08 12.46 4.85
CA ILE A 232 -29.13 12.97 6.17
C ILE A 232 -29.75 11.93 7.09
N GLU A 233 -28.88 11.36 7.89
CA GLU A 233 -29.19 10.29 8.80
C GLU A 233 -29.90 10.79 10.04
N ASN A 234 -31.04 10.18 10.36
CA ASN A 234 -31.99 10.72 11.36
C ASN A 234 -31.49 10.83 12.76
N GLY A 235 -32.09 11.80 13.45
CA GLY A 235 -31.72 12.14 14.83
C GLY A 235 -30.58 13.14 14.87
N SER A 236 -29.91 13.33 13.73
CA SER A 236 -28.81 14.26 13.63
C SER A 236 -29.33 15.70 13.69
N LEU A 237 -30.54 15.86 13.14
CA LEU A 237 -31.21 17.17 13.18
C LEU A 237 -31.93 17.33 14.54
N SER A 238 -31.73 16.36 15.43
CA SER A 238 -32.36 16.39 16.74
C SER A 238 -31.69 17.39 17.72
N PHE A 239 -30.35 17.52 17.64
CA PHE A 239 -29.60 18.36 18.59
C PHE A 239 -29.81 19.84 18.45
N LEU A 240 -30.77 20.22 17.61
CA LEU A 240 -31.03 21.60 17.30
C LEU A 240 -32.36 22.05 17.85
N PRO A 241 -32.60 21.74 19.10
CA PRO A 241 -33.81 22.14 19.75
C PRO A 241 -34.42 23.37 19.13
N THR A 242 -33.66 24.46 18.97
CA THR A 242 -34.24 25.76 18.51
C THR A 242 -34.15 26.17 17.05
N LEU A 243 -33.57 25.30 16.24
CA LEU A 243 -33.48 25.61 14.83
C LEU A 243 -34.81 26.21 14.28
N ARG A 244 -34.70 27.40 13.69
CA ARG A 244 -35.88 28.09 13.17
C ARG A 244 -36.09 28.08 11.63
N GLU A 245 -35.00 28.19 10.87
CA GLU A 245 -35.01 28.08 9.40
C GLU A 245 -34.08 27.02 9.00
N LEU A 246 -34.50 26.06 8.22
CA LEU A 246 -33.54 25.12 7.74
C LEU A 246 -33.51 25.06 6.19
N HIS A 247 -32.46 25.65 5.57
CA HIS A 247 -32.31 25.55 4.12
C HIS A 247 -31.52 24.34 3.80
N LEU A 248 -32.13 23.41 3.06
CA LEU A 248 -31.49 22.14 2.72
C LEU A 248 -31.67 21.77 1.28
N ASP A 249 -31.87 22.81 0.45
CA ASP A 249 -32.17 22.75 -1.00
C ASP A 249 -30.97 22.65 -1.90
N ASN A 250 -31.26 22.23 -3.12
CA ASN A 250 -30.24 21.98 -4.11
C ASN A 250 -29.29 20.90 -3.63
N ASN A 251 -29.84 19.73 -3.38
CA ASN A 251 -29.00 18.64 -2.97
C ASN A 251 -29.25 17.40 -3.76
N LYS A 252 -28.99 16.26 -3.13
CA LYS A 252 -29.16 14.96 -3.76
C LYS A 252 -30.03 14.11 -2.85
N LEU A 253 -30.80 14.83 -2.05
CA LEU A 253 -31.67 14.19 -1.10
C LEU A 253 -32.60 13.28 -1.87
N SER A 254 -33.12 12.27 -1.16
CA SER A 254 -34.06 11.32 -1.74
C SER A 254 -35.40 11.20 -0.99
N ARG A 255 -35.46 11.57 0.28
CA ARG A 255 -36.77 11.63 0.98
C ARG A 255 -36.77 12.82 2.03
N VAL A 256 -37.90 13.37 2.46
CA VAL A 256 -37.82 14.46 3.50
C VAL A 256 -36.99 14.09 4.79
N PRO A 257 -35.97 14.88 5.12
CA PRO A 257 -35.03 14.55 6.18
C PRO A 257 -35.73 14.17 7.47
N ALA A 258 -35.27 13.08 8.10
CA ALA A 258 -35.97 12.55 9.26
C ALA A 258 -35.74 13.33 10.57
N GLY A 259 -36.82 13.84 11.13
CA GLY A 259 -36.69 14.52 12.37
C GLY A 259 -37.48 15.81 12.33
N LEU A 260 -37.81 16.26 11.11
CA LEU A 260 -38.56 17.50 10.91
C LEU A 260 -39.74 17.77 11.88
N PRO A 261 -40.68 16.82 12.00
CA PRO A 261 -41.76 16.98 13.01
C PRO A 261 -41.27 17.19 14.46
N ASP A 262 -40.19 16.55 14.86
CA ASP A 262 -39.77 16.71 16.22
C ASP A 262 -39.11 18.05 16.61
N LEU A 263 -38.81 18.89 15.62
CA LEU A 263 -38.13 20.19 15.83
C LEU A 263 -39.09 21.28 16.25
N LYS A 264 -39.23 21.49 17.56
CA LYS A 264 -40.29 22.32 18.09
C LYS A 264 -40.53 23.67 17.46
N LEU A 265 -39.52 24.23 16.83
CA LEU A 265 -39.67 25.56 16.29
C LEU A 265 -39.27 25.74 14.87
N LEU A 266 -39.18 24.68 14.07
CA LEU A 266 -38.81 24.81 12.66
C LEU A 266 -39.97 25.44 12.00
N GLN A 267 -39.75 26.64 11.49
CA GLN A 267 -40.81 27.44 10.86
C GLN A 267 -40.65 27.62 9.40
N VAL A 268 -39.49 27.31 8.87
CA VAL A 268 -39.31 27.29 7.44
C VAL A 268 -38.23 26.32 7.06
N VAL A 269 -38.60 25.17 6.54
CA VAL A 269 -37.59 24.28 5.96
C VAL A 269 -37.57 24.52 4.44
N TYR A 270 -36.41 24.39 3.80
CA TYR A 270 -36.32 24.61 2.35
C TYR A 270 -35.82 23.37 1.62
N LEU A 271 -36.66 22.68 0.84
CA LEU A 271 -36.24 21.42 0.17
C LEU A 271 -36.26 21.33 -1.41
N HIS A 272 -36.67 22.38 -2.10
CA HIS A 272 -36.73 22.43 -3.55
C HIS A 272 -35.45 22.03 -4.22
N THR A 273 -35.53 21.61 -5.47
CA THR A 273 -34.35 21.13 -6.28
C THR A 273 -33.53 19.96 -5.65
N ASN A 274 -34.26 19.04 -5.02
CA ASN A 274 -33.66 17.83 -4.54
C ASN A 274 -34.08 16.64 -5.35
N ASN A 275 -34.03 15.47 -4.76
CA ASN A 275 -34.41 14.29 -5.50
C ASN A 275 -35.37 13.51 -4.64
N ILE A 276 -36.18 14.26 -3.94
CA ILE A 276 -37.29 13.70 -3.23
C ILE A 276 -38.32 13.19 -4.26
N THR A 277 -38.62 11.91 -4.08
CA THR A 277 -39.52 11.09 -4.87
C THR A 277 -40.88 10.86 -4.15
N LYS A 278 -40.81 10.51 -2.87
CA LYS A 278 -41.97 10.26 -1.99
C LYS A 278 -42.06 11.26 -0.76
N VAL A 279 -43.29 11.71 -0.44
CA VAL A 279 -43.55 12.59 0.73
C VAL A 279 -44.48 11.96 1.78
N GLY A 280 -43.96 11.19 2.72
CA GLY A 280 -44.82 10.67 3.80
C GLY A 280 -45.85 11.67 4.35
N VAL A 281 -47.02 11.21 4.80
CA VAL A 281 -48.02 12.11 5.36
C VAL A 281 -47.58 12.79 6.69
N ASN A 282 -46.65 12.17 7.41
CA ASN A 282 -46.15 12.72 8.67
C ASN A 282 -44.70 13.14 8.61
N ASP A 283 -44.37 13.64 7.42
CA ASP A 283 -43.03 14.13 7.04
C ASP A 283 -42.79 15.55 7.50
N PHE A 284 -43.78 16.25 8.01
CA PHE A 284 -43.54 17.63 8.51
C PHE A 284 -44.23 17.88 9.84
N CYS A 285 -45.56 17.68 9.88
CA CYS A 285 -46.32 17.87 11.09
C CYS A 285 -46.13 16.63 11.83
N PRO A 286 -46.24 16.74 13.13
CA PRO A 286 -46.03 15.61 14.01
C PRO A 286 -47.35 14.84 14.20
N VAL A 287 -47.29 13.56 14.61
CA VAL A 287 -48.49 12.74 14.71
C VAL A 287 -49.54 13.22 15.73
N GLY A 288 -49.18 13.46 16.98
CA GLY A 288 -50.16 13.87 17.97
C GLY A 288 -50.09 15.31 18.47
N PHE A 289 -50.87 16.21 17.84
CA PHE A 289 -50.93 17.67 18.17
C PHE A 289 -50.38 18.10 19.52
N GLY A 290 -49.54 19.14 19.49
CA GLY A 290 -48.85 19.69 20.68
C GLY A 290 -49.06 21.18 20.93
N VAL A 291 -48.01 21.98 20.86
CA VAL A 291 -48.18 23.42 21.11
C VAL A 291 -46.78 23.99 21.45
N LYS A 292 -45.92 23.06 21.90
CA LYS A 292 -44.51 23.30 22.06
C LYS A 292 -44.12 23.53 20.62
N ARG A 293 -45.03 23.15 19.70
CA ARG A 293 -44.75 23.12 18.25
C ARG A 293 -44.95 24.50 17.61
N ALA A 294 -44.60 24.66 16.35
CA ALA A 294 -44.92 25.91 15.69
C ALA A 294 -45.36 25.53 14.32
N TYR A 295 -46.22 26.34 13.73
CA TYR A 295 -46.78 25.99 12.46
C TYR A 295 -45.82 26.44 11.45
N TYR A 296 -45.64 25.69 10.37
CA TYR A 296 -44.62 26.06 9.40
C TYR A 296 -45.09 27.27 8.77
N ASN A 297 -44.12 28.05 8.37
CA ASN A 297 -44.35 29.35 7.91
C ASN A 297 -43.81 29.44 6.52
N GLY A 298 -43.10 28.39 6.08
CA GLY A 298 -42.56 28.26 4.72
C GLY A 298 -42.06 26.85 4.33
N ILE A 299 -42.61 26.27 3.31
CA ILE A 299 -42.06 25.04 2.88
C ILE A 299 -41.89 25.03 1.36
N SER A 300 -40.66 24.73 0.92
CA SER A 300 -40.34 24.55 -0.51
C SER A 300 -40.25 23.07 -0.89
N LEU A 301 -40.56 22.75 -2.14
CA LEU A 301 -40.68 21.36 -2.57
C LEU A 301 -40.70 21.28 -4.11
N PHE A 302 -41.11 22.37 -4.76
CA PHE A 302 -41.12 22.49 -6.21
C PHE A 302 -39.78 22.01 -6.74
N ASN A 303 -39.78 21.52 -7.96
CA ASN A 303 -38.59 21.03 -8.59
C ASN A 303 -38.03 19.81 -7.90
N ASN A 304 -38.92 18.86 -7.67
CA ASN A 304 -38.60 17.50 -7.12
C ASN A 304 -39.51 16.47 -7.78
N PRO A 305 -38.99 15.30 -8.11
CA PRO A 305 -39.79 14.30 -8.78
C PRO A 305 -40.86 13.76 -7.78
N VAL A 306 -42.05 14.38 -7.83
CA VAL A 306 -43.19 14.05 -6.99
C VAL A 306 -44.15 15.18 -7.27
N PRO A 307 -45.26 14.83 -7.93
CA PRO A 307 -46.24 15.80 -8.44
C PRO A 307 -47.15 16.25 -7.38
N TYR A 308 -47.98 17.23 -7.64
CA TYR A 308 -48.82 17.76 -6.54
C TYR A 308 -49.85 16.77 -6.00
N TRP A 309 -50.38 15.99 -6.92
CA TRP A 309 -51.43 15.00 -6.66
C TRP A 309 -50.99 13.70 -5.99
N GLU A 310 -49.70 13.56 -5.76
CA GLU A 310 -49.20 12.41 -5.06
C GLU A 310 -49.15 12.71 -3.58
N VAL A 311 -49.11 14.00 -3.21
CA VAL A 311 -49.01 14.38 -1.78
C VAL A 311 -50.31 14.96 -1.09
N GLN A 312 -51.02 14.06 -0.42
CA GLN A 312 -52.25 14.30 0.29
C GLN A 312 -52.13 15.63 0.97
N PRO A 313 -53.24 16.37 1.14
CA PRO A 313 -53.23 17.74 1.74
C PRO A 313 -53.02 17.64 3.24
N ALA A 314 -53.59 16.59 3.83
CA ALA A 314 -53.38 16.25 5.22
C ALA A 314 -51.89 16.40 5.59
N THR A 315 -51.05 16.32 4.56
CA THR A 315 -49.57 16.41 4.70
C THR A 315 -49.03 17.80 5.25
N PHE A 316 -49.68 18.90 4.81
CA PHE A 316 -49.34 20.26 5.29
C PHE A 316 -50.43 20.81 6.22
N ARG A 317 -50.83 20.04 7.22
CA ARG A 317 -51.90 20.50 8.11
C ARG A 317 -51.55 21.69 9.01
N CYS A 318 -50.31 21.67 9.48
CA CYS A 318 -49.75 22.65 10.45
C CYS A 318 -49.01 23.86 9.83
N VAL A 319 -48.99 23.96 8.50
CA VAL A 319 -48.51 25.19 7.82
C VAL A 319 -49.64 26.19 8.01
N THR A 320 -49.42 27.44 7.68
CA THR A 320 -50.46 28.39 7.94
C THR A 320 -51.21 28.79 6.69
N ASP A 321 -50.61 29.64 5.89
CA ASP A 321 -51.21 30.00 4.66
C ASP A 321 -51.03 28.85 3.65
N ARG A 322 -51.67 28.96 2.50
CA ARG A 322 -51.40 28.09 1.36
C ARG A 322 -50.06 28.71 0.89
N LEU A 323 -50.06 30.02 0.71
CA LEU A 323 -48.90 30.73 0.18
C LEU A 323 -47.60 30.39 0.85
N ALA A 324 -47.66 29.73 1.97
CA ALA A 324 -46.45 29.34 2.64
C ALA A 324 -45.80 28.10 1.98
N ILE A 325 -46.46 27.57 0.96
CA ILE A 325 -45.97 26.32 0.39
C ILE A 325 -45.53 26.45 -1.08
N GLN A 326 -44.27 26.81 -1.30
CA GLN A 326 -43.75 26.75 -2.67
C GLN A 326 -43.75 25.27 -3.12
N PHE A 327 -44.63 25.00 -4.09
CA PHE A 327 -45.03 23.69 -4.60
C PHE A 327 -46.09 23.84 -5.74
N ALA B 25 -39.73 42.92 10.83
CA ALA B 25 -39.17 41.76 10.04
C ALA B 25 -37.66 41.47 10.35
N MET B 26 -37.35 40.34 10.99
CA MET B 26 -35.93 39.92 11.12
C MET B 26 -35.37 39.71 9.69
N CYS B 27 -34.04 39.63 9.55
CA CYS B 27 -33.46 39.70 8.21
C CYS B 27 -33.31 38.46 7.36
N PRO B 28 -33.06 38.71 6.07
CA PRO B 28 -32.91 37.69 5.02
C PRO B 28 -31.90 36.57 5.32
N PHE B 29 -32.05 35.43 4.67
CA PHE B 29 -31.33 34.26 5.12
C PHE B 29 -29.82 34.42 5.23
N GLY B 30 -29.08 34.47 4.11
CA GLY B 30 -27.63 34.56 4.26
C GLY B 30 -27.18 35.66 5.22
N CYS B 31 -27.99 36.73 5.26
CA CYS B 31 -27.70 37.98 5.97
C CYS B 31 -27.60 37.84 7.44
N HIS B 32 -26.71 38.66 7.99
CA HIS B 32 -26.47 38.79 9.42
C HIS B 32 -26.80 40.21 9.60
N CYS B 33 -27.22 40.62 10.78
CA CYS B 33 -27.50 42.01 10.94
C CYS B 33 -27.73 42.28 12.39
N HIS B 34 -27.34 43.46 12.83
CA HIS B 34 -27.29 43.72 14.24
C HIS B 34 -27.54 45.19 14.41
N LEU B 35 -28.43 45.56 15.31
CA LEU B 35 -28.60 46.97 15.61
C LEU B 35 -28.82 47.87 14.42
N ARG B 36 -29.81 47.52 13.61
CA ARG B 36 -30.27 48.33 12.46
C ARG B 36 -29.31 48.25 11.26
N VAL B 37 -28.27 47.42 11.34
CA VAL B 37 -27.30 47.29 10.24
C VAL B 37 -27.55 45.93 9.68
N VAL B 38 -27.93 45.89 8.39
CA VAL B 38 -28.24 44.64 7.67
C VAL B 38 -27.08 44.36 6.72
N GLN B 39 -26.42 43.25 6.96
CA GLN B 39 -25.27 42.91 6.17
C GLN B 39 -25.58 41.72 5.24
N CYS B 40 -25.75 41.96 3.95
CA CYS B 40 -26.08 40.88 3.07
C CYS B 40 -24.99 40.61 2.04
N SER B 41 -23.82 40.20 2.39
CA SER B 41 -22.87 40.27 1.30
C SER B 41 -22.35 38.97 0.73
N ASP B 42 -22.15 38.90 -0.59
CA ASP B 42 -21.52 37.69 -1.18
C ASP B 42 -22.38 36.43 -1.15
N LEU B 43 -23.69 36.61 -1.08
CA LEU B 43 -24.64 35.52 -0.94
C LEU B 43 -25.11 35.15 -2.31
N GLY B 44 -24.82 36.05 -3.23
CA GLY B 44 -25.31 35.92 -4.58
C GLY B 44 -26.82 35.82 -4.57
N LEU B 45 -27.49 36.85 -4.07
CA LEU B 45 -28.94 36.92 -4.10
C LEU B 45 -29.41 37.37 -5.48
N LYS B 46 -30.42 36.68 -6.01
CA LYS B 46 -31.02 37.00 -7.29
C LYS B 46 -31.59 38.48 -7.31
N ALA B 47 -32.16 38.96 -6.19
CA ALA B 47 -32.62 40.35 -6.06
C ALA B 47 -32.47 40.87 -4.64
N VAL B 48 -32.89 42.10 -4.39
CA VAL B 48 -32.91 42.72 -3.07
C VAL B 48 -33.90 41.95 -2.21
N PRO B 49 -33.52 41.37 -1.07
CA PRO B 49 -34.42 40.47 -0.34
C PRO B 49 -35.69 41.17 0.29
N LYS B 50 -36.82 40.45 0.37
CA LYS B 50 -38.10 41.02 0.81
C LYS B 50 -38.22 41.32 2.29
N GLU B 51 -37.54 40.52 3.12
CA GLU B 51 -37.71 40.69 4.56
C GLU B 51 -36.74 41.70 5.14
N ILE B 52 -37.04 43.00 5.05
CA ILE B 52 -36.06 43.96 5.60
C ILE B 52 -36.66 44.95 6.59
N SER B 53 -36.27 44.85 7.86
CA SER B 53 -36.83 45.73 8.89
C SER B 53 -36.73 47.21 8.53
N PRO B 54 -37.82 47.98 8.72
CA PRO B 54 -37.83 49.40 8.45
C PRO B 54 -36.87 50.19 9.36
N ASP B 55 -36.57 49.65 10.55
CA ASP B 55 -35.53 50.17 11.48
C ASP B 55 -34.13 50.29 10.89
N THR B 56 -33.90 49.50 9.82
CA THR B 56 -32.63 49.45 9.09
C THR B 56 -32.10 50.75 8.57
N THR B 57 -30.81 50.95 8.81
CA THR B 57 -30.13 52.20 8.46
C THR B 57 -28.97 52.03 7.46
N LEU B 58 -28.27 50.89 7.54
CA LEU B 58 -27.29 50.54 6.51
C LEU B 58 -27.91 49.36 5.84
N LEU B 59 -27.71 49.22 4.52
CA LEU B 59 -28.20 48.07 3.79
C LEU B 59 -27.01 47.81 2.95
N ASP B 60 -26.19 46.88 3.41
CA ASP B 60 -24.99 46.39 2.70
C ASP B 60 -25.32 45.11 1.90
N LEU B 61 -25.51 45.26 0.62
CA LEU B 61 -25.75 44.07 -0.11
C LEU B 61 -24.82 44.03 -1.37
N GLN B 62 -23.55 43.80 -1.07
CA GLN B 62 -22.55 43.88 -2.05
C GLN B 62 -22.16 42.55 -2.61
N ASN B 63 -21.90 42.53 -3.90
CA ASN B 63 -21.46 41.34 -4.62
C ASN B 63 -22.45 40.19 -4.62
N ASN B 64 -23.64 40.50 -5.12
CA ASN B 64 -24.67 39.50 -5.22
C ASN B 64 -25.00 39.42 -6.68
N ASP B 65 -26.26 39.07 -7.00
CA ASP B 65 -26.66 39.03 -8.37
C ASP B 65 -27.81 39.85 -8.79
N ILE B 66 -28.04 40.91 -8.04
CA ILE B 66 -29.11 41.83 -8.35
C ILE B 66 -29.04 42.31 -9.82
N SER B 67 -30.19 42.31 -10.52
CA SER B 67 -30.21 42.64 -11.93
C SER B 67 -31.06 43.83 -12.16
N GLU B 68 -32.00 44.05 -11.27
CA GLU B 68 -32.76 45.30 -11.36
C GLU B 68 -33.28 45.78 -10.03
N LEU B 69 -33.78 47.00 -9.99
CA LEU B 69 -34.40 47.53 -8.78
C LEU B 69 -35.87 47.83 -9.09
N ARG B 70 -36.75 47.14 -8.38
CA ARG B 70 -38.18 47.17 -8.63
C ARG B 70 -38.91 48.27 -7.79
N LYS B 71 -40.03 48.77 -8.31
CA LYS B 71 -40.77 49.86 -7.64
C LYS B 71 -40.66 49.70 -6.13
N ASP B 72 -41.16 48.57 -5.63
CA ASP B 72 -41.29 48.30 -4.18
C ASP B 72 -40.19 47.47 -3.56
N ASP B 73 -39.10 47.36 -4.28
CA ASP B 73 -37.96 46.66 -3.81
C ASP B 73 -37.56 47.18 -2.42
N PHE B 74 -37.56 48.49 -2.21
CA PHE B 74 -37.07 49.06 -0.95
C PHE B 74 -38.16 49.66 -0.12
N LYS B 75 -39.41 49.34 -0.43
CA LYS B 75 -40.55 50.04 0.22
C LYS B 75 -40.48 50.16 1.75
N GLY B 76 -40.73 51.33 2.30
CA GLY B 76 -40.72 51.47 3.73
C GLY B 76 -39.36 51.39 4.40
N LEU B 77 -38.27 51.71 3.70
CA LEU B 77 -36.99 51.85 4.40
C LEU B 77 -36.62 53.31 4.53
N GLN B 78 -37.47 54.04 5.21
CA GLN B 78 -37.34 55.47 5.30
C GLN B 78 -36.23 55.86 6.24
N HIS B 79 -35.66 54.90 6.94
CA HIS B 79 -34.56 55.29 7.76
C HIS B 79 -33.24 54.77 7.13
N LEU B 80 -33.35 54.20 5.95
CA LEU B 80 -32.15 53.83 5.25
C LEU B 80 -31.30 55.06 4.93
N TYR B 81 -30.08 55.05 5.45
CA TYR B 81 -29.11 56.15 5.34
C TYR B 81 -28.09 56.00 4.22
N ALA B 82 -27.43 54.83 4.16
CA ALA B 82 -26.48 54.51 3.10
C ALA B 82 -26.88 53.14 2.58
N LEU B 83 -26.93 52.96 1.27
CA LEU B 83 -27.25 51.69 0.69
C LEU B 83 -26.09 51.32 -0.17
N VAL B 84 -25.69 50.05 -0.13
CA VAL B 84 -24.45 49.62 -0.83
C VAL B 84 -24.72 48.51 -1.82
N LEU B 85 -24.80 48.87 -3.08
CA LEU B 85 -25.23 47.90 -4.08
C LEU B 85 -24.07 47.51 -4.97
N VAL B 86 -22.87 47.94 -4.59
CA VAL B 86 -21.64 47.67 -5.36
C VAL B 86 -21.43 46.18 -5.77
N ASN B 87 -20.74 45.96 -6.89
CA ASN B 87 -20.34 44.65 -7.38
C ASN B 87 -21.47 43.69 -7.62
N ASN B 88 -22.48 44.19 -8.32
CA ASN B 88 -23.68 43.44 -8.67
C ASN B 88 -23.91 43.68 -10.13
N LYS B 89 -24.91 43.09 -10.75
CA LYS B 89 -25.07 43.31 -12.16
C LYS B 89 -26.34 43.99 -12.48
N ILE B 90 -26.49 45.19 -11.95
CA ILE B 90 -27.72 45.92 -12.14
C ILE B 90 -27.79 46.53 -13.52
N SER B 91 -28.99 46.61 -14.08
CA SER B 91 -29.15 47.13 -15.43
C SER B 91 -30.47 47.84 -15.71
N LYS B 92 -31.44 47.65 -14.83
CA LYS B 92 -32.70 48.35 -14.96
C LYS B 92 -33.10 48.90 -13.60
N ILE B 93 -33.38 50.19 -13.47
CA ILE B 93 -33.85 50.69 -12.19
C ILE B 93 -35.19 51.40 -12.36
N HIS B 94 -36.25 50.74 -11.93
CA HIS B 94 -37.57 51.33 -11.98
C HIS B 94 -37.58 52.82 -11.52
N GLU B 95 -38.46 53.64 -12.06
CA GLU B 95 -38.56 55.04 -11.68
C GLU B 95 -38.74 55.33 -10.18
N LYS B 96 -39.83 54.81 -9.62
CA LYS B 96 -40.21 55.02 -8.20
C LYS B 96 -39.37 54.16 -7.19
N ALA B 97 -38.30 53.54 -7.70
CA ALA B 97 -37.49 52.55 -6.95
C ALA B 97 -36.87 53.07 -5.67
N PHE B 98 -36.30 54.28 -5.79
CA PHE B 98 -35.65 55.00 -4.70
C PHE B 98 -36.57 55.93 -3.91
N SER B 99 -37.77 56.16 -4.42
CA SER B 99 -38.68 57.07 -3.78
C SER B 99 -38.99 56.78 -2.30
N PRO B 100 -39.03 55.53 -1.90
CA PRO B 100 -39.18 55.19 -0.45
C PRO B 100 -38.03 55.65 0.45
N LEU B 101 -37.01 56.23 -0.14
CA LEU B 101 -35.82 56.60 0.62
C LEU B 101 -35.60 58.11 1.07
N ARG B 102 -36.59 58.66 1.79
CA ARG B 102 -36.55 60.02 2.29
C ARG B 102 -35.23 60.50 2.94
N LYS B 103 -34.49 59.64 3.67
CA LYS B 103 -33.28 60.07 4.40
C LYS B 103 -31.96 59.49 3.93
N LEU B 104 -32.03 58.69 2.88
CA LEU B 104 -30.83 58.12 2.22
C LEU B 104 -29.74 59.15 1.81
N GLN B 105 -28.59 59.11 2.46
CA GLN B 105 -27.51 60.02 2.12
C GLN B 105 -26.31 59.42 1.34
N LYS B 106 -26.14 58.09 1.35
CA LYS B 106 -25.07 57.47 0.57
C LYS B 106 -25.63 56.42 -0.34
N LEU B 107 -25.24 56.41 -1.61
CA LEU B 107 -25.66 55.32 -2.46
C LEU B 107 -24.44 54.88 -3.23
N TYR B 108 -23.93 53.67 -3.03
CA TYR B 108 -22.73 53.23 -3.77
C TYR B 108 -23.22 52.11 -4.66
N ILE B 109 -23.29 52.36 -5.95
CA ILE B 109 -23.66 51.30 -6.90
C ILE B 109 -22.59 51.16 -7.99
N SER B 110 -21.33 51.10 -7.60
CA SER B 110 -20.27 51.01 -8.57
C SER B 110 -20.20 49.60 -9.05
N LYS B 111 -19.42 49.35 -10.09
CA LYS B 111 -19.24 48.01 -10.59
C LYS B 111 -20.55 47.35 -10.86
N ASN B 112 -21.33 47.95 -11.73
CA ASN B 112 -22.60 47.39 -12.17
C ASN B 112 -22.82 47.59 -13.65
N HIS B 113 -23.88 46.98 -14.22
CA HIS B 113 -24.19 47.19 -15.65
C HIS B 113 -25.10 48.42 -15.92
N LEU B 114 -25.14 49.36 -14.99
CA LEU B 114 -25.92 50.56 -15.22
C LEU B 114 -25.68 51.21 -16.60
N VAL B 115 -26.74 51.74 -17.24
CA VAL B 115 -26.60 52.32 -18.58
C VAL B 115 -27.04 53.79 -18.66
N GLU B 116 -27.26 54.41 -17.51
CA GLU B 116 -27.73 55.79 -17.49
C GLU B 116 -27.72 56.15 -16.00
N ILE B 117 -27.39 57.40 -15.66
CA ILE B 117 -27.47 57.89 -14.28
C ILE B 117 -28.89 57.74 -13.81
N PRO B 118 -29.09 57.03 -12.70
CA PRO B 118 -30.44 56.74 -12.21
C PRO B 118 -31.14 58.07 -11.90
N PRO B 119 -32.47 58.16 -12.09
CA PRO B 119 -33.16 59.44 -11.85
C PRO B 119 -33.99 59.27 -10.56
N ASN B 120 -34.40 60.42 -10.00
CA ASN B 120 -35.20 60.50 -8.76
C ASN B 120 -34.50 59.96 -7.55
N LEU B 121 -33.19 60.22 -7.50
CA LEU B 121 -32.39 59.79 -6.37
C LEU B 121 -32.86 60.72 -5.28
N PRO B 122 -32.87 60.24 -4.05
CA PRO B 122 -33.28 61.01 -2.88
C PRO B 122 -32.61 62.37 -2.70
N SER B 123 -33.38 63.41 -2.39
CA SER B 123 -32.82 64.75 -2.20
C SER B 123 -31.88 64.85 -1.03
N SER B 124 -32.01 63.91 -0.12
CA SER B 124 -31.16 63.82 1.06
C SER B 124 -29.70 63.48 0.74
N LEU B 125 -29.52 62.71 -0.35
CA LEU B 125 -28.22 62.18 -0.83
C LEU B 125 -27.11 63.19 -0.82
N VAL B 126 -25.97 62.73 -0.29
CA VAL B 126 -24.75 63.52 -0.24
C VAL B 126 -23.58 62.89 -1.03
N GLU B 127 -23.52 61.56 -1.07
CA GLU B 127 -22.42 60.90 -1.72
C GLU B 127 -23.00 59.92 -2.73
N LEU B 128 -22.50 59.89 -3.97
CA LEU B 128 -22.95 58.89 -4.97
C LEU B 128 -21.81 58.22 -5.72
N ARG B 129 -21.53 56.98 -5.40
CA ARG B 129 -20.49 56.27 -6.13
C ARG B 129 -21.09 55.43 -7.30
N ILE B 130 -20.76 55.82 -8.52
CA ILE B 130 -21.31 55.08 -9.61
C ILE B 130 -20.22 54.70 -10.64
N HIS B 131 -19.12 54.13 -10.15
CA HIS B 131 -17.91 53.76 -10.91
C HIS B 131 -18.07 52.46 -11.68
N ASP B 132 -17.12 52.17 -12.57
CA ASP B 132 -17.14 50.93 -13.38
C ASP B 132 -18.42 50.62 -14.02
N ASN B 133 -19.14 51.58 -14.57
CA ASN B 133 -20.43 51.24 -15.19
C ASN B 133 -20.40 51.38 -16.72
N ARG B 134 -21.56 51.42 -17.32
CA ARG B 134 -21.62 51.47 -18.79
C ARG B 134 -22.37 52.69 -19.32
N ILE B 135 -22.49 53.76 -18.51
CA ILE B 135 -23.22 54.98 -18.85
C ILE B 135 -22.55 55.73 -19.95
N ARG B 136 -23.19 55.82 -21.09
CA ARG B 136 -22.52 56.47 -22.20
C ARG B 136 -22.74 57.95 -22.31
N LYS B 137 -23.87 58.43 -21.81
CA LYS B 137 -24.15 59.84 -21.80
C LYS B 137 -24.84 60.27 -20.54
N VAL B 138 -24.54 61.49 -20.13
CA VAL B 138 -25.31 62.10 -19.07
C VAL B 138 -26.08 63.31 -19.62
N PRO B 139 -27.40 63.24 -19.56
CA PRO B 139 -28.29 64.24 -20.10
C PRO B 139 -28.36 65.45 -19.18
N LYS B 140 -29.40 66.27 -19.30
CA LYS B 140 -29.41 67.52 -18.55
C LYS B 140 -29.97 67.47 -17.11
N GLY B 141 -31.29 67.35 -16.98
CA GLY B 141 -31.94 67.48 -15.66
C GLY B 141 -31.73 66.34 -14.68
N VAL B 142 -30.66 65.56 -14.87
CA VAL B 142 -30.40 64.34 -14.11
C VAL B 142 -30.20 64.60 -12.59
N PHE B 143 -29.40 65.61 -12.30
CA PHE B 143 -29.10 65.97 -10.93
C PHE B 143 -29.89 67.20 -10.52
N SER B 144 -30.74 67.68 -11.41
CA SER B 144 -31.53 68.85 -11.09
C SER B 144 -32.04 68.81 -9.64
N GLY B 145 -32.66 67.70 -9.24
CA GLY B 145 -33.16 67.52 -7.88
C GLY B 145 -32.20 67.80 -6.71
N LEU B 146 -31.21 66.92 -6.53
CA LEU B 146 -30.28 67.01 -5.38
C LEU B 146 -29.79 68.42 -5.07
N ARG B 147 -29.61 68.71 -3.77
CA ARG B 147 -29.13 69.99 -3.28
C ARG B 147 -28.21 69.72 -2.13
N ASN B 148 -27.80 68.48 -2.00
CA ASN B 148 -26.90 68.09 -0.92
C ASN B 148 -25.76 67.22 -1.43
N MET B 149 -25.63 67.03 -2.75
CA MET B 149 -24.48 66.30 -3.30
C MET B 149 -23.17 67.00 -2.94
N ASN B 150 -22.06 66.34 -3.20
CA ASN B 150 -20.75 66.92 -2.92
C ASN B 150 -19.73 65.85 -3.19
N CYS B 151 -20.22 64.70 -3.61
CA CYS B 151 -19.30 63.63 -3.84
C CYS B 151 -19.87 62.80 -4.98
N ILE B 152 -19.21 62.83 -6.12
CA ILE B 152 -19.67 62.07 -7.25
C ILE B 152 -18.52 61.31 -7.97
N GLU B 153 -18.59 59.99 -7.88
CA GLU B 153 -17.65 59.11 -8.54
C GLU B 153 -18.21 58.65 -9.90
N MET B 154 -17.69 59.10 -11.01
CA MET B 154 -18.28 58.57 -12.21
C MET B 154 -17.29 57.97 -13.07
N GLY B 155 -16.17 57.53 -12.52
CA GLY B 155 -15.12 56.99 -13.36
C GLY B 155 -15.41 55.58 -13.82
N GLY B 156 -14.59 55.04 -14.72
CA GLY B 156 -14.76 53.66 -15.13
C GLY B 156 -16.04 53.55 -15.93
N ASN B 157 -16.40 54.68 -16.50
CA ASN B 157 -17.49 54.66 -17.45
C ASN B 157 -16.93 54.98 -18.82
N PRO B 158 -17.68 54.67 -19.88
CA PRO B 158 -17.27 54.99 -21.21
C PRO B 158 -18.02 56.20 -21.70
N LEU B 159 -17.55 57.40 -21.37
CA LEU B 159 -18.18 58.58 -21.92
C LEU B 159 -17.17 59.56 -22.51
N GLU B 160 -17.46 60.00 -23.74
CA GLU B 160 -16.57 60.91 -24.44
C GLU B 160 -17.05 62.27 -24.04
N ASN B 161 -16.34 63.30 -24.44
CA ASN B 161 -16.83 64.60 -24.14
C ASN B 161 -18.18 64.88 -24.77
N SER B 162 -18.37 64.35 -25.96
CA SER B 162 -19.62 64.49 -26.68
C SER B 162 -20.75 63.89 -25.88
N GLY B 163 -20.45 62.95 -25.01
CA GLY B 163 -21.50 62.34 -24.17
C GLY B 163 -22.16 63.26 -23.14
N PHE B 164 -21.39 64.19 -22.58
CA PHE B 164 -21.98 65.17 -21.69
C PHE B 164 -22.90 66.07 -22.51
N GLU B 165 -23.64 66.90 -21.79
CA GLU B 165 -24.68 67.65 -22.44
C GLU B 165 -24.78 68.96 -21.67
N PRO B 166 -24.92 70.07 -22.41
CA PRO B 166 -25.07 71.39 -21.88
C PRO B 166 -26.00 71.44 -20.67
N GLY B 167 -25.46 71.79 -19.51
CA GLY B 167 -26.24 71.85 -18.29
C GLY B 167 -26.55 70.49 -17.67
N ALA B 168 -25.61 69.55 -17.75
CA ALA B 168 -25.82 68.23 -17.15
C ALA B 168 -25.73 68.35 -15.63
N PHE B 169 -24.73 69.09 -15.15
CA PHE B 169 -24.53 69.29 -13.71
C PHE B 169 -25.26 70.53 -13.26
N ASP B 170 -26.18 70.96 -14.09
CA ASP B 170 -26.95 72.14 -13.82
C ASP B 170 -27.56 72.21 -12.42
N GLY B 171 -27.31 73.35 -11.77
CA GLY B 171 -27.73 73.61 -10.38
C GLY B 171 -27.34 72.46 -9.45
N LEU B 172 -26.09 72.45 -9.03
CA LEU B 172 -25.59 71.33 -8.25
C LEU B 172 -24.37 71.75 -7.45
N LYS B 173 -24.57 72.66 -6.54
CA LYS B 173 -23.49 73.03 -5.69
C LYS B 173 -22.87 71.75 -5.09
N LEU B 174 -21.72 71.33 -5.60
CA LEU B 174 -21.02 70.19 -5.01
C LEU B 174 -19.53 70.40 -4.93
N ASN B 175 -18.86 69.65 -4.08
CA ASN B 175 -17.48 69.99 -3.91
C ASN B 175 -16.44 69.00 -4.41
N TYR B 176 -16.84 67.78 -4.68
CA TYR B 176 -15.85 66.79 -5.16
C TYR B 176 -16.31 66.31 -6.49
N LEU B 177 -15.48 65.76 -7.34
CA LEU B 177 -16.08 65.24 -8.55
C LEU B 177 -14.99 64.55 -9.28
N ARG B 178 -15.17 63.26 -9.53
CA ARG B 178 -14.11 62.49 -10.15
C ARG B 178 -14.58 61.76 -11.33
N ILE B 179 -14.23 62.24 -12.51
CA ILE B 179 -14.51 61.51 -13.69
C ILE B 179 -13.25 60.82 -14.23
N SER B 180 -12.68 59.89 -13.47
CA SER B 180 -11.47 59.23 -13.97
C SER B 180 -11.73 58.24 -15.07
N GLU B 181 -10.69 57.65 -15.61
CA GLU B 181 -10.83 56.48 -16.41
C GLU B 181 -12.05 56.47 -17.30
N ALA B 182 -12.29 57.56 -18.01
CA ALA B 182 -13.34 57.54 -19.00
C ALA B 182 -12.74 57.71 -20.35
N LYS B 183 -13.46 58.44 -21.17
CA LYS B 183 -13.05 58.63 -22.53
C LYS B 183 -12.87 60.12 -22.82
N LEU B 184 -12.60 60.89 -21.76
CA LEU B 184 -12.43 62.32 -21.95
C LEU B 184 -11.26 62.60 -22.86
N THR B 185 -11.55 63.39 -23.89
CA THR B 185 -10.54 63.90 -24.81
C THR B 185 -10.09 65.34 -24.46
N GLY B 186 -10.90 66.07 -23.68
CA GLY B 186 -10.52 67.38 -23.18
C GLY B 186 -11.24 67.62 -21.87
N ILE B 187 -10.81 68.64 -21.15
CA ILE B 187 -11.39 69.06 -19.86
C ILE B 187 -12.76 69.66 -20.08
N PRO B 188 -13.78 69.12 -19.42
CA PRO B 188 -15.15 69.60 -19.57
C PRO B 188 -15.29 70.94 -18.93
N LYS B 189 -16.14 71.76 -19.49
CA LYS B 189 -16.22 73.16 -19.05
C LYS B 189 -17.47 73.54 -18.22
N ASP B 190 -18.57 72.81 -18.37
CA ASP B 190 -19.80 73.10 -17.59
C ASP B 190 -19.97 72.06 -16.47
N LEU B 191 -19.05 72.15 -15.51
CA LEU B 191 -19.04 71.40 -14.28
C LEU B 191 -19.47 72.41 -13.23
N PRO B 192 -19.60 71.96 -12.00
CA PRO B 192 -20.01 72.81 -10.87
C PRO B 192 -18.94 73.80 -10.43
N GLU B 193 -19.30 75.08 -10.28
CA GLU B 193 -18.29 76.11 -10.00
C GLU B 193 -17.80 76.02 -8.61
N THR B 194 -18.70 75.49 -7.78
CA THR B 194 -18.45 75.35 -6.36
C THR B 194 -17.44 74.29 -6.11
N LEU B 195 -16.99 73.64 -7.19
CA LEU B 195 -15.96 72.56 -7.20
C LEU B 195 -14.67 72.91 -6.43
N ASN B 196 -14.29 71.99 -5.54
CA ASN B 196 -13.12 72.11 -4.73
C ASN B 196 -12.07 71.17 -5.22
N GLU B 197 -12.45 69.91 -5.50
CA GLU B 197 -11.52 68.92 -6.02
C GLU B 197 -12.10 68.49 -7.30
N LEU B 198 -11.28 68.07 -8.24
CA LEU B 198 -11.76 67.65 -9.55
C LEU B 198 -10.68 66.79 -10.13
N HIS B 199 -11.03 65.50 -10.36
CA HIS B 199 -10.08 64.47 -10.89
C HIS B 199 -10.39 64.01 -12.30
N LEU B 200 -9.43 63.98 -13.17
CA LEU B 200 -9.78 63.54 -14.50
C LEU B 200 -8.68 62.59 -14.96
N ASP B 201 -7.95 62.10 -13.96
CA ASP B 201 -6.84 61.18 -14.21
C ASP B 201 -7.28 59.97 -15.01
N HIS B 202 -6.35 59.39 -15.76
CA HIS B 202 -6.62 58.31 -16.69
C HIS B 202 -7.69 58.60 -17.70
N ASN B 203 -7.40 59.52 -18.58
CA ASN B 203 -8.28 59.80 -19.66
C ASN B 203 -7.50 59.87 -20.96
N LYS B 204 -8.04 60.53 -21.97
CA LYS B 204 -7.21 60.71 -23.15
C LYS B 204 -7.13 62.19 -23.44
N ILE B 205 -7.18 63.00 -22.37
CA ILE B 205 -7.21 64.48 -22.52
C ILE B 205 -5.97 64.95 -23.26
N GLN B 206 -6.18 65.81 -24.28
CA GLN B 206 -5.15 66.25 -25.26
C GLN B 206 -4.31 67.45 -24.85
N ALA B 207 -4.93 68.40 -24.19
CA ALA B 207 -4.16 69.55 -23.81
C ALA B 207 -5.08 70.49 -23.06
N ILE B 208 -4.57 71.13 -22.04
CA ILE B 208 -5.40 72.04 -21.31
C ILE B 208 -5.20 73.45 -21.77
N GLU B 209 -6.20 73.96 -22.47
CA GLU B 209 -6.10 75.29 -23.08
C GLU B 209 -6.56 76.40 -22.14
N LEU B 210 -6.74 77.56 -22.74
CA LEU B 210 -6.93 78.77 -21.98
C LEU B 210 -8.10 78.70 -21.08
N GLU B 211 -9.27 78.56 -21.66
CA GLU B 211 -10.47 78.67 -20.88
C GLU B 211 -10.95 77.39 -20.28
N ASP B 212 -10.18 76.33 -20.42
CA ASP B 212 -10.55 75.04 -19.81
C ASP B 212 -10.91 75.08 -18.30
N LEU B 213 -9.96 75.53 -17.48
CA LEU B 213 -10.23 75.60 -16.06
C LEU B 213 -10.89 76.93 -15.67
N LEU B 214 -11.42 77.68 -16.64
CA LEU B 214 -11.95 79.05 -16.34
C LEU B 214 -12.77 79.22 -15.08
N ARG B 215 -13.95 78.63 -15.08
CA ARG B 215 -14.87 78.83 -13.99
C ARG B 215 -14.65 77.98 -12.72
N TYR B 216 -13.60 77.16 -12.67
CA TYR B 216 -13.38 76.28 -11.51
C TYR B 216 -12.56 76.99 -10.48
N SER B 217 -12.78 78.29 -10.40
CA SER B 217 -12.02 79.23 -9.56
C SER B 217 -11.84 78.94 -8.03
N LYS B 218 -12.31 77.77 -7.58
CA LYS B 218 -12.20 77.41 -6.17
C LYS B 218 -11.55 76.01 -5.87
N LEU B 219 -10.63 75.53 -6.73
CA LEU B 219 -10.01 74.22 -6.57
C LEU B 219 -8.79 74.20 -5.66
N TYR B 220 -8.62 73.10 -4.95
CA TYR B 220 -7.45 72.88 -4.11
C TYR B 220 -6.61 71.84 -4.78
N ARG B 221 -7.29 70.83 -5.30
CA ARG B 221 -6.60 69.83 -6.10
C ARG B 221 -7.12 69.85 -7.50
N LEU B 222 -6.35 69.25 -8.39
CA LEU B 222 -6.75 69.09 -9.78
C LEU B 222 -5.93 67.97 -10.36
N GLY B 223 -6.46 66.76 -10.41
CA GLY B 223 -5.60 65.67 -10.83
C GLY B 223 -5.70 65.67 -12.31
N LEU B 224 -4.58 65.56 -13.02
CA LEU B 224 -4.70 65.24 -14.45
C LEU B 224 -3.70 64.17 -14.82
N GLY B 225 -3.18 63.49 -13.81
CA GLY B 225 -2.28 62.38 -14.05
C GLY B 225 -2.78 61.42 -15.15
N HIS B 226 -1.88 60.64 -15.72
CA HIS B 226 -2.21 59.60 -16.70
C HIS B 226 -3.16 60.08 -17.75
N ASN B 227 -2.62 60.93 -18.59
CA ASN B 227 -3.36 61.50 -19.72
C ASN B 227 -2.45 61.66 -20.94
N GLN B 228 -2.88 62.47 -21.88
CA GLN B 228 -2.07 62.73 -23.03
C GLN B 228 -1.93 64.20 -23.32
N ILE B 229 -1.76 65.00 -22.26
CA ILE B 229 -1.55 66.44 -22.35
C ILE B 229 -0.18 66.73 -22.92
N ARG B 230 -0.18 67.34 -24.07
CA ARG B 230 1.00 67.54 -24.83
C ARG B 230 1.38 68.95 -24.51
N MET B 231 0.40 69.84 -24.49
CA MET B 231 0.71 71.26 -24.33
C MET B 231 -0.27 72.07 -23.46
N ILE B 232 0.09 72.34 -22.21
CA ILE B 232 -0.76 73.16 -21.36
C ILE B 232 -0.49 74.60 -21.66
N GLU B 233 -1.53 75.32 -22.05
CA GLU B 233 -1.45 76.72 -22.48
C GLU B 233 -1.41 77.74 -21.34
N ASN B 234 -0.48 78.68 -21.42
CA ASN B 234 -0.23 79.61 -20.34
C ASN B 234 -1.38 80.51 -20.07
N GLY B 235 -1.39 80.94 -18.82
CA GLY B 235 -2.46 81.72 -18.25
C GLY B 235 -3.59 80.83 -17.74
N SER B 236 -3.80 79.69 -18.42
CA SER B 236 -4.91 78.77 -18.12
C SER B 236 -4.87 78.34 -16.65
N LEU B 237 -3.65 78.12 -16.14
CA LEU B 237 -3.54 77.74 -14.76
C LEU B 237 -3.57 78.95 -13.91
N SER B 238 -4.05 80.07 -14.42
CA SER B 238 -4.08 81.32 -13.64
C SER B 238 -5.41 81.46 -12.93
N PHE B 239 -6.44 80.78 -13.42
CA PHE B 239 -7.79 80.95 -12.87
C PHE B 239 -8.03 80.25 -11.55
N LEU B 240 -7.02 79.47 -11.13
CA LEU B 240 -7.05 78.69 -9.91
C LEU B 240 -6.24 79.35 -8.83
N PRO B 241 -6.59 80.58 -8.47
CA PRO B 241 -5.93 81.29 -7.40
C PRO B 241 -5.47 80.43 -6.22
N THR B 242 -6.37 79.58 -5.69
CA THR B 242 -6.05 78.75 -4.51
C THR B 242 -5.45 77.34 -4.73
N LEU B 243 -5.31 76.90 -5.97
CA LEU B 243 -4.75 75.58 -6.22
C LEU B 243 -3.56 75.29 -5.28
N ARG B 244 -3.64 74.16 -4.56
CA ARG B 244 -2.65 73.75 -3.60
C ARG B 244 -2.02 72.49 -4.13
N GLU B 245 -2.75 71.59 -4.75
CA GLU B 245 -2.02 70.41 -5.27
C GLU B 245 -2.37 70.17 -6.72
N LEU B 246 -1.36 69.84 -7.53
CA LEU B 246 -1.54 69.67 -8.95
C LEU B 246 -0.78 68.48 -9.40
N HIS B 247 -1.40 67.32 -9.54
CA HIS B 247 -0.65 66.25 -10.15
C HIS B 247 -0.84 66.47 -11.62
N LEU B 248 0.25 66.34 -12.35
CA LEU B 248 0.17 66.56 -13.77
C LEU B 248 1.17 65.63 -14.47
N ASP B 249 1.46 64.54 -13.77
CA ASP B 249 2.37 63.48 -14.18
C ASP B 249 1.75 62.56 -15.22
N ASN B 250 2.59 61.74 -15.82
CA ASN B 250 2.21 60.76 -16.82
C ASN B 250 1.54 61.28 -18.06
N ASN B 251 2.16 62.30 -18.65
CA ASN B 251 1.69 62.91 -19.88
C ASN B 251 2.76 63.07 -20.93
N LYS B 252 2.42 63.84 -21.95
CA LYS B 252 3.28 64.13 -23.07
C LYS B 252 3.85 65.59 -22.93
N LEU B 253 3.89 66.09 -21.70
CA LEU B 253 4.36 67.45 -21.52
C LEU B 253 5.76 67.52 -22.10
N SER B 254 6.21 68.70 -22.53
CA SER B 254 7.58 68.84 -22.95
C SER B 254 8.31 69.96 -22.16
N ARG B 255 7.59 70.84 -21.48
CA ARG B 255 8.25 71.84 -20.64
C ARG B 255 7.33 72.15 -19.41
N VAL B 256 7.91 72.57 -18.27
CA VAL B 256 7.11 72.81 -17.08
C VAL B 256 5.99 73.78 -17.45
N PRO B 257 4.76 73.45 -17.10
CA PRO B 257 3.60 74.23 -17.50
C PRO B 257 3.72 75.68 -17.06
N ALA B 258 3.43 76.60 -17.97
CA ALA B 258 3.62 78.00 -17.67
C ALA B 258 2.64 78.51 -16.63
N GLY B 259 3.17 79.19 -15.61
CA GLY B 259 2.30 79.83 -14.62
C GLY B 259 2.55 79.45 -13.17
N LEU B 260 3.23 78.30 -12.98
CA LEU B 260 3.54 77.74 -11.66
C LEU B 260 3.88 78.76 -10.60
N PRO B 261 4.92 79.58 -10.81
CA PRO B 261 5.33 80.61 -9.83
C PRO B 261 4.21 81.62 -9.40
N ASP B 262 3.25 81.90 -10.30
CA ASP B 262 2.14 82.83 -10.03
C ASP B 262 1.04 82.30 -9.14
N LEU B 263 1.01 80.97 -8.94
CA LEU B 263 0.03 80.31 -8.06
C LEU B 263 0.52 80.39 -6.61
N LYS B 264 0.01 81.41 -5.92
CA LYS B 264 0.47 81.77 -4.60
C LYS B 264 0.40 80.60 -3.61
N LEU B 265 -0.44 79.61 -3.88
CA LEU B 265 -0.55 78.53 -2.92
C LEU B 265 -0.19 77.09 -3.36
N LEU B 266 0.30 76.95 -4.57
CA LEU B 266 0.76 75.66 -5.05
C LEU B 266 1.82 75.12 -4.10
N GLN B 267 1.52 74.05 -3.39
CA GLN B 267 2.49 73.54 -2.46
C GLN B 267 3.12 72.30 -3.00
N VAL B 268 2.35 71.52 -3.79
CA VAL B 268 2.90 70.29 -4.46
C VAL B 268 2.50 70.12 -5.97
N VAL B 269 3.45 70.33 -6.90
CA VAL B 269 3.24 70.00 -8.31
C VAL B 269 3.98 68.71 -8.60
N TYR B 270 3.33 67.81 -9.34
CA TYR B 270 3.90 66.54 -9.73
C TYR B 270 4.12 66.62 -11.21
N LEU B 271 5.35 66.40 -11.65
CA LEU B 271 5.66 66.42 -13.07
C LEU B 271 6.26 65.13 -13.66
N HIS B 272 6.64 64.16 -12.84
CA HIS B 272 7.26 62.93 -13.33
C HIS B 272 6.61 62.19 -14.52
N THR B 273 7.42 61.30 -15.12
CA THR B 273 7.13 60.49 -16.31
C THR B 273 6.62 61.28 -17.53
N ASN B 274 6.87 62.58 -17.59
CA ASN B 274 6.53 63.36 -18.76
C ASN B 274 7.57 63.27 -19.83
N ASN B 275 7.69 64.34 -20.60
CA ASN B 275 8.69 64.39 -21.64
C ASN B 275 9.40 65.76 -21.56
N ILE B 276 9.44 66.29 -20.34
CA ILE B 276 10.08 67.56 -20.06
C ILE B 276 11.56 67.41 -20.25
N THR B 277 12.08 68.30 -21.07
CA THR B 277 13.42 68.25 -21.56
C THR B 277 14.31 69.33 -20.88
N LYS B 278 13.88 70.58 -20.88
CA LYS B 278 14.63 71.69 -20.30
C LYS B 278 13.83 72.26 -19.13
N VAL B 279 14.54 72.64 -18.08
CA VAL B 279 13.86 73.21 -16.91
C VAL B 279 14.35 74.65 -16.65
N GLY B 280 13.67 75.68 -17.14
CA GLY B 280 14.05 77.07 -16.80
C GLY B 280 14.24 77.35 -15.29
N VAL B 281 15.16 78.25 -14.93
CA VAL B 281 15.45 78.58 -13.49
C VAL B 281 14.26 79.16 -12.73
N ASN B 282 13.37 79.86 -13.43
CA ASN B 282 12.22 80.50 -12.81
C ASN B 282 10.97 79.83 -13.26
N ASP B 283 11.04 78.52 -13.33
CA ASP B 283 9.90 77.74 -13.72
C ASP B 283 9.13 77.47 -12.44
N PHE B 284 9.79 77.45 -11.29
CA PHE B 284 9.07 77.11 -10.05
C PHE B 284 8.94 78.35 -9.13
N CYS B 285 10.07 78.99 -8.83
CA CYS B 285 10.00 80.11 -7.95
C CYS B 285 9.66 81.34 -8.71
N PRO B 286 9.16 82.36 -8.04
CA PRO B 286 8.79 83.57 -8.73
C PRO B 286 10.08 84.40 -8.85
N VAL B 287 10.10 85.42 -9.71
CA VAL B 287 11.32 86.19 -9.97
C VAL B 287 11.71 87.05 -8.79
N GLY B 288 10.75 87.78 -8.24
CA GLY B 288 11.00 88.61 -7.04
C GLY B 288 10.43 88.05 -5.72
N PHE B 289 11.04 86.97 -5.18
CA PHE B 289 10.67 86.25 -3.92
C PHE B 289 10.32 87.19 -2.71
N GLY B 290 9.01 87.20 -2.33
CA GLY B 290 8.45 88.03 -1.22
C GLY B 290 8.70 87.61 0.26
N VAL B 291 7.62 87.60 1.05
CA VAL B 291 7.66 87.16 2.49
C VAL B 291 6.32 86.38 2.71
N LYS B 292 5.26 86.94 2.10
CA LYS B 292 3.89 86.41 2.18
C LYS B 292 3.68 85.07 1.45
N ARG B 293 4.57 84.78 0.49
CA ARG B 293 4.50 83.59 -0.39
C ARG B 293 4.52 82.15 0.26
N ALA B 294 4.73 81.14 -0.61
CA ALA B 294 4.61 79.65 -0.35
C ALA B 294 5.86 78.83 -0.69
N TYR B 295 6.17 77.84 0.12
CA TYR B 295 7.24 76.99 -0.33
C TYR B 295 6.66 75.71 -0.91
N TYR B 296 7.27 75.19 -1.97
CA TYR B 296 6.82 73.94 -2.48
C TYR B 296 7.18 72.95 -1.44
N ASN B 297 6.21 72.09 -1.26
CA ASN B 297 6.27 71.05 -0.32
C ASN B 297 6.51 69.72 -1.01
N GLY B 298 6.70 69.74 -2.33
CA GLY B 298 7.06 68.54 -3.08
C GLY B 298 6.99 68.71 -4.59
N ILE B 299 8.08 68.34 -5.28
CA ILE B 299 8.11 68.45 -6.74
C ILE B 299 8.67 67.17 -7.23
N SER B 300 8.00 66.57 -8.22
CA SER B 300 8.47 65.33 -8.87
C SER B 300 8.97 65.70 -10.24
N LEU B 301 9.96 65.01 -10.72
CA LEU B 301 10.46 65.34 -12.01
C LEU B 301 11.09 64.08 -12.61
N PHE B 302 11.42 63.14 -11.74
CA PHE B 302 12.06 61.90 -12.12
C PHE B 302 11.32 61.32 -13.31
N ASN B 303 11.98 60.40 -14.02
CA ASN B 303 11.52 59.81 -15.29
C ASN B 303 11.16 60.76 -16.41
N ASN B 304 12.07 61.69 -16.69
CA ASN B 304 11.92 62.73 -17.70
C ASN B 304 13.28 62.99 -18.29
N PRO B 305 13.33 63.27 -19.58
CA PRO B 305 14.61 63.47 -20.28
C PRO B 305 15.20 64.78 -19.85
N VAL B 306 15.93 64.79 -18.76
CA VAL B 306 16.59 65.99 -18.27
C VAL B 306 17.28 65.59 -16.98
N PRO B 307 18.59 65.55 -17.01
CA PRO B 307 19.34 65.04 -15.85
C PRO B 307 19.38 66.10 -14.74
N TYR B 308 19.43 65.66 -13.49
CA TYR B 308 19.64 66.56 -12.36
C TYR B 308 20.70 67.64 -12.66
N TRP B 309 21.74 67.33 -13.48
CA TRP B 309 22.88 68.26 -13.77
C TRP B 309 22.66 69.34 -14.86
N GLU B 310 21.47 69.35 -15.43
CA GLU B 310 21.18 70.29 -16.48
C GLU B 310 20.35 71.39 -15.90
N VAL B 311 19.89 71.17 -14.68
CA VAL B 311 18.99 72.12 -14.05
C VAL B 311 19.63 72.79 -12.85
N GLN B 312 19.92 74.07 -13.05
CA GLN B 312 20.62 74.92 -12.10
C GLN B 312 20.08 74.92 -10.68
N PRO B 313 20.94 74.95 -9.66
CA PRO B 313 20.50 74.95 -8.24
C PRO B 313 19.53 76.09 -7.90
N ALA B 314 19.90 77.31 -8.27
CA ALA B 314 19.03 78.46 -8.24
C ALA B 314 17.56 78.23 -8.64
N THR B 315 17.33 77.16 -9.43
CA THR B 315 15.98 76.70 -9.89
C THR B 315 14.95 76.35 -8.74
N PHE B 316 15.41 75.59 -7.75
CA PHE B 316 14.60 75.19 -6.58
C PHE B 316 14.93 76.00 -5.31
N ARG B 317 15.11 77.31 -5.47
CA ARG B 317 15.42 78.18 -4.32
C ARG B 317 14.30 78.18 -3.29
N CYS B 318 13.07 78.31 -3.74
CA CYS B 318 11.99 78.40 -2.81
C CYS B 318 11.48 77.05 -2.27
N VAL B 319 11.91 75.94 -2.83
CA VAL B 319 11.46 74.69 -2.22
C VAL B 319 12.04 74.64 -0.81
N THR B 320 11.50 73.78 0.04
CA THR B 320 11.99 73.73 1.41
C THR B 320 13.18 72.77 1.64
N ASP B 321 12.92 71.51 1.98
CA ASP B 321 14.01 70.52 2.11
C ASP B 321 14.57 70.18 0.73
N ARG B 322 15.43 69.19 0.63
CA ARG B 322 15.95 68.73 -0.67
C ARG B 322 15.01 67.63 -0.93
N LEU B 323 14.66 66.96 0.16
CA LEU B 323 13.80 65.79 0.11
C LEU B 323 12.40 66.11 -0.44
N ALA B 324 12.05 67.36 -0.65
CA ALA B 324 10.77 67.68 -1.29
C ALA B 324 10.93 67.62 -2.84
N ILE B 325 12.12 67.22 -3.29
CA ILE B 325 12.41 67.20 -4.71
C ILE B 325 12.73 65.81 -5.25
N GLN B 326 11.70 65.00 -5.45
CA GLN B 326 11.89 63.74 -6.12
C GLN B 326 12.51 64.07 -7.46
N PHE B 327 13.76 63.69 -7.60
CA PHE B 327 14.55 64.10 -8.75
C PHE B 327 15.97 63.53 -8.58
N ALA C 25 11.76 -37.77 -16.08
CA ALA C 25 12.17 -36.62 -16.99
C ALA C 25 11.25 -36.30 -18.25
N MET C 26 10.62 -35.11 -18.30
CA MET C 26 9.93 -34.75 -19.53
C MET C 26 11.02 -34.70 -20.62
N CYS C 27 10.64 -34.59 -21.89
CA CYS C 27 11.62 -34.78 -22.98
C CYS C 27 12.47 -33.65 -23.55
N PRO C 28 13.48 -34.05 -24.34
CA PRO C 28 14.38 -33.17 -25.10
C PRO C 28 13.70 -32.08 -25.98
N PHE C 29 14.41 -30.98 -26.22
CA PHE C 29 13.75 -29.80 -26.73
C PHE C 29 12.92 -29.94 -28.00
N GLY C 30 13.56 -30.21 -29.12
CA GLY C 30 12.78 -30.34 -30.36
C GLY C 30 11.71 -31.43 -30.28
N CYS C 31 12.03 -32.44 -29.48
CA CYS C 31 11.23 -33.64 -29.30
C CYS C 31 9.84 -33.34 -28.86
N HIS C 32 8.95 -34.20 -29.35
CA HIS C 32 7.54 -34.24 -29.05
C HIS C 32 7.38 -35.61 -28.56
N CYS C 33 6.57 -35.79 -27.54
CA CYS C 33 6.41 -37.13 -27.01
C CYS C 33 5.17 -37.33 -26.15
N HIS C 34 4.58 -38.50 -26.28
CA HIS C 34 3.28 -38.73 -25.74
C HIS C 34 3.14 -40.19 -25.36
N LEU C 35 2.73 -40.41 -24.12
CA LEU C 35 2.44 -41.77 -23.71
C LEU C 35 3.57 -42.76 -23.96
N ARG C 36 4.72 -42.44 -23.39
CA ARG C 36 5.88 -43.31 -23.38
C ARG C 36 6.54 -43.40 -24.73
N VAL C 37 6.13 -42.54 -25.65
CA VAL C 37 6.76 -42.53 -26.97
C VAL C 37 7.47 -41.25 -27.11
N VAL C 38 8.75 -41.30 -27.44
CA VAL C 38 9.56 -40.12 -27.60
C VAL C 38 9.97 -39.96 -29.04
N GLN C 39 9.51 -38.89 -29.66
CA GLN C 39 9.80 -38.67 -31.05
C GLN C 39 10.83 -37.54 -31.32
N CYS C 40 12.05 -37.86 -31.69
CA CYS C 40 13.11 -36.85 -31.87
C CYS C 40 13.69 -36.84 -33.24
N SER C 41 12.90 -36.55 -34.25
CA SER C 41 13.44 -36.75 -35.58
C SER C 41 13.72 -35.54 -36.39
N ASP C 42 14.84 -35.49 -37.09
CA ASP C 42 15.09 -34.33 -37.98
C ASP C 42 15.55 -33.00 -37.31
N LEU C 43 15.89 -33.12 -36.03
CA LEU C 43 16.37 -32.01 -35.27
C LEU C 43 17.84 -31.83 -35.55
N GLY C 44 18.48 -32.86 -36.04
CA GLY C 44 19.91 -32.77 -36.19
C GLY C 44 20.61 -32.58 -34.85
N LEU C 45 20.37 -33.46 -33.88
CA LEU C 45 20.96 -33.37 -32.54
C LEU C 45 22.38 -33.89 -32.64
N LYS C 46 23.30 -33.25 -31.91
CA LYS C 46 24.70 -33.66 -31.86
C LYS C 46 24.88 -35.07 -31.19
N ALA C 47 24.13 -35.32 -30.13
CA ALA C 47 24.08 -36.67 -29.60
C ALA C 47 22.69 -37.09 -29.06
N VAL C 48 22.58 -38.30 -28.56
CA VAL C 48 21.33 -38.78 -28.00
C VAL C 48 21.08 -37.87 -26.83
N PRO C 49 19.89 -37.23 -26.72
CA PRO C 49 19.63 -36.26 -25.66
C PRO C 49 19.56 -36.87 -24.22
N LYS C 50 20.01 -36.10 -23.21
CA LYS C 50 20.12 -36.59 -21.82
C LYS C 50 18.80 -36.73 -21.08
N GLU C 51 17.80 -35.97 -21.48
CA GLU C 51 16.58 -36.00 -20.70
C GLU C 51 15.57 -36.98 -21.25
N ILE C 52 15.67 -38.25 -20.90
CA ILE C 52 14.72 -39.20 -21.48
C ILE C 52 14.06 -40.05 -20.42
N SER C 53 12.79 -39.79 -20.12
CA SER C 53 12.13 -40.55 -19.07
C SER C 53 12.34 -42.03 -19.26
N PRO C 54 12.56 -42.77 -18.17
CA PRO C 54 12.73 -44.21 -18.22
C PRO C 54 11.42 -44.94 -18.64
N ASP C 55 10.27 -44.31 -18.38
CA ASP C 55 8.95 -44.85 -18.78
C ASP C 55 8.87 -45.08 -20.28
N THR C 56 9.87 -44.57 -21.00
CA THR C 56 9.92 -44.62 -22.46
C THR C 56 10.08 -46.00 -23.12
N THR C 57 9.21 -46.23 -24.10
CA THR C 57 9.14 -47.51 -24.84
C THR C 57 9.58 -47.47 -26.32
N LEU C 58 9.30 -46.38 -27.02
CA LEU C 58 9.85 -46.16 -28.37
C LEU C 58 10.80 -45.02 -28.26
N LEU C 59 11.95 -45.09 -28.92
CA LEU C 59 12.82 -43.91 -28.94
C LEU C 59 13.08 -43.76 -30.39
N ASP C 60 12.42 -42.78 -31.02
CA ASP C 60 12.61 -42.52 -32.47
C ASP C 60 13.49 -41.30 -32.67
N LEU C 61 14.76 -41.47 -32.99
CA LEU C 61 15.56 -40.29 -33.20
C LEU C 61 16.29 -40.44 -34.50
N GLN C 62 15.52 -40.20 -35.54
CA GLN C 62 15.97 -40.47 -36.87
C GLN C 62 16.43 -39.26 -37.64
N ASN C 63 17.50 -39.41 -38.41
CA ASN C 63 17.99 -38.31 -39.19
C ASN C 63 18.44 -37.12 -38.34
N ASN C 64 19.34 -37.42 -37.43
CA ASN C 64 19.97 -36.42 -36.64
C ASN C 64 21.47 -36.40 -36.97
N ASP C 65 22.32 -36.14 -35.94
CA ASP C 65 23.78 -36.09 -36.13
C ASP C 65 24.64 -36.78 -35.13
N ILE C 66 24.04 -37.76 -34.53
CA ILE C 66 24.69 -38.60 -33.57
C ILE C 66 25.90 -39.23 -34.23
N SER C 67 27.04 -39.21 -33.54
CA SER C 67 28.26 -39.76 -34.15
C SER C 67 28.78 -40.99 -33.45
N GLU C 68 28.45 -41.10 -32.16
CA GLU C 68 28.74 -42.29 -31.41
C GLU C 68 27.69 -42.56 -30.35
N LEU C 69 27.77 -43.71 -29.71
CA LEU C 69 26.83 -44.04 -28.65
C LEU C 69 27.67 -44.31 -27.40
N ARG C 70 27.45 -43.51 -26.35
CA ARG C 70 28.31 -43.56 -25.17
C ARG C 70 27.80 -44.53 -24.09
N LYS C 71 28.70 -44.91 -23.17
CA LYS C 71 28.39 -45.89 -22.11
C LYS C 71 26.98 -45.68 -21.54
N ASP C 72 26.76 -44.48 -21.02
CA ASP C 72 25.55 -44.15 -20.30
C ASP C 72 24.58 -43.28 -21.11
N ASP C 73 24.80 -43.28 -22.42
CA ASP C 73 23.95 -42.59 -23.35
C ASP C 73 22.49 -43.02 -23.16
N PHE C 74 22.25 -44.32 -22.93
CA PHE C 74 20.88 -44.87 -22.78
C PHE C 74 20.50 -45.27 -21.39
N LYS C 75 21.34 -44.95 -20.40
CA LYS C 75 21.16 -45.44 -19.03
C LYS C 75 19.73 -45.38 -18.52
N GLY C 76 19.26 -46.47 -17.93
CA GLY C 76 17.94 -46.52 -17.32
C GLY C 76 16.72 -46.48 -18.20
N LEU C 77 16.87 -46.88 -19.46
CA LEU C 77 15.72 -47.06 -20.37
C LEU C 77 15.43 -48.54 -20.49
N GLN C 78 15.12 -49.18 -19.36
CA GLN C 78 14.89 -50.60 -19.31
C GLN C 78 13.58 -51.02 -19.87
N HIS C 79 12.74 -50.06 -20.21
CA HIS C 79 11.48 -50.38 -20.89
C HIS C 79 11.49 -49.96 -22.37
N LEU C 80 12.64 -49.50 -22.82
CA LEU C 80 12.80 -49.25 -24.21
C LEU C 80 12.64 -50.60 -24.95
N TYR C 81 11.63 -50.64 -25.83
CA TYR C 81 11.29 -51.80 -26.70
C TYR C 81 11.95 -51.72 -28.07
N ALA C 82 11.71 -50.60 -28.77
CA ALA C 82 12.29 -50.34 -30.09
C ALA C 82 13.03 -49.02 -30.07
N LEU C 83 14.23 -49.04 -30.65
CA LEU C 83 15.06 -47.83 -30.76
C LEU C 83 15.36 -47.51 -32.21
N VAL C 84 15.04 -46.32 -32.68
CA VAL C 84 15.31 -46.03 -34.09
C VAL C 84 16.46 -45.02 -34.32
N LEU C 85 17.62 -45.52 -34.68
CA LEU C 85 18.70 -44.61 -34.87
C LEU C 85 18.98 -44.30 -36.33
N VAL C 86 18.12 -44.79 -37.22
CA VAL C 86 18.43 -44.68 -38.63
C VAL C 86 18.81 -43.27 -39.07
N ASN C 87 19.48 -43.19 -40.20
CA ASN C 87 19.76 -41.92 -40.83
C ASN C 87 20.48 -40.92 -40.00
N ASN C 88 21.55 -41.38 -39.36
CA ASN C 88 22.49 -40.58 -38.62
C ASN C 88 23.88 -40.93 -39.10
N LYS C 89 24.91 -40.41 -38.47
CA LYS C 89 26.30 -40.74 -38.86
C LYS C 89 27.08 -41.35 -37.70
N ILE C 90 26.56 -42.46 -37.19
CA ILE C 90 27.21 -43.19 -36.12
C ILE C 90 28.47 -43.95 -36.58
N SER C 91 29.54 -43.92 -35.77
CA SER C 91 30.76 -44.57 -36.17
C SER C 91 31.53 -45.22 -35.02
N LYS C 92 31.10 -44.97 -33.80
CA LYS C 92 31.74 -45.55 -32.63
C LYS C 92 30.64 -45.96 -31.61
N ILE C 93 30.56 -47.23 -31.22
CA ILE C 93 29.57 -47.61 -30.21
C ILE C 93 30.23 -48.27 -29.01
N HIS C 94 30.34 -47.52 -27.94
CA HIS C 94 30.89 -48.01 -26.70
C HIS C 94 30.39 -49.42 -26.40
N GLU C 95 31.21 -50.23 -25.73
CA GLU C 95 30.81 -51.58 -25.37
C GLU C 95 29.57 -51.73 -24.47
N LYS C 96 29.51 -51.00 -23.36
CA LYS C 96 28.40 -51.14 -22.39
C LYS C 96 27.17 -50.27 -22.78
N ALA C 97 27.20 -49.77 -24.02
CA ALA C 97 26.24 -48.80 -24.55
C ALA C 97 24.83 -49.30 -24.61
N PHE C 98 24.66 -50.54 -25.04
CA PHE C 98 23.34 -51.14 -25.11
C PHE C 98 22.95 -51.89 -23.82
N SER C 99 23.94 -52.12 -22.95
CA SER C 99 23.69 -52.91 -21.74
C SER C 99 22.49 -52.53 -20.87
N PRO C 100 22.18 -51.25 -20.73
CA PRO C 100 20.97 -50.83 -19.99
C PRO C 100 19.59 -51.24 -20.62
N LEU C 101 19.64 -51.88 -21.79
CA LEU C 101 18.45 -52.13 -22.56
C LEU C 101 17.83 -53.53 -22.50
N ARG C 102 17.66 -54.05 -21.27
CA ARG C 102 17.05 -55.36 -21.00
C ARG C 102 15.76 -55.85 -21.80
N LYS C 103 14.89 -54.98 -22.29
CA LYS C 103 13.72 -55.47 -23.05
C LYS C 103 13.64 -54.93 -24.49
N LEU C 104 14.65 -54.16 -24.89
CA LEU C 104 14.77 -53.71 -26.27
C LEU C 104 14.60 -54.89 -27.28
N GLN C 105 13.51 -54.88 -28.07
CA GLN C 105 13.32 -55.88 -29.18
C GLN C 105 13.64 -55.41 -30.62
N LYS C 106 13.39 -54.15 -30.93
CA LYS C 106 13.82 -53.62 -32.24
C LYS C 106 14.95 -52.55 -32.19
N LEU C 107 15.97 -52.70 -33.04
CA LEU C 107 17.05 -51.77 -33.14
C LEU C 107 17.30 -51.47 -34.58
N TYR C 108 16.79 -50.38 -35.10
CA TYR C 108 17.09 -49.99 -36.48
C TYR C 108 18.21 -48.95 -36.48
N ILE C 109 19.32 -49.28 -37.13
CA ILE C 109 20.47 -48.36 -37.23
C ILE C 109 21.01 -48.39 -38.61
N SER C 110 20.13 -48.46 -39.59
CA SER C 110 20.58 -48.36 -40.95
C SER C 110 21.10 -46.96 -41.33
N LYS C 111 21.66 -46.85 -42.51
CA LYS C 111 22.07 -45.57 -42.99
C LYS C 111 22.91 -44.88 -41.94
N ASN C 112 24.04 -45.50 -41.61
CA ASN C 112 25.02 -44.95 -40.70
C ASN C 112 26.40 -45.37 -41.11
N HIS C 113 27.40 -44.83 -40.42
CA HIS C 113 28.82 -45.03 -40.74
C HIS C 113 29.40 -46.18 -39.93
N LEU C 114 28.53 -46.99 -39.35
CA LEU C 114 29.00 -48.20 -38.68
C LEU C 114 30.10 -48.97 -39.50
N VAL C 115 31.09 -49.53 -38.81
CA VAL C 115 32.17 -50.23 -39.49
C VAL C 115 32.33 -51.60 -38.90
N GLU C 116 31.36 -52.08 -38.15
CA GLU C 116 31.47 -53.41 -37.53
C GLU C 116 30.10 -53.66 -36.91
N ILE C 117 29.61 -54.91 -36.90
CA ILE C 117 28.33 -55.23 -36.26
C ILE C 117 28.52 -54.99 -34.79
N PRO C 118 27.68 -54.14 -34.22
CA PRO C 118 27.81 -53.76 -32.81
C PRO C 118 27.70 -55.01 -31.93
N PRO C 119 28.42 -55.03 -30.81
CA PRO C 119 28.43 -56.24 -29.98
C PRO C 119 27.57 -56.06 -28.73
N ASN C 120 27.23 -57.17 -28.06
CA ASN C 120 26.45 -57.13 -26.81
C ASN C 120 25.06 -56.51 -26.97
N LEU C 121 24.45 -56.73 -28.12
CA LEU C 121 23.09 -56.26 -28.35
C LEU C 121 22.25 -57.01 -27.33
N PRO C 122 21.19 -56.40 -26.89
CA PRO C 122 20.24 -57.02 -25.99
C PRO C 122 19.75 -58.38 -26.44
N SER C 123 19.84 -59.37 -25.57
CA SER C 123 19.36 -60.70 -25.88
C SER C 123 17.90 -60.71 -26.29
N SER C 124 17.14 -59.81 -25.69
CA SER C 124 15.76 -59.60 -26.02
C SER C 124 15.50 -59.34 -27.55
N LEU C 125 16.42 -58.64 -28.20
CA LEU C 125 16.29 -58.20 -29.56
C LEU C 125 15.74 -59.24 -30.51
N VAL C 126 14.72 -58.85 -31.30
CA VAL C 126 14.15 -59.75 -32.31
C VAL C 126 14.35 -59.26 -33.71
N GLU C 127 14.41 -57.96 -33.96
CA GLU C 127 14.59 -57.50 -35.34
C GLU C 127 15.78 -56.58 -35.35
N LEU C 128 16.66 -56.61 -36.35
CA LEU C 128 17.86 -55.73 -36.39
C LEU C 128 18.13 -55.16 -37.77
N ARG C 129 17.80 -53.93 -38.01
CA ARG C 129 18.14 -53.34 -39.29
C ARG C 129 19.50 -52.59 -39.34
N ILE C 130 20.46 -53.08 -40.12
CA ILE C 130 21.73 -52.40 -40.13
C ILE C 130 22.27 -52.10 -41.54
N HIS C 131 21.35 -51.69 -42.40
CA HIS C 131 21.53 -51.36 -43.84
C HIS C 131 22.39 -50.17 -44.13
N ASP C 132 22.76 -49.97 -45.37
CA ASP C 132 23.57 -48.82 -45.75
C ASP C 132 24.70 -48.48 -44.86
N ASN C 133 25.45 -49.45 -44.36
CA ASN C 133 26.53 -49.10 -43.48
C ASN C 133 27.83 -49.33 -44.11
N ARG C 134 28.90 -49.51 -43.34
CA ARG C 134 30.24 -49.63 -43.92
C ARG C 134 30.94 -50.87 -43.40
N ILE C 135 30.17 -51.88 -43.02
CA ILE C 135 30.75 -53.10 -42.40
C ILE C 135 31.47 -53.98 -43.37
N ARG C 136 32.77 -54.14 -43.20
CA ARG C 136 33.52 -54.94 -44.16
C ARG C 136 33.64 -56.43 -43.85
N LYS C 137 33.59 -56.78 -42.58
CA LYS C 137 33.67 -58.16 -42.21
C LYS C 137 32.83 -58.43 -40.98
N VAL C 138 32.21 -59.59 -40.99
CA VAL C 138 31.45 -60.03 -39.85
C VAL C 138 32.08 -61.27 -39.24
N PRO C 139 32.63 -61.09 -38.04
CA PRO C 139 33.43 -62.10 -37.33
C PRO C 139 32.58 -63.20 -36.82
N LYS C 140 33.09 -63.93 -35.83
CA LYS C 140 32.40 -65.15 -35.37
C LYS C 140 31.36 -64.99 -34.27
N GLY C 141 31.83 -64.74 -33.05
CA GLY C 141 30.95 -64.63 -31.86
C GLY C 141 29.99 -63.44 -31.74
N VAL C 142 29.78 -62.72 -32.87
CA VAL C 142 29.02 -61.48 -32.90
C VAL C 142 27.54 -61.63 -32.55
N PHE C 143 26.90 -62.66 -33.06
CA PHE C 143 25.51 -62.87 -32.74
C PHE C 143 25.42 -64.03 -31.78
N SER C 144 26.54 -64.39 -31.18
CA SER C 144 26.53 -65.51 -30.24
C SER C 144 25.41 -65.32 -29.20
N GLY C 145 25.36 -64.15 -28.52
CA GLY C 145 24.35 -63.84 -27.52
C GLY C 145 22.87 -64.08 -27.87
N LEU C 146 22.32 -63.26 -28.75
CA LEU C 146 20.88 -63.32 -29.14
C LEU C 146 20.34 -64.73 -29.26
N ARG C 147 19.07 -64.88 -28.94
CA ARG C 147 18.45 -66.19 -29.09
C ARG C 147 17.04 -65.98 -29.53
N ASN C 148 16.76 -64.77 -29.95
CA ASN C 148 15.41 -64.45 -30.36
C ASN C 148 15.48 -63.74 -31.68
N MET C 149 16.65 -63.70 -32.33
CA MET C 149 16.71 -63.01 -33.60
C MET C 149 15.68 -63.59 -34.56
N ASN C 150 15.47 -62.97 -35.70
CA ASN C 150 14.66 -63.59 -36.73
C ASN C 150 14.48 -62.63 -37.91
N CYS C 151 15.19 -61.53 -37.83
CA CYS C 151 15.05 -60.60 -38.87
C CYS C 151 16.36 -59.86 -38.90
N ILE C 152 17.10 -59.97 -40.00
CA ILE C 152 18.39 -59.28 -40.07
C ILE C 152 18.64 -58.68 -41.43
N GLU C 153 18.64 -57.36 -41.52
CA GLU C 153 18.96 -56.65 -42.73
C GLU C 153 20.43 -56.27 -42.78
N MET C 154 21.26 -56.85 -43.61
CA MET C 154 22.67 -56.38 -43.66
C MET C 154 23.15 -55.74 -44.95
N GLY C 155 22.23 -55.49 -45.86
CA GLY C 155 22.58 -55.06 -47.19
C GLY C 155 23.02 -53.64 -47.18
N GLY C 156 23.46 -53.15 -48.35
CA GLY C 156 23.92 -51.77 -48.50
C GLY C 156 25.25 -51.64 -47.82
N ASN C 157 25.81 -52.80 -47.51
CA ASN C 157 27.13 -52.88 -46.93
C ASN C 157 28.12 -53.36 -47.99
N PRO C 158 29.41 -53.18 -47.75
CA PRO C 158 30.40 -53.67 -48.66
C PRO C 158 31.01 -54.86 -47.94
N LEU C 159 30.53 -56.07 -48.24
CA LEU C 159 31.28 -57.19 -47.78
C LEU C 159 31.32 -58.21 -48.89
N GLU C 160 32.52 -58.74 -49.13
CA GLU C 160 32.69 -59.79 -50.12
C GLU C 160 32.43 -61.06 -49.39
N ASN C 161 32.50 -62.17 -50.08
CA ASN C 161 32.31 -63.43 -49.39
C ASN C 161 33.44 -63.70 -48.43
N SER C 162 34.66 -63.26 -48.79
CA SER C 162 35.86 -63.39 -47.95
C SER C 162 35.71 -62.65 -46.64
N GLY C 163 34.82 -61.66 -46.61
CA GLY C 163 34.54 -60.91 -45.39
C GLY C 163 33.87 -61.73 -44.29
N PHE C 164 32.91 -62.60 -44.65
CA PHE C 164 32.25 -63.45 -43.65
C PHE C 164 33.27 -64.38 -43.07
N GLU C 165 32.92 -65.13 -42.06
CA GLU C 165 33.95 -65.87 -41.41
C GLU C 165 33.25 -67.07 -40.85
N PRO C 166 33.96 -68.20 -40.87
CA PRO C 166 33.45 -69.48 -40.33
C PRO C 166 32.71 -69.35 -38.98
N GLY C 167 31.42 -69.68 -38.95
CA GLY C 167 30.60 -69.59 -37.76
C GLY C 167 30.28 -68.16 -37.31
N ALA C 168 30.08 -67.25 -38.28
CA ALA C 168 29.67 -65.84 -38.02
C ALA C 168 28.24 -65.80 -37.49
N PHE C 169 27.34 -66.56 -38.15
CA PHE C 169 25.93 -66.71 -37.73
C PHE C 169 25.72 -67.86 -36.75
N ASP C 170 26.85 -68.37 -36.28
CA ASP C 170 26.89 -69.45 -35.34
C ASP C 170 25.79 -69.39 -34.25
N GLY C 171 25.04 -70.50 -34.12
CA GLY C 171 23.96 -70.63 -33.11
C GLY C 171 23.07 -69.40 -33.13
N LEU C 172 22.13 -69.38 -34.05
CA LEU C 172 21.29 -68.21 -34.24
C LEU C 172 20.06 -68.63 -35.01
N LYS C 173 19.22 -69.40 -34.34
CA LYS C 173 18.02 -69.85 -34.96
C LYS C 173 17.27 -68.61 -35.46
N LEU C 174 17.40 -68.24 -36.75
CA LEU C 174 16.63 -67.07 -37.25
C LEU C 174 15.91 -67.31 -38.55
N ASN C 175 14.76 -66.67 -38.75
CA ASN C 175 13.96 -67.04 -39.90
C ASN C 175 14.02 -66.12 -41.13
N TYR C 176 14.52 -64.90 -41.02
CA TYR C 176 14.60 -64.05 -42.23
C TYR C 176 16.03 -63.54 -42.38
N LEU C 177 16.53 -63.12 -43.54
CA LEU C 177 17.92 -62.65 -43.54
C LEU C 177 18.23 -62.13 -44.87
N ARG C 178 18.51 -60.85 -44.98
CA ARG C 178 18.69 -60.31 -46.29
C ARG C 178 19.99 -59.62 -46.46
N ILE C 179 20.89 -60.24 -47.19
CA ILE C 179 22.14 -59.59 -47.49
C ILE C 179 22.13 -59.03 -48.89
N SER C 180 21.27 -58.02 -49.11
CA SER C 180 21.20 -57.41 -50.41
C SER C 180 22.37 -56.49 -50.74
N GLU C 181 22.42 -56.04 -51.98
CA GLU C 181 23.30 -54.94 -52.38
C GLU C 181 24.68 -54.94 -51.63
N ALA C 182 25.34 -56.09 -51.50
CA ALA C 182 26.70 -56.03 -50.99
C ALA C 182 27.65 -56.35 -52.11
N LYS C 183 28.64 -57.16 -51.80
CA LYS C 183 29.62 -57.55 -52.81
C LYS C 183 29.78 -59.08 -52.82
N LEU C 184 28.67 -59.78 -52.66
CA LEU C 184 28.71 -61.22 -52.68
C LEU C 184 28.94 -61.67 -54.13
N THR C 185 29.83 -62.64 -54.22
CA THR C 185 30.23 -63.17 -55.48
C THR C 185 29.61 -64.56 -55.60
N GLY C 186 29.29 -65.14 -54.45
CA GLY C 186 28.58 -66.39 -54.47
C GLY C 186 27.67 -66.53 -53.27
N ILE C 187 26.79 -67.52 -53.29
CA ILE C 187 25.96 -67.77 -52.16
C ILE C 187 26.77 -68.34 -51.02
N PRO C 188 26.65 -67.70 -49.86
CA PRO C 188 27.31 -68.14 -48.64
C PRO C 188 26.70 -69.42 -48.12
N LYS C 189 27.49 -70.17 -47.39
CA LYS C 189 27.07 -71.50 -47.06
C LYS C 189 26.74 -71.73 -45.56
N ASP C 190 27.41 -71.02 -44.67
CA ASP C 190 27.22 -71.20 -43.21
C ASP C 190 26.26 -70.14 -42.64
N LEU C 191 25.04 -70.13 -43.17
CA LEU C 191 24.01 -69.25 -42.69
C LEU C 191 23.21 -70.08 -41.71
N PRO C 192 22.13 -69.52 -41.22
CA PRO C 192 21.26 -70.23 -40.30
C PRO C 192 20.32 -71.21 -40.99
N GLU C 193 20.27 -72.45 -40.48
CA GLU C 193 19.52 -73.53 -41.14
C GLU C 193 18.02 -73.34 -41.04
N THR C 194 17.66 -72.69 -39.93
CA THR C 194 16.29 -72.33 -39.55
C THR C 194 15.66 -71.35 -40.53
N LEU C 195 16.53 -70.75 -41.36
CA LEU C 195 16.20 -69.77 -42.39
C LEU C 195 14.92 -70.17 -43.20
N ASN C 196 13.99 -69.22 -43.27
CA ASN C 196 12.75 -69.41 -43.98
C ASN C 196 12.73 -68.60 -45.22
N GLU C 197 13.28 -67.40 -45.17
CA GLU C 197 13.41 -66.56 -46.36
C GLU C 197 14.89 -66.20 -46.37
N LEU C 198 15.44 -65.98 -47.55
CA LEU C 198 16.85 -65.60 -47.67
C LEU C 198 17.01 -64.79 -48.95
N HIS C 199 17.40 -63.50 -48.80
CA HIS C 199 17.61 -62.61 -49.98
C HIS C 199 19.07 -62.28 -50.27
N LEU C 200 19.41 -62.29 -51.53
CA LEU C 200 20.75 -61.97 -51.87
C LEU C 200 20.63 -61.15 -53.10
N ASP C 201 19.49 -60.52 -53.30
CA ASP C 201 19.33 -59.73 -54.50
C ASP C 201 20.38 -58.63 -54.58
N HIS C 202 20.65 -58.15 -55.78
CA HIS C 202 21.63 -57.10 -55.97
C HIS C 202 23.00 -57.46 -55.43
N ASN C 203 23.62 -58.46 -56.03
CA ASN C 203 24.98 -58.80 -55.70
C ASN C 203 25.82 -59.02 -56.90
N LYS C 204 26.95 -59.66 -56.71
CA LYS C 204 27.69 -60.02 -57.91
C LYS C 204 27.82 -61.52 -58.04
N ILE C 205 26.85 -62.26 -57.49
CA ILE C 205 26.86 -63.73 -57.50
C ILE C 205 26.96 -64.21 -58.91
N GLN C 206 27.79 -65.23 -59.06
CA GLN C 206 28.22 -65.76 -60.35
C GLN C 206 27.38 -66.92 -60.80
N ALA C 207 27.10 -67.82 -59.91
CA ALA C 207 26.44 -69.01 -60.34
C ALA C 207 26.06 -69.80 -59.10
N ILE C 208 24.86 -70.35 -59.08
CA ILE C 208 24.49 -71.20 -57.97
C ILE C 208 24.83 -72.66 -58.27
N GLU C 209 25.70 -73.20 -57.42
CA GLU C 209 26.26 -74.53 -57.60
C GLU C 209 25.58 -75.53 -56.73
N LEU C 210 26.17 -76.71 -56.70
CA LEU C 210 25.46 -77.83 -56.16
C LEU C 210 25.08 -77.67 -54.73
N GLU C 211 26.09 -77.52 -53.90
CA GLU C 211 25.89 -77.51 -52.45
C GLU C 211 25.61 -76.15 -51.87
N ASP C 212 25.44 -75.14 -52.73
CA ASP C 212 25.14 -73.79 -52.26
C ASP C 212 23.93 -73.78 -51.34
N LEU C 213 22.76 -74.11 -51.88
CA LEU C 213 21.57 -74.10 -51.09
C LEU C 213 21.44 -75.37 -50.29
N LEU C 214 22.51 -76.11 -50.12
CA LEU C 214 22.39 -77.40 -49.38
C LEU C 214 21.58 -77.33 -48.07
N ARG C 215 22.14 -76.73 -47.02
CA ARG C 215 21.50 -76.76 -45.72
C ARG C 215 20.35 -75.75 -45.47
N TYR C 216 19.86 -75.13 -46.51
CA TYR C 216 18.80 -74.16 -46.32
C TYR C 216 17.47 -74.81 -46.57
N SER C 217 17.42 -76.06 -46.17
CA SER C 217 16.30 -76.95 -46.46
C SER C 217 14.89 -76.56 -45.97
N LYS C 218 14.73 -75.31 -45.54
CA LYS C 218 13.44 -74.84 -45.01
C LYS C 218 13.03 -73.51 -45.62
N LEU C 219 13.42 -73.25 -46.86
CA LEU C 219 13.07 -71.97 -47.43
C LEU C 219 11.73 -71.87 -48.14
N TYR C 220 11.13 -70.71 -48.03
CA TYR C 220 9.90 -70.44 -48.72
C TYR C 220 10.29 -69.60 -49.89
N ARG C 221 11.03 -68.54 -49.63
CA ARG C 221 11.45 -67.65 -50.68
C ARG C 221 12.97 -67.78 -50.84
N LEU C 222 13.50 -67.27 -51.92
CA LEU C 222 14.93 -67.23 -52.14
C LEU C 222 15.11 -66.19 -53.25
N GLY C 223 15.43 -64.97 -52.89
CA GLY C 223 15.46 -63.97 -53.95
C GLY C 223 16.87 -64.01 -54.46
N LEU C 224 17.08 -63.94 -55.77
CA LEU C 224 18.42 -63.82 -56.28
C LEU C 224 18.33 -62.84 -57.43
N GLY C 225 17.19 -62.18 -57.54
CA GLY C 225 17.10 -61.09 -58.50
C GLY C 225 18.40 -60.24 -58.63
N HIS C 226 18.49 -59.44 -59.70
CA HIS C 226 19.67 -58.59 -59.95
C HIS C 226 21.00 -59.18 -59.52
N ASN C 227 21.43 -60.24 -60.20
CA ASN C 227 22.75 -60.83 -59.98
C ASN C 227 23.43 -61.15 -61.26
N GLN C 228 24.48 -61.95 -61.14
CA GLN C 228 25.16 -62.34 -62.34
C GLN C 228 25.19 -63.83 -62.58
N ILE C 229 24.08 -64.48 -62.24
CA ILE C 229 24.02 -65.92 -62.34
C ILE C 229 24.07 -66.25 -63.79
N ARG C 230 25.07 -67.02 -64.17
CA ARG C 230 25.28 -67.36 -65.53
C ARG C 230 24.74 -68.78 -65.64
N MET C 231 25.14 -69.65 -64.70
CA MET C 231 24.76 -71.07 -64.77
C MET C 231 24.33 -71.74 -63.46
N ILE C 232 23.04 -71.95 -63.29
CA ILE C 232 22.58 -72.67 -62.10
C ILE C 232 22.63 -74.19 -62.33
N GLU C 233 23.46 -74.83 -61.53
CA GLU C 233 23.73 -76.25 -61.66
C GLU C 233 22.59 -77.11 -61.13
N ASN C 234 22.27 -78.18 -61.87
CA ASN C 234 21.10 -78.98 -61.49
C ASN C 234 21.30 -79.83 -60.27
N GLY C 235 20.15 -80.10 -59.67
CA GLY C 235 20.09 -80.76 -58.41
C GLY C 235 20.12 -79.76 -57.27
N SER C 236 20.82 -78.62 -57.45
CA SER C 236 21.05 -77.61 -56.37
C SER C 236 19.75 -77.09 -55.83
N LEU C 237 18.79 -76.87 -56.75
CA LEU C 237 17.48 -76.41 -56.35
C LEU C 237 16.66 -77.55 -55.82
N SER C 238 17.29 -78.71 -55.61
CA SER C 238 16.58 -79.90 -55.12
C SER C 238 16.45 -79.86 -53.59
N PHE C 239 17.38 -79.21 -52.92
CA PHE C 239 17.37 -79.21 -51.47
C PHE C 239 16.34 -78.30 -50.84
N LEU C 240 15.54 -77.65 -51.68
CA LEU C 240 14.51 -76.74 -51.19
C LEU C 240 13.11 -77.32 -51.26
N PRO C 241 12.89 -78.49 -50.67
CA PRO C 241 11.61 -79.14 -50.78
C PRO C 241 10.46 -78.16 -50.81
N THR C 242 10.41 -77.25 -49.84
CA THR C 242 9.27 -76.33 -49.77
C THR C 242 9.40 -74.97 -50.43
N LEU C 243 10.38 -74.75 -51.26
CA LEU C 243 10.50 -73.45 -51.91
C LEU C 243 9.17 -73.10 -52.60
N ARG C 244 8.60 -71.93 -52.27
CA ARG C 244 7.30 -71.47 -52.80
C ARG C 244 7.40 -70.33 -53.83
N GLU C 245 8.38 -69.43 -53.61
CA GLU C 245 8.68 -68.31 -54.54
C GLU C 245 10.14 -68.15 -54.83
N LEU C 246 10.48 -68.19 -56.11
CA LEU C 246 11.84 -68.01 -56.52
C LEU C 246 11.99 -66.88 -57.55
N HIS C 247 12.55 -65.75 -57.12
CA HIS C 247 12.84 -64.69 -58.07
C HIS C 247 14.24 -64.98 -58.57
N LEU C 248 14.43 -65.15 -59.86
CA LEU C 248 15.76 -65.42 -60.30
C LEU C 248 16.04 -64.53 -61.52
N ASP C 249 15.29 -63.45 -61.57
CA ASP C 249 15.30 -62.49 -62.64
C ASP C 249 16.55 -61.63 -62.74
N ASN C 250 16.72 -60.89 -63.85
CA ASN C 250 17.90 -60.04 -64.01
C ASN C 250 19.25 -60.73 -63.88
N ASN C 251 19.41 -61.86 -64.54
CA ASN C 251 20.72 -62.48 -64.49
C ASN C 251 21.23 -62.71 -65.89
N LYS C 252 22.22 -63.58 -65.97
CA LYS C 252 22.81 -63.92 -67.22
C LYS C 252 22.34 -65.37 -67.56
N LEU C 253 21.17 -65.77 -67.06
CA LEU C 253 20.80 -67.16 -67.24
C LEU C 253 20.65 -67.42 -68.69
N SER C 254 20.99 -68.62 -69.17
CA SER C 254 20.77 -68.95 -70.59
C SER C 254 19.64 -70.00 -70.88
N ARG C 255 19.22 -70.71 -69.83
CA ARG C 255 18.14 -71.70 -69.97
C ARG C 255 17.38 -71.85 -68.63
N VAL C 256 16.08 -72.18 -68.67
CA VAL C 256 15.31 -72.34 -67.44
C VAL C 256 15.99 -73.29 -66.47
N PRO C 257 16.22 -72.84 -65.26
CA PRO C 257 17.04 -73.58 -64.31
C PRO C 257 16.54 -75.01 -64.07
N ALA C 258 17.46 -75.97 -64.17
CA ALA C 258 17.07 -77.36 -64.14
C ALA C 258 16.48 -77.72 -62.81
N GLY C 259 15.28 -78.30 -62.83
CA GLY C 259 14.72 -78.82 -61.59
C GLY C 259 13.37 -78.29 -61.21
N LEU C 260 12.96 -77.16 -61.82
CA LEU C 260 11.68 -76.46 -61.49
C LEU C 260 10.53 -77.41 -61.17
N PRO C 261 10.27 -78.31 -62.08
CA PRO C 261 9.17 -79.26 -61.95
C PRO C 261 9.17 -80.05 -60.65
N ASP C 262 10.33 -80.51 -60.21
CA ASP C 262 10.44 -81.38 -59.02
C ASP C 262 10.15 -80.69 -57.70
N LEU C 263 10.07 -79.35 -57.72
CA LEU C 263 9.74 -78.53 -56.52
C LEU C 263 8.21 -78.48 -56.29
N LYS C 264 7.75 -79.50 -55.56
CA LYS C 264 6.34 -79.75 -55.40
C LYS C 264 5.52 -78.53 -54.97
N LEU C 265 6.15 -77.46 -54.52
CA LEU C 265 5.38 -76.30 -54.08
C LEU C 265 5.71 -74.96 -54.72
N LEU C 266 6.63 -75.00 -55.69
CA LEU C 266 7.07 -73.77 -56.36
C LEU C 266 5.83 -73.05 -56.93
N GLN C 267 5.42 -71.92 -56.37
CA GLN C 267 4.21 -71.38 -56.95
C GLN C 267 4.43 -70.28 -57.88
N VAL C 268 5.49 -69.51 -57.68
CA VAL C 268 5.88 -68.36 -58.56
C VAL C 268 7.39 -68.20 -58.82
N VAL C 269 7.83 -68.63 -60.01
CA VAL C 269 9.21 -68.48 -60.39
C VAL C 269 9.27 -67.24 -61.31
N TYR C 270 10.30 -66.42 -61.10
CA TYR C 270 10.47 -65.23 -61.89
C TYR C 270 11.68 -65.43 -62.77
N LEU C 271 11.55 -65.25 -64.06
CA LEU C 271 12.70 -65.43 -64.90
C LEU C 271 13.02 -64.26 -65.87
N HIS C 272 12.23 -63.18 -65.85
CA HIS C 272 12.49 -62.07 -66.77
C HIS C 272 13.93 -61.42 -66.85
N THR C 273 14.15 -60.68 -67.94
CA THR C 273 15.41 -59.99 -68.20
C THR C 273 16.63 -60.92 -68.07
N ASN C 274 16.42 -62.19 -68.26
CA ASN C 274 17.58 -63.06 -68.38
C ASN C 274 18.15 -63.09 -69.80
N ASN C 275 18.70 -64.24 -70.20
CA ASN C 275 19.28 -64.44 -71.53
C ASN C 275 18.84 -65.82 -71.96
N ILE C 276 17.72 -66.24 -71.40
CA ILE C 276 17.15 -67.52 -71.74
C ILE C 276 16.76 -67.47 -73.21
N THR C 277 17.28 -68.42 -73.97
CA THR C 277 17.02 -68.46 -75.38
C THR C 277 15.93 -69.52 -75.80
N LYS C 278 16.02 -70.72 -75.25
CA LYS C 278 15.20 -71.86 -75.61
C LYS C 278 14.43 -72.27 -74.35
N VAL C 279 13.17 -72.65 -74.51
CA VAL C 279 12.37 -73.04 -73.33
C VAL C 279 11.79 -74.47 -73.47
N GLY C 280 12.50 -75.51 -73.05
CA GLY C 280 11.92 -76.89 -73.16
C GLY C 280 10.45 -77.05 -72.74
N VAL C 281 9.71 -78.05 -73.29
CA VAL C 281 8.25 -78.23 -72.96
C VAL C 281 8.00 -78.66 -71.54
N ASN C 282 8.97 -79.39 -70.98
CA ASN C 282 8.87 -79.90 -69.61
C ASN C 282 9.80 -79.22 -68.71
N ASP C 283 9.95 -77.92 -68.90
CA ASP C 283 10.80 -77.13 -68.04
C ASP C 283 10.01 -76.67 -66.81
N PHE C 284 8.69 -76.48 -66.98
CA PHE C 284 7.87 -75.99 -65.86
C PHE C 284 6.99 -77.07 -65.24
N CYS C 285 6.25 -77.81 -66.04
CA CYS C 285 5.44 -78.87 -65.44
C CYS C 285 6.22 -80.14 -65.44
N PRO C 286 5.80 -81.09 -64.64
CA PRO C 286 6.51 -82.34 -64.51
C PRO C 286 5.96 -83.27 -65.55
N VAL C 287 6.73 -84.29 -65.93
CA VAL C 287 6.37 -85.19 -67.06
C VAL C 287 5.12 -86.06 -66.84
N GLY C 288 5.05 -86.83 -65.76
CA GLY C 288 3.84 -87.69 -65.59
C GLY C 288 2.70 -87.23 -64.66
N PHE C 289 1.70 -86.47 -65.18
CA PHE C 289 0.56 -85.93 -64.37
C PHE C 289 0.41 -86.63 -62.98
N GLY C 290 0.47 -85.84 -61.88
CA GLY C 290 0.36 -86.32 -60.46
C GLY C 290 -0.97 -86.06 -59.72
N VAL C 291 -1.05 -84.98 -58.93
CA VAL C 291 -2.32 -84.56 -58.21
C VAL C 291 -1.99 -83.55 -57.01
N LYS C 292 -0.69 -83.41 -56.77
CA LYS C 292 -0.17 -82.49 -55.76
C LYS C 292 0.75 -81.44 -56.42
N ARG C 293 0.64 -81.28 -57.75
CA ARG C 293 1.43 -80.24 -58.49
C ARG C 293 0.83 -78.80 -58.38
N ALA C 294 1.25 -78.14 -57.30
CA ALA C 294 0.85 -76.78 -56.93
C ALA C 294 1.00 -75.96 -58.17
N TYR C 295 -0.13 -75.71 -58.85
CA TYR C 295 -0.11 -74.98 -60.11
C TYR C 295 0.69 -73.65 -59.95
N TYR C 296 1.39 -73.26 -61.02
CA TYR C 296 2.10 -72.01 -60.97
C TYR C 296 1.08 -70.91 -60.95
N ASN C 297 1.36 -70.02 -60.05
CA ASN C 297 0.57 -68.88 -59.82
C ASN C 297 1.13 -67.65 -60.58
N GLY C 298 2.30 -67.83 -61.18
CA GLY C 298 2.95 -66.79 -61.92
C GLY C 298 4.31 -67.18 -62.41
N ILE C 299 4.60 -66.81 -63.65
CA ILE C 299 5.89 -67.03 -64.25
C ILE C 299 6.17 -65.77 -65.06
N SER C 300 7.35 -65.16 -64.85
CA SER C 300 7.82 -64.06 -65.73
C SER C 300 8.88 -64.54 -66.74
N LEU C 301 8.76 -64.13 -68.00
CA LEU C 301 9.72 -64.59 -69.01
C LEU C 301 10.10 -63.47 -70.02
N PHE C 302 9.23 -62.45 -70.08
CA PHE C 302 9.44 -61.24 -70.87
C PHE C 302 10.86 -60.69 -70.72
N ASN C 303 11.32 -59.96 -71.73
CA ASN C 303 12.68 -59.46 -71.78
C ASN C 303 13.78 -60.50 -71.78
N ASN C 304 13.58 -61.52 -72.63
CA ASN C 304 14.49 -62.66 -72.84
C ASN C 304 14.49 -63.04 -74.31
N PRO C 305 15.62 -63.40 -74.86
CA PRO C 305 15.70 -63.74 -76.26
C PRO C 305 15.01 -65.05 -76.47
N VAL C 306 13.74 -65.02 -76.77
CA VAL C 306 12.93 -66.23 -77.00
C VAL C 306 11.53 -65.74 -77.16
N PRO C 307 11.00 -65.85 -78.36
CA PRO C 307 9.69 -65.27 -78.65
C PRO C 307 8.54 -66.15 -78.18
N TYR C 308 7.38 -65.60 -77.92
CA TYR C 308 6.30 -66.48 -77.62
C TYR C 308 6.34 -67.70 -78.59
N TRP C 309 6.26 -67.47 -79.90
CA TRP C 309 6.14 -68.56 -80.90
C TRP C 309 7.20 -69.69 -80.95
N GLU C 310 8.19 -69.63 -80.09
CA GLU C 310 9.21 -70.66 -80.10
C GLU C 310 8.88 -71.64 -78.96
N VAL C 311 7.96 -71.28 -78.08
CA VAL C 311 7.71 -72.11 -76.94
C VAL C 311 6.33 -72.66 -77.02
N GLN C 312 6.28 -73.95 -77.24
CA GLN C 312 5.07 -74.75 -77.40
C GLN C 312 4.00 -74.59 -76.31
N PRO C 313 2.69 -74.68 -76.65
CA PRO C 313 1.61 -74.41 -75.66
C PRO C 313 1.62 -75.39 -74.53
N ALA C 314 1.66 -76.67 -74.88
CA ALA C 314 1.92 -77.74 -73.94
C ALA C 314 2.93 -77.41 -72.83
N THR C 315 3.78 -76.40 -73.04
CA THR C 315 4.79 -75.99 -72.11
C THR C 315 4.22 -75.50 -70.77
N PHE C 316 3.12 -74.76 -70.84
CA PHE C 316 2.49 -74.19 -69.62
C PHE C 316 1.15 -74.87 -69.35
N ARG C 317 1.12 -76.21 -69.43
CA ARG C 317 -0.12 -76.98 -69.15
C ARG C 317 -0.62 -76.80 -67.73
N CYS C 318 0.27 -76.91 -66.77
CA CYS C 318 -0.16 -76.82 -65.39
C CYS C 318 -0.19 -75.43 -64.81
N VAL C 319 0.08 -74.40 -65.60
CA VAL C 319 -0.21 -73.06 -65.11
C VAL C 319 -1.74 -72.88 -65.09
N THR C 320 -2.24 -71.91 -64.34
CA THR C 320 -3.70 -71.72 -64.27
C THR C 320 -4.25 -70.77 -65.35
N ASP C 321 -4.39 -69.49 -65.05
CA ASP C 321 -4.84 -68.52 -66.03
C ASP C 321 -3.76 -68.38 -67.08
N ARG C 322 -4.00 -67.51 -68.05
CA ARG C 322 -3.01 -67.18 -69.07
C ARG C 322 -2.30 -65.97 -68.48
N LEU C 323 -3.11 -65.14 -67.83
CA LEU C 323 -2.62 -63.96 -67.15
C LEU C 323 -1.60 -64.32 -66.09
N ALA C 324 -1.33 -65.60 -65.85
CA ALA C 324 -0.31 -65.93 -64.88
C ALA C 324 1.01 -66.04 -65.61
N ILE C 325 1.03 -65.69 -66.90
CA ILE C 325 2.27 -65.80 -67.65
C ILE C 325 2.72 -64.51 -68.30
N GLN C 326 3.39 -63.69 -67.52
CA GLN C 326 3.92 -62.49 -68.09
C GLN C 326 4.88 -62.97 -69.14
N PHE C 327 4.48 -62.80 -70.38
CA PHE C 327 5.26 -63.30 -71.50
C PHE C 327 4.76 -62.64 -72.76
N ALA D 25 -4.26 -62.03 -47.47
CA ALA D 25 -3.02 -62.07 -48.29
C ALA D 25 -1.69 -62.06 -47.43
N MET D 26 -0.88 -63.12 -47.49
CA MET D 26 0.45 -62.99 -46.92
C MET D 26 1.22 -61.88 -47.71
N CYS D 27 2.41 -61.51 -47.25
CA CYS D 27 3.07 -60.31 -47.80
C CYS D 27 4.00 -60.34 -49.02
N PRO D 28 4.23 -59.13 -49.52
CA PRO D 28 5.07 -58.85 -50.63
C PRO D 28 6.49 -59.47 -50.52
N PHE D 29 7.17 -59.72 -51.66
CA PHE D 29 8.42 -60.47 -51.69
C PHE D 29 9.56 -60.09 -50.71
N GLY D 30 10.15 -58.93 -50.89
CA GLY D 30 11.29 -58.67 -50.04
C GLY D 30 10.84 -58.64 -48.58
N CYS D 31 9.57 -58.22 -48.40
CA CYS D 31 9.00 -57.88 -47.08
C CYS D 31 8.97 -59.00 -46.14
N HIS D 32 9.00 -58.63 -44.86
CA HIS D 32 8.95 -59.57 -43.76
C HIS D 32 7.88 -59.07 -42.94
N CYS D 33 7.09 -59.94 -42.39
CA CYS D 33 6.02 -59.42 -41.61
C CYS D 33 5.51 -60.41 -40.54
N HIS D 34 5.03 -59.88 -39.43
CA HIS D 34 4.68 -60.68 -38.34
C HIS D 34 3.55 -60.01 -37.62
N LEU D 35 2.45 -60.76 -37.45
CA LEU D 35 1.37 -60.32 -36.60
C LEU D 35 0.88 -58.94 -36.95
N ARG D 36 0.35 -58.81 -38.15
CA ARG D 36 -0.29 -57.57 -38.59
C ARG D 36 0.69 -56.42 -38.84
N VAL D 37 2.00 -56.67 -38.70
CA VAL D 37 3.00 -55.65 -39.01
C VAL D 37 3.71 -56.07 -40.29
N VAL D 38 3.82 -55.15 -41.23
CA VAL D 38 4.41 -55.43 -42.52
C VAL D 38 5.61 -54.54 -42.75
N GLN D 39 6.75 -55.17 -42.78
CA GLN D 39 8.00 -54.47 -42.96
C GLN D 39 8.57 -54.58 -44.38
N CYS D 40 8.45 -53.51 -45.16
CA CYS D 40 8.99 -53.49 -46.51
C CYS D 40 10.00 -52.42 -46.72
N SER D 41 11.18 -52.51 -46.12
CA SER D 41 12.06 -51.39 -46.21
C SER D 41 13.31 -51.64 -46.98
N ASP D 42 13.77 -50.65 -47.76
CA ASP D 42 15.06 -50.80 -48.44
C ASP D 42 15.06 -51.85 -49.58
N LEU D 43 13.90 -52.25 -50.04
CA LEU D 43 13.83 -53.15 -51.16
C LEU D 43 13.80 -52.38 -52.48
N GLY D 44 13.55 -51.06 -52.40
CA GLY D 44 13.47 -50.19 -53.57
C GLY D 44 12.39 -50.73 -54.47
N LEU D 45 11.15 -50.64 -54.03
CA LEU D 45 10.01 -51.11 -54.81
C LEU D 45 9.57 -49.98 -55.71
N LYS D 46 9.15 -50.33 -56.89
CA LYS D 46 8.67 -49.33 -57.84
C LYS D 46 7.40 -48.65 -57.35
N ALA D 47 6.48 -49.41 -56.72
CA ALA D 47 5.33 -48.80 -56.06
C ALA D 47 4.89 -49.63 -54.84
N VAL D 48 3.83 -49.22 -54.14
CA VAL D 48 3.34 -49.90 -52.96
C VAL D 48 2.87 -51.22 -53.45
N PRO D 49 3.27 -52.30 -52.80
CA PRO D 49 3.07 -53.63 -53.36
C PRO D 49 1.62 -54.08 -53.26
N LYS D 50 1.15 -54.93 -54.18
CA LYS D 50 -0.27 -55.35 -54.24
C LYS D 50 -0.67 -56.41 -53.24
N GLU D 51 0.27 -57.17 -52.71
CA GLU D 51 -0.18 -58.14 -51.72
C GLU D 51 -0.07 -57.68 -50.28
N ILE D 52 -1.11 -57.05 -49.75
CA ILE D 52 -1.08 -56.57 -48.38
C ILE D 52 -2.34 -56.91 -47.58
N SER D 53 -2.22 -57.85 -46.65
CA SER D 53 -3.37 -58.32 -45.87
C SER D 53 -4.08 -57.17 -45.25
N PRO D 54 -5.41 -57.20 -45.22
CA PRO D 54 -6.21 -56.15 -44.56
C PRO D 54 -6.06 -56.09 -43.04
N ASP D 55 -5.77 -57.23 -42.40
CA ASP D 55 -5.51 -57.30 -40.95
C ASP D 55 -4.39 -56.38 -40.51
N THR D 56 -3.62 -55.89 -41.46
CA THR D 56 -2.44 -55.06 -41.26
C THR D 56 -2.66 -53.70 -40.60
N THR D 57 -1.84 -53.51 -39.58
CA THR D 57 -1.83 -52.32 -38.74
C THR D 57 -0.65 -51.34 -38.91
N LEU D 58 0.57 -51.83 -39.10
CA LEU D 58 1.68 -50.95 -39.51
C LEU D 58 2.07 -51.34 -40.91
N LEU D 59 2.40 -50.36 -41.75
CA LEU D 59 2.92 -50.63 -43.08
C LEU D 59 4.14 -49.82 -43.14
N ASP D 60 5.30 -50.45 -42.89
CA ASP D 60 6.59 -49.71 -42.93
C ASP D 60 7.24 -49.94 -44.28
N LEU D 61 7.17 -48.97 -45.17
CA LEU D 61 7.82 -49.20 -46.44
C LEU D 61 8.60 -47.96 -46.83
N GLN D 62 9.79 -47.94 -46.19
CA GLN D 62 10.69 -46.83 -46.16
C GLN D 62 11.82 -47.09 -47.08
N ASN D 63 12.27 -46.01 -47.71
CA ASN D 63 13.48 -46.06 -48.56
C ASN D 63 13.34 -47.07 -49.68
N ASN D 64 12.32 -46.82 -50.50
CA ASN D 64 12.02 -47.59 -51.68
C ASN D 64 11.98 -46.61 -52.82
N ASP D 65 11.27 -46.96 -53.89
CA ASP D 65 11.16 -46.09 -55.05
C ASP D 65 9.81 -45.66 -55.55
N ILE D 66 8.83 -45.69 -54.66
CA ILE D 66 7.48 -45.27 -54.93
C ILE D 66 7.52 -43.84 -55.48
N SER D 67 6.70 -43.55 -56.50
CA SER D 67 6.74 -42.22 -57.14
C SER D 67 5.43 -41.50 -57.00
N GLU D 68 4.36 -42.28 -56.93
CA GLU D 68 3.05 -41.75 -56.67
C GLU D 68 2.21 -42.71 -55.83
N LEU D 69 1.04 -42.22 -55.44
CA LEU D 69 0.11 -43.10 -54.73
C LEU D 69 -1.18 -43.15 -55.53
N ARG D 70 -1.59 -44.37 -55.87
CA ARG D 70 -2.71 -44.58 -56.77
C ARG D 70 -4.02 -44.82 -56.06
N LYS D 71 -5.11 -44.51 -56.76
CA LYS D 71 -6.44 -44.61 -56.16
C LYS D 71 -6.53 -45.78 -55.23
N ASP D 72 -6.28 -46.94 -55.77
CA ASP D 72 -6.55 -48.12 -55.03
C ASP D 72 -5.31 -48.72 -54.41
N ASP D 73 -4.28 -47.89 -54.27
CA ASP D 73 -2.98 -48.34 -53.82
C ASP D 73 -3.11 -49.01 -52.43
N PHE D 74 -3.95 -48.41 -51.58
CA PHE D 74 -4.13 -48.88 -50.19
C PHE D 74 -5.49 -49.56 -49.89
N LYS D 75 -6.24 -49.87 -50.94
CA LYS D 75 -7.62 -50.36 -50.83
C LYS D 75 -7.77 -51.43 -49.78
N GLY D 76 -8.74 -51.27 -48.91
CA GLY D 76 -9.04 -52.27 -47.88
C GLY D 76 -8.11 -52.44 -46.69
N LEU D 77 -7.32 -51.43 -46.38
CA LEU D 77 -6.47 -51.49 -45.19
C LEU D 77 -7.09 -50.57 -44.17
N GLN D 78 -8.33 -50.87 -43.85
CA GLN D 78 -9.03 -50.08 -42.86
C GLN D 78 -8.44 -50.19 -41.47
N HIS D 79 -7.61 -51.17 -41.19
CA HIS D 79 -7.07 -51.26 -39.85
C HIS D 79 -5.67 -50.69 -39.75
N LEU D 80 -5.20 -50.15 -40.88
CA LEU D 80 -3.91 -49.47 -40.92
C LEU D 80 -3.96 -48.28 -39.95
N TYR D 81 -3.09 -48.35 -38.97
CA TYR D 81 -2.92 -47.35 -37.93
C TYR D 81 -1.83 -46.30 -38.30
N ALA D 82 -0.60 -46.79 -38.54
CA ALA D 82 0.56 -45.97 -38.92
C ALA D 82 1.13 -46.43 -40.23
N LEU D 83 1.26 -45.51 -41.18
CA LEU D 83 1.87 -45.81 -42.45
C LEU D 83 3.17 -45.01 -42.56
N VAL D 84 4.28 -45.72 -42.82
CA VAL D 84 5.61 -45.08 -43.03
C VAL D 84 6.13 -45.06 -44.53
N LEU D 85 6.06 -43.86 -45.13
CA LEU D 85 6.42 -43.73 -46.52
C LEU D 85 7.65 -42.88 -46.67
N VAL D 86 8.41 -42.67 -45.58
CA VAL D 86 9.63 -41.82 -45.60
C VAL D 86 10.67 -42.28 -46.56
N ASN D 87 11.49 -41.34 -47.01
CA ASN D 87 12.65 -41.67 -47.85
C ASN D 87 12.35 -42.40 -49.19
N ASN D 88 11.36 -41.87 -49.90
CA ASN D 88 10.97 -42.34 -51.21
C ASN D 88 10.90 -41.13 -52.10
N LYS D 89 10.50 -41.25 -53.34
CA LYS D 89 10.47 -40.06 -54.18
C LYS D 89 9.08 -39.85 -54.77
N ILE D 90 8.13 -39.70 -53.87
CA ILE D 90 6.72 -39.57 -54.21
C ILE D 90 6.51 -38.17 -54.77
N SER D 91 5.64 -38.00 -55.76
CA SER D 91 5.45 -36.67 -56.32
C SER D 91 4.06 -36.44 -56.84
N LYS D 92 3.25 -37.51 -56.83
CA LYS D 92 1.85 -37.40 -57.20
C LYS D 92 1.04 -38.28 -56.29
N ILE D 93 0.03 -37.69 -55.65
CA ILE D 93 -0.92 -38.44 -54.79
C ILE D 93 -2.38 -38.24 -55.21
N HIS D 94 -2.91 -39.29 -55.83
CA HIS D 94 -4.28 -39.38 -56.24
C HIS D 94 -5.24 -38.97 -55.12
N GLU D 95 -6.34 -38.35 -55.51
CA GLU D 95 -7.30 -37.88 -54.53
C GLU D 95 -7.83 -38.92 -53.57
N LYS D 96 -8.42 -39.99 -54.10
CA LYS D 96 -9.09 -41.00 -53.24
C LYS D 96 -8.09 -41.98 -52.61
N ALA D 97 -6.82 -41.57 -52.65
CA ALA D 97 -5.71 -42.42 -52.27
C ALA D 97 -5.71 -42.83 -50.81
N PHE D 98 -5.96 -41.88 -49.91
CA PHE D 98 -5.95 -42.21 -48.49
C PHE D 98 -7.31 -42.63 -47.98
N SER D 99 -8.34 -42.41 -48.80
CA SER D 99 -9.76 -42.67 -48.44
C SER D 99 -10.14 -44.04 -47.82
N PRO D 100 -9.51 -45.11 -48.24
CA PRO D 100 -9.70 -46.41 -47.59
C PRO D 100 -9.16 -46.52 -46.14
N LEU D 101 -8.47 -45.47 -45.65
CA LEU D 101 -7.74 -45.53 -44.38
C LEU D 101 -8.44 -44.99 -43.13
N ARG D 102 -9.68 -45.42 -42.90
CA ARG D 102 -10.54 -44.92 -41.80
C ARG D 102 -9.98 -44.86 -40.31
N LYS D 103 -8.95 -45.64 -39.97
CA LYS D 103 -8.38 -45.55 -38.61
C LYS D 103 -6.88 -45.12 -38.58
N LEU D 104 -6.31 -44.85 -39.76
CA LEU D 104 -4.95 -44.37 -39.89
C LEU D 104 -4.64 -43.12 -39.02
N GLN D 105 -3.81 -43.28 -37.99
CA GLN D 105 -3.41 -42.15 -37.09
C GLN D 105 -2.04 -41.52 -37.39
N LYS D 106 -1.07 -42.30 -37.89
CA LYS D 106 0.27 -41.77 -38.19
C LYS D 106 0.63 -41.85 -39.69
N LEU D 107 1.04 -40.74 -40.27
CA LEU D 107 1.36 -40.74 -41.67
C LEU D 107 2.65 -40.02 -41.82
N TYR D 108 3.75 -40.79 -41.84
CA TYR D 108 5.13 -40.24 -42.06
C TYR D 108 5.54 -40.32 -43.56
N ILE D 109 5.57 -39.16 -44.24
CA ILE D 109 6.01 -39.06 -45.63
C ILE D 109 7.01 -38.00 -45.75
N SER D 110 8.03 -38.10 -44.90
CA SER D 110 9.23 -37.20 -44.95
C SER D 110 10.24 -37.62 -46.05
N LYS D 111 11.08 -36.68 -46.48
CA LYS D 111 12.05 -36.98 -47.50
C LYS D 111 11.40 -37.52 -48.73
N ASN D 112 10.59 -36.71 -49.34
CA ASN D 112 9.92 -37.09 -50.55
C ASN D 112 9.84 -35.90 -51.47
N HIS D 113 9.36 -36.14 -52.68
CA HIS D 113 9.36 -35.09 -53.67
C HIS D 113 8.03 -34.40 -53.66
N LEU D 114 7.23 -34.60 -52.61
CA LEU D 114 5.93 -33.93 -52.49
C LEU D 114 5.97 -32.42 -52.89
N VAL D 115 4.92 -31.93 -53.59
CA VAL D 115 4.88 -30.50 -54.04
C VAL D 115 3.65 -29.72 -53.54
N GLU D 116 2.94 -30.27 -52.55
CA GLU D 116 1.72 -29.69 -51.99
C GLU D 116 1.31 -30.62 -50.84
N ILE D 117 0.83 -30.07 -49.71
CA ILE D 117 0.23 -30.91 -48.68
C ILE D 117 -0.91 -31.77 -49.20
N PRO D 118 -0.78 -33.06 -49.06
CA PRO D 118 -1.79 -33.96 -49.51
C PRO D 118 -3.16 -33.59 -48.91
N PRO D 119 -4.23 -33.76 -49.69
CA PRO D 119 -5.53 -33.47 -49.21
C PRO D 119 -6.23 -34.76 -48.82
N ASN D 120 -7.36 -34.59 -48.16
CA ASN D 120 -8.27 -35.66 -47.75
C ASN D 120 -7.63 -36.70 -46.88
N LEU D 121 -6.69 -36.27 -46.04
CA LEU D 121 -6.01 -37.17 -45.09
C LEU D 121 -7.06 -37.68 -44.10
N PRO D 122 -6.88 -38.90 -43.63
CA PRO D 122 -7.79 -39.52 -42.68
C PRO D 122 -8.15 -38.66 -41.46
N SER D 123 -9.42 -38.48 -41.17
CA SER D 123 -9.79 -37.65 -40.03
C SER D 123 -9.15 -38.19 -38.77
N SER D 124 -8.96 -39.49 -38.74
CA SER D 124 -8.41 -40.17 -37.61
C SER D 124 -7.00 -39.69 -37.25
N LEU D 125 -6.25 -39.28 -38.26
CA LEU D 125 -4.84 -38.88 -38.16
C LEU D 125 -4.49 -37.96 -37.02
N VAL D 126 -3.53 -38.37 -36.22
CA VAL D 126 -3.05 -37.56 -35.12
C VAL D 126 -1.63 -36.95 -35.35
N GLU D 127 -0.71 -37.69 -35.96
CA GLU D 127 0.60 -37.15 -36.10
C GLU D 127 0.90 -37.10 -37.58
N LEU D 128 1.48 -36.03 -38.16
CA LEU D 128 1.76 -35.99 -39.61
C LEU D 128 3.22 -35.53 -39.87
N ARG D 129 4.11 -36.43 -40.27
CA ARG D 129 5.47 -35.99 -40.61
C ARG D 129 5.65 -35.67 -42.08
N ILE D 130 6.01 -34.45 -42.44
CA ILE D 130 6.10 -34.17 -43.89
C ILE D 130 7.32 -33.33 -44.23
N HIS D 131 8.43 -33.77 -43.62
CA HIS D 131 9.73 -33.10 -43.70
C HIS D 131 10.48 -33.34 -45.01
N ASP D 132 11.44 -32.47 -45.33
CA ASP D 132 12.31 -32.64 -46.52
C ASP D 132 11.59 -32.75 -47.80
N ASN D 133 10.52 -32.00 -47.99
CA ASN D 133 9.80 -32.15 -49.20
C ASN D 133 10.06 -30.99 -50.10
N ARG D 134 9.15 -30.73 -51.02
CA ARG D 134 9.27 -29.58 -51.94
C ARG D 134 8.07 -28.63 -51.97
N ILE D 135 7.26 -28.60 -50.89
CA ILE D 135 6.01 -27.84 -50.83
C ILE D 135 6.26 -26.36 -50.74
N ARG D 136 5.77 -25.63 -51.74
CA ARG D 136 6.05 -24.22 -51.80
C ARG D 136 4.98 -23.30 -51.20
N LYS D 137 3.73 -23.73 -51.27
CA LYS D 137 2.65 -22.99 -50.63
C LYS D 137 1.64 -23.91 -49.91
N VAL D 138 1.15 -23.43 -48.78
CA VAL D 138 0.14 -24.19 -48.10
C VAL D 138 -1.14 -23.39 -48.10
N PRO D 139 -2.15 -23.90 -48.79
CA PRO D 139 -3.40 -23.20 -49.02
C PRO D 139 -4.29 -23.17 -47.81
N LYS D 140 -5.56 -22.83 -48.03
CA LYS D 140 -6.47 -22.66 -46.93
C LYS D 140 -7.09 -23.97 -46.45
N GLY D 141 -8.11 -24.49 -47.16
CA GLY D 141 -8.85 -25.65 -46.64
C GLY D 141 -8.11 -26.99 -46.50
N VAL D 142 -6.78 -26.91 -46.49
CA VAL D 142 -5.92 -28.10 -46.52
C VAL D 142 -6.08 -29.02 -45.31
N PHE D 143 -6.09 -28.44 -44.11
CA PHE D 143 -6.27 -29.20 -42.88
C PHE D 143 -7.66 -29.08 -42.34
N SER D 144 -8.54 -28.49 -43.13
CA SER D 144 -9.92 -28.29 -42.74
C SER D 144 -10.55 -29.54 -42.10
N GLY D 145 -10.35 -30.71 -42.73
CA GLY D 145 -10.91 -31.97 -42.24
C GLY D 145 -10.50 -32.44 -40.84
N LEU D 146 -9.21 -32.72 -40.66
CA LEU D 146 -8.68 -33.28 -39.41
C LEU D 146 -9.16 -32.59 -38.16
N ARG D 147 -9.42 -33.38 -37.12
CA ARG D 147 -9.85 -32.82 -35.83
C ARG D 147 -9.18 -33.51 -34.71
N ASN D 148 -8.11 -34.19 -35.04
CA ASN D 148 -7.34 -34.85 -34.01
C ASN D 148 -5.88 -34.57 -34.19
N MET D 149 -5.51 -33.69 -35.13
CA MET D 149 -4.10 -33.37 -35.33
C MET D 149 -3.49 -32.96 -34.01
N ASN D 150 -2.19 -32.79 -33.99
CA ASN D 150 -1.55 -32.27 -32.80
C ASN D 150 -0.07 -32.31 -32.98
N CYS D 151 0.37 -32.82 -34.13
CA CYS D 151 1.79 -32.95 -34.38
C CYS D 151 1.99 -32.78 -35.86
N ILE D 152 2.75 -31.77 -36.24
CA ILE D 152 2.93 -31.50 -37.65
C ILE D 152 4.33 -31.03 -37.92
N GLU D 153 5.08 -31.87 -38.67
CA GLU D 153 6.43 -31.57 -39.09
C GLU D 153 6.43 -31.07 -40.51
N MET D 154 6.84 -29.84 -40.76
CA MET D 154 6.79 -29.35 -42.14
C MET D 154 8.11 -28.74 -42.51
N GLY D 155 9.13 -28.98 -41.73
CA GLY D 155 10.39 -28.36 -42.12
C GLY D 155 11.07 -28.98 -43.35
N GLY D 156 12.22 -28.43 -43.69
CA GLY D 156 13.01 -28.96 -44.75
C GLY D 156 12.22 -28.74 -46.00
N ASN D 157 11.25 -27.84 -45.89
CA ASN D 157 10.54 -27.39 -47.07
C ASN D 157 10.95 -25.96 -47.49
N PRO D 158 10.59 -25.58 -48.71
CA PRO D 158 10.93 -24.27 -49.19
C PRO D 158 9.69 -23.46 -49.25
N LEU D 159 9.40 -22.77 -48.18
CA LEU D 159 8.24 -21.92 -48.21
C LEU D 159 8.64 -20.62 -47.53
N GLU D 160 8.33 -19.52 -48.22
CA GLU D 160 8.54 -18.22 -47.62
C GLU D 160 7.28 -17.91 -46.83
N ASN D 161 7.27 -16.78 -46.09
CA ASN D 161 6.04 -16.41 -45.40
C ASN D 161 4.91 -16.18 -46.35
N SER D 162 5.24 -15.57 -47.49
CA SER D 162 4.29 -15.33 -48.55
C SER D 162 3.64 -16.64 -49.01
N GLY D 163 4.31 -17.76 -48.80
CA GLY D 163 3.75 -19.07 -49.19
C GLY D 163 2.53 -19.49 -48.39
N PHE D 164 2.51 -19.24 -47.07
CA PHE D 164 1.30 -19.55 -46.30
C PHE D 164 0.16 -18.67 -46.78
N GLU D 165 -1.03 -18.95 -46.32
CA GLU D 165 -2.16 -18.27 -46.90
C GLU D 165 -3.19 -18.13 -45.80
N PRO D 166 -3.84 -16.97 -45.73
CA PRO D 166 -4.81 -16.70 -44.70
C PRO D 166 -5.76 -17.87 -44.47
N GLY D 167 -5.74 -18.36 -43.23
CA GLY D 167 -6.62 -19.45 -42.81
C GLY D 167 -6.15 -20.82 -43.28
N ALA D 168 -4.81 -20.99 -43.38
CA ALA D 168 -4.21 -22.26 -43.77
C ALA D 168 -4.44 -23.28 -42.67
N PHE D 169 -4.12 -22.90 -41.45
CA PHE D 169 -4.30 -23.80 -40.29
C PHE D 169 -5.65 -23.59 -39.68
N ASP D 170 -6.53 -23.13 -40.54
CA ASP D 170 -7.87 -22.86 -40.17
C ASP D 170 -8.65 -24.03 -39.49
N GLY D 171 -9.19 -23.72 -38.31
CA GLY D 171 -9.85 -24.73 -37.51
C GLY D 171 -8.94 -25.94 -37.44
N LEU D 172 -8.05 -25.97 -36.47
CA LEU D 172 -7.17 -27.10 -36.32
C LEU D 172 -6.56 -27.16 -34.92
N LYS D 173 -7.37 -27.47 -33.91
CA LYS D 173 -6.86 -27.50 -32.56
C LYS D 173 -5.66 -28.45 -32.44
N LEU D 174 -4.43 -27.94 -32.57
CA LEU D 174 -3.28 -28.83 -32.42
C LEU D 174 -2.23 -28.28 -31.50
N ASN D 175 -1.54 -29.17 -30.82
CA ASN D 175 -0.61 -28.76 -29.79
C ASN D 175 0.90 -28.71 -30.14
N TYR D 176 1.34 -29.36 -31.21
CA TYR D 176 2.75 -29.24 -31.59
C TYR D 176 2.86 -28.69 -32.99
N LEU D 177 4.00 -28.16 -33.40
CA LEU D 177 4.11 -27.61 -34.77
C LEU D 177 5.51 -27.09 -35.04
N ARG D 178 6.17 -27.67 -36.01
CA ARG D 178 7.50 -27.22 -36.21
C ARG D 178 7.75 -27.00 -37.69
N ILE D 179 8.00 -25.75 -38.00
CA ILE D 179 8.33 -25.39 -39.37
C ILE D 179 9.81 -24.98 -39.34
N SER D 180 10.67 -25.95 -39.11
CA SER D 180 12.10 -25.60 -39.10
C SER D 180 12.63 -25.48 -40.52
N GLU D 181 13.88 -25.08 -40.64
CA GLU D 181 14.62 -25.20 -41.88
C GLU D 181 13.81 -24.83 -43.14
N ALA D 182 13.04 -23.75 -43.07
CA ALA D 182 12.32 -23.35 -44.27
C ALA D 182 12.89 -22.03 -44.72
N LYS D 183 12.01 -21.13 -45.18
CA LYS D 183 12.42 -19.85 -45.74
C LYS D 183 11.68 -18.74 -45.04
N LEU D 184 11.42 -18.99 -43.74
CA LEU D 184 10.68 -18.02 -42.96
C LEU D 184 11.54 -16.75 -42.72
N THR D 185 10.96 -15.62 -43.03
CA THR D 185 11.65 -14.38 -42.81
C THR D 185 11.10 -13.70 -41.54
N GLY D 186 9.88 -14.07 -41.12
CA GLY D 186 9.34 -13.57 -39.87
C GLY D 186 8.38 -14.58 -39.25
N ILE D 187 8.07 -14.41 -37.96
CA ILE D 187 7.14 -15.33 -37.34
C ILE D 187 5.77 -15.25 -37.99
N PRO D 188 5.22 -16.40 -38.40
CA PRO D 188 3.83 -16.45 -38.93
C PRO D 188 2.82 -16.12 -37.85
N LYS D 189 1.69 -15.53 -38.23
CA LYS D 189 0.75 -15.09 -37.21
C LYS D 189 -0.53 -15.96 -37.04
N ASP D 190 -1.02 -16.49 -38.15
CA ASP D 190 -2.26 -17.25 -38.13
C ASP D 190 -2.01 -18.76 -38.00
N LEU D 191 -1.46 -19.13 -36.85
CA LEU D 191 -1.22 -20.53 -36.55
C LEU D 191 -2.33 -20.92 -35.56
N PRO D 192 -2.33 -22.17 -35.11
CA PRO D 192 -3.32 -22.67 -34.15
C PRO D 192 -3.08 -22.13 -32.75
N GLU D 193 -4.12 -21.54 -32.13
CA GLU D 193 -3.94 -20.85 -30.84
C GLU D 193 -3.64 -21.85 -29.72
N THR D 194 -4.17 -23.05 -29.96
CA THR D 194 -4.09 -24.15 -29.02
C THR D 194 -2.64 -24.57 -28.85
N LEU D 195 -1.79 -24.04 -29.72
CA LEU D 195 -0.37 -24.38 -29.80
C LEU D 195 0.32 -24.39 -28.44
N ASN D 196 0.97 -25.52 -28.17
CA ASN D 196 1.70 -25.74 -26.95
C ASN D 196 3.20 -25.73 -27.12
N GLU D 197 3.66 -26.19 -28.28
CA GLU D 197 5.05 -26.05 -28.69
C GLU D 197 5.05 -25.43 -30.09
N LEU D 198 6.04 -24.65 -30.46
CA LEU D 198 6.07 -24.09 -31.82
C LEU D 198 7.59 -23.86 -32.21
N HIS D 199 8.15 -24.62 -33.13
CA HIS D 199 9.51 -24.32 -33.38
C HIS D 199 9.60 -23.78 -34.71
N LEU D 200 10.59 -22.91 -34.90
CA LEU D 200 10.82 -22.25 -36.18
C LEU D 200 12.36 -22.20 -36.36
N ASP D 201 13.06 -23.03 -35.62
CA ASP D 201 14.51 -22.99 -35.66
C ASP D 201 14.97 -23.12 -37.08
N HIS D 202 16.16 -22.64 -37.37
CA HIS D 202 16.70 -22.68 -38.71
C HIS D 202 15.88 -22.00 -39.80
N ASN D 203 15.77 -20.69 -39.72
CA ASN D 203 15.06 -19.95 -40.73
C ASN D 203 15.81 -18.71 -41.02
N LYS D 204 15.16 -17.77 -41.67
CA LYS D 204 15.81 -16.49 -41.88
C LYS D 204 15.00 -15.40 -41.17
N ILE D 205 14.34 -15.76 -40.07
CA ILE D 205 13.54 -14.77 -39.31
C ILE D 205 14.43 -13.56 -38.95
N GLN D 206 13.86 -12.37 -39.19
CA GLN D 206 14.52 -11.09 -39.02
C GLN D 206 14.42 -10.54 -37.60
N ALA D 207 13.21 -10.49 -37.05
CA ALA D 207 13.11 -9.93 -35.72
C ALA D 207 11.78 -10.26 -35.15
N ILE D 208 11.70 -10.63 -33.90
CA ILE D 208 10.40 -10.88 -33.37
C ILE D 208 9.76 -9.62 -32.82
N GLU D 209 8.67 -9.22 -33.45
CA GLU D 209 8.00 -7.98 -33.15
C GLU D 209 6.91 -8.08 -32.10
N LEU D 210 6.17 -6.99 -31.93
CA LEU D 210 5.16 -6.89 -30.89
C LEU D 210 4.03 -7.92 -30.92
N GLU D 211 3.27 -7.97 -32.01
CA GLU D 211 2.11 -8.85 -32.03
C GLU D 211 2.44 -10.23 -32.55
N ASP D 212 3.71 -10.46 -32.88
CA ASP D 212 4.14 -11.77 -33.40
C ASP D 212 3.55 -12.98 -32.64
N LEU D 213 4.01 -13.13 -31.39
CA LEU D 213 3.56 -14.22 -30.55
C LEU D 213 2.21 -13.94 -29.90
N LEU D 214 1.49 -12.95 -30.44
CA LEU D 214 0.28 -12.47 -29.80
C LEU D 214 -0.60 -13.60 -29.37
N ARG D 215 -1.26 -14.26 -30.33
CA ARG D 215 -2.28 -15.29 -30.04
C ARG D 215 -1.79 -16.71 -29.65
N TYR D 216 -0.47 -16.88 -29.47
CA TYR D 216 0.08 -18.17 -29.05
C TYR D 216 0.18 -18.29 -27.57
N SER D 217 -0.87 -17.83 -26.89
CA SER D 217 -0.94 -17.66 -25.42
C SER D 217 -0.86 -18.88 -24.55
N LYS D 218 -0.47 -20.01 -25.12
CA LYS D 218 -0.42 -21.22 -24.33
C LYS D 218 0.83 -22.04 -24.65
N LEU D 219 1.93 -21.38 -24.93
CA LEU D 219 3.18 -22.09 -25.23
C LEU D 219 3.99 -22.56 -24.06
N TYR D 220 4.65 -23.66 -24.24
CA TYR D 220 5.54 -24.12 -23.22
C TYR D 220 6.94 -23.91 -23.74
N ARG D 221 7.13 -24.32 -24.99
CA ARG D 221 8.38 -24.09 -25.66
C ARG D 221 8.21 -23.18 -26.85
N LEU D 222 9.34 -22.59 -27.26
CA LEU D 222 9.34 -21.65 -28.37
C LEU D 222 10.76 -21.61 -28.82
N GLY D 223 11.11 -22.51 -29.72
CA GLY D 223 12.45 -22.48 -30.24
C GLY D 223 12.58 -21.44 -31.36
N LEU D 224 13.64 -20.62 -31.32
CA LEU D 224 13.94 -19.80 -32.47
C LEU D 224 15.45 -19.89 -32.72
N GLY D 225 16.12 -20.90 -32.17
CA GLY D 225 17.55 -21.07 -32.46
C GLY D 225 17.88 -20.86 -33.93
N HIS D 226 19.17 -20.81 -34.27
CA HIS D 226 19.60 -20.65 -35.69
C HIS D 226 18.68 -19.78 -36.58
N ASN D 227 18.51 -18.52 -36.20
CA ASN D 227 17.83 -17.56 -37.04
C ASN D 227 18.61 -16.26 -37.16
N GLN D 228 17.94 -15.25 -37.66
CA GLN D 228 18.63 -14.02 -37.85
C GLN D 228 18.01 -12.91 -37.02
N ILE D 229 17.51 -13.28 -35.85
CA ILE D 229 16.85 -12.28 -35.06
C ILE D 229 17.88 -11.22 -34.67
N ARG D 230 17.58 -9.99 -35.06
CA ARG D 230 18.45 -8.88 -34.78
C ARG D 230 17.86 -8.15 -33.55
N MET D 231 16.55 -7.91 -33.60
CA MET D 231 15.90 -7.16 -32.52
C MET D 231 14.53 -7.65 -32.09
N ILE D 232 14.50 -8.29 -30.93
CA ILE D 232 13.24 -8.68 -30.33
C ILE D 232 12.66 -7.51 -29.49
N GLU D 233 11.53 -6.99 -29.95
CA GLU D 233 10.88 -5.83 -29.37
C GLU D 233 10.14 -6.14 -28.11
N ASN D 234 10.30 -5.31 -27.10
CA ASN D 234 9.75 -5.65 -25.76
C ASN D 234 8.25 -5.66 -25.70
N GLY D 235 7.72 -6.45 -24.75
CA GLY D 235 6.28 -6.63 -24.60
C GLY D 235 5.79 -7.80 -25.43
N SER D 236 6.51 -8.10 -26.51
CA SER D 236 6.17 -9.23 -27.38
C SER D 236 6.19 -10.56 -26.62
N LEU D 237 7.25 -10.76 -25.83
CA LEU D 237 7.37 -11.98 -25.07
C LEU D 237 6.45 -11.94 -23.87
N SER D 238 5.63 -10.92 -23.73
CA SER D 238 4.74 -10.84 -22.57
C SER D 238 3.52 -11.77 -22.73
N PHE D 239 3.13 -12.05 -23.96
CA PHE D 239 1.88 -12.77 -24.20
C PHE D 239 1.96 -14.23 -23.81
N LEU D 240 3.16 -14.70 -23.48
CA LEU D 240 3.37 -16.15 -23.24
C LEU D 240 3.40 -16.48 -21.78
N PRO D 241 2.33 -16.15 -21.09
CA PRO D 241 2.29 -16.32 -19.66
C PRO D 241 2.97 -17.60 -19.19
N THR D 242 2.69 -18.74 -19.83
CA THR D 242 3.34 -19.98 -19.34
C THR D 242 4.59 -20.51 -20.06
N LEU D 243 5.23 -19.67 -20.89
CA LEU D 243 6.44 -20.08 -21.58
C LEU D 243 7.43 -20.66 -20.53
N ARG D 244 7.89 -21.88 -20.76
CA ARG D 244 8.82 -22.56 -19.85
C ARG D 244 10.26 -22.73 -20.43
N GLU D 245 10.44 -22.88 -21.74
CA GLU D 245 11.78 -22.97 -22.30
C GLU D 245 11.88 -22.08 -23.50
N LEU D 246 12.92 -21.26 -23.57
CA LEU D 246 13.00 -20.40 -24.68
C LEU D 246 14.38 -20.41 -25.25
N HIS D 247 14.52 -21.11 -26.38
CA HIS D 247 15.81 -21.23 -27.06
C HIS D 247 15.84 -20.01 -27.95
N LEU D 248 16.84 -19.16 -27.83
CA LEU D 248 16.81 -18.03 -28.71
C LEU D 248 18.20 -17.77 -29.11
N ASP D 249 18.95 -18.87 -29.19
CA ASP D 249 20.40 -18.97 -29.59
C ASP D 249 20.73 -18.94 -31.13
N ASN D 250 21.98 -18.65 -31.41
CA ASN D 250 22.41 -18.50 -32.77
C ASN D 250 21.66 -17.40 -33.49
N ASN D 251 21.71 -16.22 -32.95
CA ASN D 251 21.09 -15.15 -33.67
C ASN D 251 22.02 -13.96 -33.72
N LYS D 252 21.42 -12.81 -34.03
CA LYS D 252 22.13 -11.54 -34.16
C LYS D 252 21.67 -10.63 -33.04
N LEU D 253 21.16 -11.22 -31.98
CA LEU D 253 20.74 -10.45 -30.83
C LEU D 253 21.91 -9.61 -30.28
N SER D 254 21.59 -8.40 -29.81
CA SER D 254 22.61 -7.48 -29.29
C SER D 254 22.49 -7.21 -27.78
N ARG D 255 21.33 -7.54 -27.19
CA ARG D 255 21.14 -7.43 -25.74
C ARG D 255 20.10 -8.48 -25.25
N VAL D 256 20.22 -8.99 -24.01
CA VAL D 256 19.22 -9.97 -23.49
C VAL D 256 17.75 -9.52 -23.69
N PRO D 257 16.96 -10.34 -24.40
CA PRO D 257 15.62 -9.92 -24.88
C PRO D 257 14.72 -9.37 -23.78
N ALA D 258 14.16 -8.17 -23.98
CA ALA D 258 13.44 -7.48 -22.92
C ALA D 258 12.17 -8.20 -22.44
N GLY D 259 12.10 -8.49 -21.15
CA GLY D 259 10.87 -9.07 -20.65
C GLY D 259 11.03 -10.33 -19.88
N LEU D 260 12.20 -10.96 -20.06
CA LEU D 260 12.53 -12.24 -19.40
C LEU D 260 12.04 -12.36 -17.93
N PRO D 261 12.39 -11.40 -17.10
CA PRO D 261 11.93 -11.43 -15.72
C PRO D 261 10.42 -11.65 -15.58
N ASP D 262 9.65 -10.98 -16.40
CA ASP D 262 8.21 -10.99 -16.22
C ASP D 262 7.54 -12.30 -16.53
N LEU D 263 8.31 -13.26 -17.01
CA LEU D 263 7.75 -14.54 -17.42
C LEU D 263 7.79 -15.51 -16.26
N LYS D 264 6.73 -15.45 -15.44
CA LYS D 264 6.72 -16.16 -14.16
C LYS D 264 7.14 -17.64 -14.21
N LEU D 265 7.24 -18.24 -15.39
CA LEU D 265 7.65 -19.62 -15.41
C LEU D 265 8.80 -19.95 -16.38
N LEU D 266 9.44 -18.92 -16.93
CA LEU D 266 10.56 -19.16 -17.81
C LEU D 266 11.58 -19.92 -17.00
N GLN D 267 11.81 -21.22 -17.25
CA GLN D 267 12.79 -21.97 -16.48
C GLN D 267 14.10 -22.23 -17.18
N VAL D 268 14.17 -22.01 -18.48
CA VAL D 268 15.43 -22.09 -19.19
C VAL D 268 15.42 -21.25 -20.47
N VAL D 269 16.15 -20.14 -20.45
CA VAL D 269 16.36 -19.35 -21.66
C VAL D 269 17.74 -19.67 -22.25
N TYR D 270 17.83 -19.79 -23.58
CA TYR D 270 19.10 -20.12 -24.24
C TYR D 270 19.59 -18.92 -25.01
N LEU D 271 20.77 -18.37 -24.70
CA LEU D 271 21.19 -17.16 -25.42
C LEU D 271 22.58 -17.19 -26.13
N HIS D 272 23.21 -18.36 -26.12
CA HIS D 272 24.55 -18.52 -26.72
C HIS D 272 24.69 -18.19 -28.23
N THR D 273 25.93 -17.88 -28.63
CA THR D 273 26.34 -17.56 -30.00
C THR D 273 25.57 -16.38 -30.58
N ASN D 274 25.18 -15.47 -29.70
CA ASN D 274 24.51 -14.25 -30.13
C ASN D 274 25.50 -13.15 -30.35
N ASN D 275 25.08 -11.93 -30.13
CA ASN D 275 25.98 -10.78 -30.28
C ASN D 275 25.66 -9.80 -29.15
N ILE D 276 25.27 -10.40 -28.03
CA ILE D 276 24.97 -9.70 -26.82
C ILE D 276 26.31 -9.24 -26.31
N THR D 277 26.39 -7.95 -26.05
CA THR D 277 27.59 -7.29 -25.58
C THR D 277 27.53 -6.86 -24.07
N LYS D 278 26.40 -6.35 -23.64
CA LYS D 278 26.19 -5.89 -22.28
C LYS D 278 25.08 -6.73 -21.61
N VAL D 279 25.28 -7.07 -20.33
CA VAL D 279 24.25 -7.84 -19.60
C VAL D 279 23.69 -7.17 -18.30
N GLY D 280 22.67 -6.28 -18.42
CA GLY D 280 22.02 -5.70 -17.22
C GLY D 280 21.90 -6.64 -16.00
N VAL D 281 21.96 -6.10 -14.78
CA VAL D 281 21.84 -6.91 -13.55
C VAL D 281 20.45 -7.53 -13.42
N ASN D 282 19.42 -6.78 -13.84
CA ASN D 282 18.03 -7.19 -13.73
C ASN D 282 17.45 -7.72 -15.03
N ASP D 283 18.30 -8.37 -15.80
CA ASP D 283 17.91 -8.91 -17.10
C ASP D 283 17.28 -10.26 -16.91
N PHE D 284 17.63 -10.96 -15.84
CA PHE D 284 17.09 -12.29 -15.70
C PHE D 284 16.19 -12.41 -14.51
N CYS D 285 16.64 -11.88 -13.41
CA CYS D 285 15.79 -11.94 -12.25
C CYS D 285 14.95 -10.69 -12.23
N PRO D 286 13.87 -10.73 -11.44
CA PRO D 286 13.01 -9.57 -11.27
C PRO D 286 13.52 -8.64 -10.13
N VAL D 287 13.15 -7.37 -10.23
CA VAL D 287 13.67 -6.41 -9.32
C VAL D 287 13.26 -6.78 -7.94
N GLY D 288 12.00 -7.17 -7.75
CA GLY D 288 11.53 -7.44 -6.39
C GLY D 288 10.86 -8.76 -6.10
N PHE D 289 11.66 -9.82 -6.06
CA PHE D 289 11.22 -11.24 -5.84
C PHE D 289 9.81 -11.53 -5.30
N GLY D 290 9.08 -12.30 -6.12
CA GLY D 290 7.73 -12.81 -5.83
C GLY D 290 7.71 -14.34 -5.94
N VAL D 291 7.20 -14.96 -4.87
CA VAL D 291 7.10 -16.40 -4.74
C VAL D 291 6.43 -16.96 -6.00
N LYS D 292 5.61 -16.12 -6.61
CA LYS D 292 5.00 -16.39 -7.93
C LYS D 292 5.85 -17.22 -8.99
N ARG D 293 7.01 -16.70 -9.45
CA ARG D 293 7.79 -17.27 -10.62
C ARG D 293 8.78 -18.39 -10.35
N ALA D 294 9.31 -19.00 -11.38
CA ALA D 294 10.26 -20.05 -11.14
C ALA D 294 11.67 -19.50 -11.11
N TYR D 295 12.61 -20.28 -10.55
CA TYR D 295 14.05 -20.02 -10.61
C TYR D 295 14.54 -20.55 -11.94
N TYR D 296 15.54 -19.91 -12.58
CA TYR D 296 15.94 -20.36 -13.93
C TYR D 296 16.65 -21.58 -13.68
N ASN D 297 16.46 -22.47 -14.62
CA ASN D 297 16.91 -23.82 -14.48
C ASN D 297 18.01 -24.02 -15.43
N GLY D 298 18.21 -23.00 -16.27
CA GLY D 298 19.23 -22.95 -17.31
C GLY D 298 19.33 -21.66 -18.11
N ILE D 299 20.53 -21.14 -18.20
CA ILE D 299 20.82 -19.98 -18.98
C ILE D 299 22.13 -20.20 -19.79
N SER D 300 22.01 -20.20 -21.11
CA SER D 300 23.22 -20.19 -21.92
C SER D 300 23.67 -18.71 -22.33
N LEU D 301 24.97 -18.41 -22.29
CA LEU D 301 25.45 -17.10 -22.65
C LEU D 301 26.80 -17.17 -23.45
N PHE D 302 27.54 -18.28 -23.28
CA PHE D 302 28.87 -18.51 -23.89
C PHE D 302 28.80 -18.16 -25.36
N ASN D 303 29.95 -17.92 -25.96
CA ASN D 303 30.04 -17.56 -27.37
C ASN D 303 29.38 -16.28 -27.76
N ASN D 304 29.50 -15.33 -26.82
CA ASN D 304 28.99 -13.95 -26.91
C ASN D 304 30.02 -12.89 -26.50
N PRO D 305 30.10 -11.78 -27.20
CA PRO D 305 31.03 -10.72 -26.83
C PRO D 305 30.64 -10.02 -25.52
N VAL D 306 31.10 -10.56 -24.39
CA VAL D 306 30.84 -10.01 -23.07
C VAL D 306 31.39 -11.01 -22.11
N PRO D 307 32.53 -10.72 -21.55
CA PRO D 307 33.29 -11.64 -20.72
C PRO D 307 32.75 -11.92 -19.34
N TYR D 308 33.11 -13.06 -18.77
CA TYR D 308 32.41 -13.48 -17.57
C TYR D 308 32.46 -12.36 -16.61
N TRP D 309 33.69 -11.92 -16.44
CA TRP D 309 34.01 -10.91 -15.46
C TRP D 309 33.37 -9.56 -15.69
N GLU D 310 32.52 -9.48 -16.72
CA GLU D 310 31.87 -8.22 -17.01
C GLU D 310 30.45 -8.30 -16.51
N VAL D 311 29.99 -9.51 -16.17
CA VAL D 311 28.63 -9.68 -15.70
C VAL D 311 28.54 -10.05 -14.23
N GLN D 312 28.15 -9.06 -13.42
CA GLN D 312 28.10 -9.15 -11.99
C GLN D 312 27.33 -10.41 -11.55
N PRO D 313 27.70 -11.06 -10.42
CA PRO D 313 27.06 -12.32 -9.96
C PRO D 313 25.56 -12.17 -9.60
N ALA D 314 25.24 -11.11 -8.86
CA ALA D 314 23.87 -10.68 -8.59
C ALA D 314 22.99 -10.80 -9.80
N THR D 315 23.58 -10.83 -11.00
CA THR D 315 22.83 -10.93 -12.26
C THR D 315 22.06 -12.26 -12.34
N PHE D 316 22.66 -13.31 -11.75
CA PHE D 316 22.03 -14.67 -11.73
C PHE D 316 21.55 -15.03 -10.31
N ARG D 317 20.89 -14.11 -9.62
CA ARG D 317 20.51 -14.40 -8.27
C ARG D 317 19.47 -15.52 -8.14
N CYS D 318 18.44 -15.44 -8.97
CA CYS D 318 17.36 -16.39 -8.96
C CYS D 318 17.55 -17.69 -9.80
N VAL D 319 18.71 -17.92 -10.40
CA VAL D 319 19.01 -19.20 -11.05
C VAL D 319 19.31 -20.20 -9.93
N THR D 320 19.20 -21.50 -10.17
CA THR D 320 19.37 -22.37 -9.04
C THR D 320 20.79 -22.78 -8.93
N ASP D 321 21.14 -23.94 -9.43
CA ASP D 321 22.52 -24.33 -9.45
C ASP D 321 23.43 -23.29 -10.19
N ARG D 322 24.73 -23.56 -10.17
CA ARG D 322 25.69 -22.81 -10.96
C ARG D 322 25.66 -23.56 -12.30
N LEU D 323 25.54 -24.88 -12.21
CA LEU D 323 25.55 -25.73 -13.39
C LEU D 323 24.40 -25.42 -14.28
N ALA D 324 23.48 -24.57 -13.82
CA ALA D 324 22.43 -24.18 -14.73
C ALA D 324 22.85 -23.03 -15.68
N ILE D 325 24.12 -22.66 -15.66
CA ILE D 325 24.54 -21.51 -16.43
C ILE D 325 25.65 -21.85 -17.35
N GLN D 326 25.29 -22.35 -18.50
CA GLN D 326 26.32 -22.47 -19.47
C GLN D 326 26.88 -21.03 -19.70
N PHE D 327 28.11 -20.81 -19.19
CA PHE D 327 28.82 -19.53 -19.26
C PHE D 327 30.33 -19.38 -18.76
N GLY D 328 30.90 -20.26 -17.94
CA GLY D 328 32.32 -20.06 -17.53
C GLY D 328 32.60 -20.23 -16.04
N ALA E 25 26.93 0.91 29.76
CA ALA E 25 25.74 0.69 28.87
C ALA E 25 24.41 1.57 29.19
N MET E 26 24.01 2.46 28.27
CA MET E 26 22.75 3.13 28.43
C MET E 26 21.71 2.03 28.31
N CYS E 27 20.47 2.33 28.67
CA CYS E 27 19.48 1.27 28.85
C CYS E 27 18.61 0.79 27.72
N PRO E 28 17.98 -0.35 28.03
CA PRO E 28 17.01 -1.05 27.16
C PRO E 28 15.92 -0.17 26.50
N PHE E 29 15.39 -0.56 25.34
CA PHE E 29 14.56 0.35 24.54
C PHE E 29 13.35 0.97 25.18
N GLY E 30 12.41 0.17 25.66
CA GLY E 30 11.19 0.81 26.24
C GLY E 30 11.54 1.59 27.47
N CYS E 31 12.57 1.10 28.13
CA CYS E 31 13.06 1.60 29.39
C CYS E 31 13.52 3.04 29.43
N HIS E 32 13.22 3.65 30.57
CA HIS E 32 13.58 5.01 30.93
C HIS E 32 14.34 4.88 32.22
N CYS E 33 15.40 5.64 32.34
CA CYS E 33 16.24 5.47 33.48
C CYS E 33 17.06 6.69 33.72
N HIS E 34 17.36 6.91 34.98
CA HIS E 34 17.95 8.16 35.37
C HIS E 34 18.76 7.89 36.62
N LEU E 35 20.03 8.24 36.60
CA LEU E 35 20.83 8.20 37.83
C LEU E 35 20.78 6.87 38.53
N ARG E 36 21.20 5.85 37.80
CA ARG E 36 21.37 4.50 38.34
C ARG E 36 20.06 3.75 38.61
N VAL E 37 18.93 4.34 38.22
CA VAL E 37 17.63 3.68 38.36
C VAL E 37 17.14 3.38 36.99
N VAL E 38 16.82 2.12 36.74
CA VAL E 38 16.39 1.68 35.46
C VAL E 38 14.98 1.20 35.62
N GLN E 39 14.09 1.85 34.89
CA GLN E 39 12.66 1.58 34.94
C GLN E 39 12.16 0.87 33.70
N CYS E 40 11.92 -0.44 33.72
CA CYS E 40 11.46 -1.14 32.51
C CYS E 40 10.11 -1.78 32.71
N SER E 41 9.07 -1.01 32.92
CA SER E 41 7.86 -1.69 33.26
C SER E 41 6.78 -1.67 32.14
N ASP E 42 5.98 -2.71 32.08
CA ASP E 42 4.83 -2.68 31.20
C ASP E 42 5.19 -2.68 29.74
N LEU E 43 6.44 -3.02 29.43
CA LEU E 43 6.92 -3.21 28.06
C LEU E 43 6.68 -4.60 27.53
N GLY E 44 6.39 -5.56 28.41
CA GLY E 44 6.19 -6.94 27.96
C GLY E 44 7.44 -7.43 27.23
N LEU E 45 8.54 -7.52 27.97
CA LEU E 45 9.77 -7.97 27.39
C LEU E 45 9.77 -9.45 27.58
N LYS E 46 10.31 -10.14 26.59
CA LYS E 46 10.46 -11.60 26.52
C LYS E 46 11.43 -12.09 27.60
N ALA E 47 12.53 -11.35 27.78
CA ALA E 47 13.38 -11.60 28.91
C ALA E 47 14.03 -10.37 29.49
N VAL E 48 14.82 -10.53 30.53
CA VAL E 48 15.53 -9.45 31.17
C VAL E 48 16.42 -8.91 30.05
N PRO E 49 16.45 -7.59 29.78
CA PRO E 49 17.17 -7.05 28.61
C PRO E 49 18.69 -7.01 28.85
N LYS E 50 19.48 -7.22 27.79
CA LYS E 50 20.96 -7.33 27.89
C LYS E 50 21.74 -6.04 28.18
N GLU E 51 21.20 -4.89 27.78
CA GLU E 51 21.93 -3.64 28.00
C GLU E 51 21.60 -2.94 29.32
N ILE E 52 22.28 -3.35 30.40
CA ILE E 52 21.98 -2.77 31.74
C ILE E 52 23.21 -2.29 32.47
N SER E 53 23.45 -0.98 32.47
CA SER E 53 24.70 -0.46 33.07
C SER E 53 24.92 -1.09 34.41
N PRO E 54 26.18 -1.44 34.72
CA PRO E 54 26.55 -1.98 36.04
C PRO E 54 26.37 -0.95 37.17
N ASP E 55 26.42 0.33 36.84
CA ASP E 55 26.16 1.42 37.80
C ASP E 55 24.80 1.34 38.45
N THR E 56 23.95 0.49 37.86
CA THR E 56 22.55 0.33 38.23
C THR E 56 22.23 -0.19 39.62
N THR E 57 21.33 0.54 40.30
CA THR E 57 20.96 0.28 41.69
C THR E 57 19.53 -0.24 41.91
N LEU E 58 18.57 0.25 41.13
CA LEU E 58 17.23 -0.31 41.17
C LEU E 58 16.99 -0.86 39.80
N LEU E 59 16.42 -2.05 39.69
CA LEU E 59 16.06 -2.56 38.37
C LEU E 59 14.62 -2.88 38.55
N ASP E 60 13.75 -2.02 37.98
CA ASP E 60 12.26 -2.21 38.10
C ASP E 60 11.77 -2.75 36.81
N LEU E 61 11.57 -4.05 36.71
CA LEU E 61 11.04 -4.55 35.48
C LEU E 61 9.82 -5.41 35.79
N GLN E 62 8.72 -4.69 35.95
CA GLN E 62 7.49 -5.26 36.43
C GLN E 62 6.48 -5.37 35.33
N ASN E 63 5.69 -6.43 35.41
CA ASN E 63 4.66 -6.68 34.43
C ASN E 63 5.17 -6.71 32.99
N ASN E 64 6.08 -7.65 32.75
CA ASN E 64 6.55 -7.95 31.43
C ASN E 64 6.20 -9.39 31.13
N ASP E 65 7.03 -10.08 30.34
CA ASP E 65 6.83 -11.50 30.01
C ASP E 65 7.96 -12.41 30.25
N ILE E 66 8.78 -12.09 31.24
CA ILE E 66 9.97 -12.85 31.57
C ILE E 66 9.51 -14.23 32.00
N SER E 67 10.19 -15.30 31.53
CA SER E 67 9.74 -16.69 31.79
C SER E 67 10.73 -17.43 32.59
N GLU E 68 11.98 -17.04 32.41
CA GLU E 68 13.03 -17.60 33.22
C GLU E 68 14.13 -16.62 33.53
N LEU E 69 15.03 -17.01 34.43
CA LEU E 69 16.18 -16.18 34.70
C LEU E 69 17.41 -17.05 34.37
N ARG E 70 18.26 -16.49 33.53
CA ARG E 70 19.37 -17.23 32.96
C ARG E 70 20.67 -16.98 33.72
N LYS E 71 21.62 -17.92 33.66
CA LYS E 71 22.89 -17.82 34.38
C LYS E 71 23.39 -16.38 34.41
N ASP E 72 23.59 -15.82 33.21
CA ASP E 72 24.22 -14.51 33.05
C ASP E 72 23.24 -13.39 32.73
N ASP E 73 21.97 -13.66 33.01
CA ASP E 73 20.93 -12.67 32.87
C ASP E 73 21.30 -11.39 33.62
N PHE E 74 21.83 -11.49 34.83
CA PHE E 74 22.13 -10.29 35.60
C PHE E 74 23.61 -9.96 35.72
N LYS E 75 24.44 -10.63 34.93
CA LYS E 75 25.88 -10.51 35.12
C LYS E 75 26.35 -9.08 35.35
N GLY E 76 27.24 -8.90 36.32
CA GLY E 76 27.86 -7.60 36.58
C GLY E 76 27.02 -6.47 37.12
N LEU E 77 25.94 -6.78 37.84
CA LEU E 77 25.15 -5.72 38.48
C LEU E 77 25.38 -5.82 39.93
N GLN E 78 26.63 -5.66 40.33
CA GLN E 78 27.00 -5.83 41.73
C GLN E 78 26.62 -4.67 42.59
N HIS E 79 26.07 -3.65 41.98
CA HIS E 79 25.55 -2.60 42.81
C HIS E 79 24.02 -2.62 42.79
N LEU E 80 23.44 -3.61 42.16
CA LEU E 80 22.02 -3.74 42.24
C LEU E 80 21.63 -3.97 43.70
N TYR E 81 20.77 -3.06 44.18
CA TYR E 81 20.21 -3.06 45.55
C TYR E 81 18.84 -3.77 45.67
N ALA E 82 17.87 -3.33 44.89
CA ALA E 82 16.51 -3.87 44.89
C ALA E 82 16.11 -4.23 43.48
N LEU E 83 15.69 -5.47 43.29
CA LEU E 83 15.25 -5.90 41.96
C LEU E 83 13.80 -6.22 42.04
N VAL E 84 13.04 -5.63 41.09
CA VAL E 84 11.57 -5.82 41.04
C VAL E 84 11.11 -6.65 39.81
N LEU E 85 10.73 -7.90 40.08
CA LEU E 85 10.37 -8.76 38.98
C LEU E 85 8.90 -9.09 39.02
N VAL E 86 8.18 -8.57 40.02
CA VAL E 86 6.74 -8.80 40.12
C VAL E 86 5.97 -8.75 38.78
N ASN E 87 4.84 -9.46 38.78
CA ASN E 87 3.88 -9.46 37.68
C ASN E 87 4.38 -9.90 36.34
N ASN E 88 5.16 -11.00 36.37
CA ASN E 88 5.73 -11.65 35.20
C ASN E 88 5.38 -13.10 35.30
N LYS E 89 5.85 -13.92 34.37
CA LYS E 89 5.49 -15.32 34.38
C LYS E 89 6.70 -16.17 34.46
N ILE E 90 7.43 -15.98 35.53
CA ILE E 90 8.69 -16.69 35.69
C ILE E 90 8.44 -18.11 36.15
N SER E 91 9.21 -19.07 35.64
CA SER E 91 8.96 -20.43 36.06
C SER E 91 10.21 -21.31 36.21
N LYS E 92 11.35 -20.75 35.81
CA LYS E 92 12.63 -21.45 35.85
C LYS E 92 13.70 -20.46 36.25
N ILE E 93 14.44 -20.76 37.31
CA ILE E 93 15.52 -19.84 37.66
C ILE E 93 16.81 -20.59 37.81
N HIS E 94 17.67 -20.38 36.84
CA HIS E 94 18.98 -20.97 36.82
C HIS E 94 19.68 -20.84 38.18
N GLU E 95 20.55 -21.79 38.50
CA GLU E 95 21.27 -21.77 39.78
C GLU E 95 22.18 -20.57 40.07
N LYS E 96 23.04 -20.23 39.11
CA LYS E 96 23.99 -19.11 39.32
C LYS E 96 23.38 -17.72 38.96
N ALA E 97 22.05 -17.71 38.81
CA ALA E 97 21.31 -16.56 38.30
C ALA E 97 21.48 -15.37 39.17
N PHE E 98 21.33 -15.54 40.47
CA PHE E 98 21.45 -14.43 41.40
C PHE E 98 22.89 -14.18 41.87
N SER E 99 23.80 -15.14 41.63
CA SER E 99 25.14 -15.00 42.15
C SER E 99 25.93 -13.70 41.89
N PRO E 100 25.72 -13.08 40.75
CA PRO E 100 26.33 -11.76 40.51
C PRO E 100 25.89 -10.66 41.44
N LEU E 101 24.87 -10.91 42.26
CA LEU E 101 24.20 -9.84 43.01
C LEU E 101 24.63 -9.55 44.48
N ARG E 102 25.94 -9.40 44.70
CA ARG E 102 26.54 -9.28 46.05
C ARG E 102 25.97 -8.25 47.06
N LYS E 103 25.28 -7.22 46.60
CA LYS E 103 24.70 -6.22 47.52
C LYS E 103 23.16 -6.09 47.38
N LEU E 104 22.56 -6.88 46.49
CA LEU E 104 21.11 -7.00 46.45
C LEU E 104 20.41 -7.19 47.84
N GLN E 105 19.65 -6.21 48.30
CA GLN E 105 18.89 -6.35 49.55
C GLN E 105 17.37 -6.59 49.42
N LYS E 106 16.71 -6.07 48.37
CA LYS E 106 15.28 -6.36 48.11
C LYS E 106 15.00 -7.15 46.79
N LEU E 107 14.28 -8.26 46.90
CA LEU E 107 13.93 -9.05 45.73
C LEU E 107 12.43 -9.27 45.73
N TYR E 108 11.70 -8.53 44.90
CA TYR E 108 10.26 -8.73 44.82
C TYR E 108 9.94 -9.53 43.53
N ILE E 109 9.50 -10.76 43.73
CA ILE E 109 9.11 -11.62 42.60
C ILE E 109 7.74 -12.16 42.81
N SER E 110 6.82 -11.35 43.32
CA SER E 110 5.47 -11.82 43.50
C SER E 110 4.73 -12.01 42.19
N LYS E 111 3.55 -12.63 42.24
CA LYS E 111 2.75 -12.77 41.05
C LYS E 111 3.56 -13.33 39.90
N ASN E 112 4.11 -14.51 40.13
CA ASN E 112 4.80 -15.26 39.09
C ASN E 112 4.47 -16.75 39.15
N HIS E 113 4.91 -17.50 38.13
CA HIS E 113 4.67 -18.95 38.06
C HIS E 113 5.68 -19.78 38.87
N LEU E 114 6.51 -19.13 39.68
CA LEU E 114 7.49 -19.86 40.47
C LEU E 114 6.93 -21.17 41.06
N VAL E 115 7.77 -22.20 41.19
CA VAL E 115 7.27 -23.46 41.70
C VAL E 115 8.18 -24.04 42.76
N GLU E 116 9.02 -23.19 43.34
CA GLU E 116 9.91 -23.59 44.43
C GLU E 116 10.61 -22.33 44.87
N ILE E 117 10.93 -22.18 46.16
CA ILE E 117 11.66 -20.97 46.61
C ILE E 117 13.01 -20.96 45.94
N PRO E 118 13.35 -19.88 45.25
CA PRO E 118 14.60 -19.82 44.53
C PRO E 118 15.76 -20.02 45.49
N PRO E 119 16.84 -20.69 45.07
CA PRO E 119 17.95 -20.94 46.00
C PRO E 119 19.12 -19.98 45.72
N ASN E 120 20.08 -19.92 46.66
CA ASN E 120 21.30 -19.13 46.51
C ASN E 120 20.99 -17.66 46.35
N LEU E 121 19.99 -17.21 47.07
CA LEU E 121 19.66 -15.79 47.02
C LEU E 121 20.82 -15.03 47.73
N PRO E 122 21.07 -13.81 47.32
CA PRO E 122 22.12 -13.02 47.90
C PRO E 122 22.06 -12.93 49.41
N SER E 123 23.15 -13.28 50.10
CA SER E 123 23.24 -13.15 51.59
C SER E 123 22.88 -11.76 52.08
N SER E 124 23.17 -10.78 51.23
CA SER E 124 22.87 -9.39 51.51
C SER E 124 21.37 -9.13 51.73
N LEU E 125 20.52 -9.88 51.00
CA LEU E 125 19.07 -9.74 50.98
C LEU E 125 18.44 -9.62 52.34
N VAL E 126 17.63 -8.57 52.52
CA VAL E 126 16.86 -8.33 53.77
C VAL E 126 15.33 -8.59 53.64
N GLU E 127 14.76 -8.22 52.50
CA GLU E 127 13.33 -8.32 52.22
C GLU E 127 13.10 -9.24 50.97
N LEU E 128 12.18 -10.18 51.04
CA LEU E 128 11.89 -11.08 49.90
C LEU E 128 10.37 -11.22 49.66
N ARG E 129 9.83 -10.57 48.64
CA ARG E 129 8.39 -10.74 48.34
C ARG E 129 8.11 -11.85 47.28
N ILE E 130 7.36 -12.89 47.66
CA ILE E 130 7.23 -14.01 46.74
C ILE E 130 5.81 -14.49 46.68
N HIS E 131 4.92 -13.51 46.77
CA HIS E 131 3.47 -13.72 46.80
C HIS E 131 2.87 -14.24 45.48
N ASP E 132 1.61 -14.69 45.50
CA ASP E 132 0.94 -15.16 44.26
C ASP E 132 1.68 -16.15 43.40
N ASN E 133 2.46 -17.05 44.01
CA ASN E 133 3.18 -17.98 43.20
C ASN E 133 2.56 -19.34 43.26
N ARG E 134 3.32 -20.38 42.94
CA ARG E 134 2.76 -21.72 42.84
C ARG E 134 3.56 -22.71 43.67
N ILE E 135 4.28 -22.21 44.67
CA ILE E 135 5.18 -23.04 45.51
C ILE E 135 4.44 -24.01 46.38
N ARG E 136 4.67 -25.30 46.14
CA ARG E 136 3.91 -26.30 46.92
C ARG E 136 4.58 -26.85 48.18
N LYS E 137 5.90 -26.81 48.23
CA LYS E 137 6.56 -27.22 49.41
C LYS E 137 7.81 -26.41 49.60
N VAL E 138 8.13 -26.15 50.84
CA VAL E 138 9.36 -25.45 51.11
C VAL E 138 10.26 -26.40 51.90
N PRO E 139 11.39 -26.78 51.30
CA PRO E 139 12.30 -27.75 51.87
C PRO E 139 13.13 -27.19 52.99
N LYS E 140 14.26 -27.83 53.29
CA LYS E 140 15.00 -27.46 54.49
C LYS E 140 16.02 -26.37 54.30
N GLY E 141 17.16 -26.71 53.73
CA GLY E 141 18.25 -25.73 53.63
C GLY E 141 18.03 -24.47 52.78
N VAL E 142 16.77 -24.17 52.44
CA VAL E 142 16.42 -23.13 51.47
C VAL E 142 16.88 -21.72 51.85
N PHE E 143 16.67 -21.36 53.10
CA PHE E 143 17.07 -20.04 53.61
C PHE E 143 18.32 -20.15 54.42
N SER E 144 18.94 -21.34 54.40
CA SER E 144 20.11 -21.59 55.22
C SER E 144 21.14 -20.45 55.08
N GLY E 145 21.35 -19.98 53.84
CA GLY E 145 22.30 -18.92 53.54
C GLY E 145 22.07 -17.60 54.26
N LEU E 146 21.03 -16.87 53.85
CA LEU E 146 20.71 -15.56 54.41
C LEU E 146 20.89 -15.38 55.92
N ARG E 147 21.32 -14.21 56.31
CA ARG E 147 21.49 -13.97 57.70
C ARG E 147 21.07 -12.55 57.95
N ASN E 148 20.37 -11.98 56.98
CA ASN E 148 19.89 -10.61 57.12
C ASN E 148 18.40 -10.54 56.80
N MET E 149 17.77 -11.71 56.64
CA MET E 149 16.35 -11.71 56.32
C MET E 149 15.63 -10.97 57.43
N ASN E 150 14.35 -10.65 57.22
CA ASN E 150 13.54 -10.10 58.28
C ASN E 150 12.18 -9.78 57.72
N CYS E 151 11.98 -10.11 56.47
CA CYS E 151 10.71 -9.77 55.87
C CYS E 151 10.43 -10.81 54.77
N ILE E 152 9.43 -11.66 54.92
CA ILE E 152 9.19 -12.70 53.94
C ILE E 152 7.71 -12.83 53.65
N GLU E 153 7.30 -12.51 52.44
CA GLU E 153 5.94 -12.66 52.01
C GLU E 153 5.81 -13.97 51.20
N MET E 154 5.07 -14.94 51.71
CA MET E 154 4.86 -16.21 50.99
C MET E 154 3.39 -16.49 50.64
N GLY E 155 2.49 -15.55 50.92
CA GLY E 155 1.08 -15.80 50.76
C GLY E 155 0.76 -15.89 49.31
N GLY E 156 -0.48 -16.26 48.99
CA GLY E 156 -0.92 -16.43 47.59
C GLY E 156 -0.28 -17.69 46.98
N ASN E 157 0.24 -18.58 47.82
CA ASN E 157 0.76 -19.81 47.33
C ASN E 157 -0.06 -20.95 47.86
N PRO E 158 0.03 -22.11 47.25
CA PRO E 158 -0.71 -23.27 47.69
C PRO E 158 0.22 -24.16 48.49
N LEU E 159 0.23 -24.00 49.78
CA LEU E 159 0.98 -24.96 50.51
C LEU E 159 0.19 -25.33 51.73
N GLU E 160 0.13 -26.63 52.00
CA GLU E 160 -0.59 -27.16 53.16
C GLU E 160 0.41 -27.21 54.24
N ASN E 161 0.02 -27.65 55.41
CA ASN E 161 1.00 -27.71 56.45
C ASN E 161 1.97 -28.82 56.16
N SER E 162 1.45 -29.87 55.56
CA SER E 162 2.29 -30.96 55.12
C SER E 162 3.40 -30.49 54.13
N GLY E 163 3.17 -29.41 53.40
CA GLY E 163 4.20 -28.88 52.50
C GLY E 163 5.47 -28.37 53.18
N PHE E 164 5.39 -27.78 54.37
CA PHE E 164 6.59 -27.35 55.07
C PHE E 164 7.33 -28.60 55.53
N GLU E 165 8.53 -28.40 56.04
CA GLU E 165 9.38 -29.52 56.28
C GLU E 165 10.26 -29.11 57.42
N PRO E 166 10.50 -30.06 58.30
CA PRO E 166 11.29 -29.85 59.52
C PRO E 166 12.54 -29.06 59.29
N GLY E 167 12.64 -27.89 59.91
CA GLY E 167 13.82 -27.04 59.75
C GLY E 167 13.91 -26.31 58.42
N ALA E 168 12.78 -25.86 57.90
CA ALA E 168 12.72 -25.12 56.63
C ALA E 168 13.23 -23.71 56.89
N PHE E 169 12.77 -23.10 57.98
CA PHE E 169 13.20 -21.75 58.35
C PHE E 169 14.42 -21.81 59.23
N ASP E 170 15.01 -23.00 59.25
CA ASP E 170 16.21 -23.28 60.01
C ASP E 170 17.29 -22.15 59.97
N GLY E 171 17.71 -21.72 61.18
CA GLY E 171 18.71 -20.65 61.35
C GLY E 171 18.30 -19.53 60.43
N LEU E 172 17.40 -18.69 60.91
CA LEU E 172 16.97 -17.56 60.14
C LEU E 172 16.36 -16.51 61.08
N LYS E 173 17.21 -15.81 61.81
CA LYS E 173 16.73 -14.77 62.72
C LYS E 173 15.96 -13.69 61.95
N LEU E 174 14.65 -13.79 61.86
CA LEU E 174 13.93 -12.77 61.11
C LEU E 174 12.74 -12.24 61.84
N ASN E 175 12.35 -11.02 61.56
CA ASN E 175 11.33 -10.45 62.41
C ASN E 175 9.93 -10.35 61.82
N TYR E 176 9.77 -10.51 60.51
CA TYR E 176 8.41 -10.41 59.93
C TYR E 176 8.15 -11.67 59.15
N LEU E 177 6.92 -11.97 58.80
CA LEU E 177 6.69 -13.25 58.09
C LEU E 177 5.23 -13.41 57.91
N ARG E 178 4.79 -13.45 56.67
CA ARG E 178 3.40 -13.56 56.42
C ARG E 178 3.08 -14.70 55.46
N ILE E 179 2.48 -15.77 55.96
CA ILE E 179 2.04 -16.80 55.06
C ILE E 179 0.52 -16.71 54.92
N SER E 180 0.02 -15.62 54.33
CA SER E 180 -1.41 -15.48 54.15
C SER E 180 -1.93 -16.29 52.96
N GLU E 181 -3.23 -16.30 52.82
CA GLU E 181 -3.85 -16.87 51.67
C GLU E 181 -3.14 -18.16 51.19
N ALA E 182 -2.87 -19.10 52.07
CA ALA E 182 -2.37 -20.36 51.59
C ALA E 182 -3.36 -21.44 51.87
N LYS E 183 -2.85 -22.59 52.28
CA LYS E 183 -3.71 -23.72 52.57
C LYS E 183 -3.42 -24.26 53.93
N LEU E 184 -3.03 -23.38 54.82
CA LEU E 184 -2.73 -23.81 56.16
C LEU E 184 -4.01 -24.24 56.85
N THR E 185 -3.90 -25.42 57.46
CA THR E 185 -4.94 -26.02 58.27
C THR E 185 -4.72 -25.81 59.82
N GLY E 186 -3.48 -25.54 60.20
CA GLY E 186 -3.16 -25.13 61.55
C GLY E 186 -1.94 -24.21 61.54
N ILE E 187 -1.62 -23.63 62.69
CA ILE E 187 -0.45 -22.82 62.88
C ILE E 187 0.79 -23.69 62.85
N PRO E 188 1.75 -23.33 62.00
CA PRO E 188 3.02 -24.04 61.91
C PRO E 188 3.87 -23.78 63.11
N LYS E 189 4.67 -24.74 63.51
CA LYS E 189 5.35 -24.60 64.77
C LYS E 189 6.85 -24.24 64.69
N ASP E 190 7.53 -24.68 63.63
CA ASP E 190 8.98 -24.45 63.49
C ASP E 190 9.27 -23.23 62.62
N LEU E 191 8.83 -22.08 63.08
CA LEU E 191 9.10 -20.88 62.40
C LEU E 191 10.25 -20.28 63.19
N PRO E 192 10.65 -19.05 62.85
CA PRO E 192 11.72 -18.31 63.56
C PRO E 192 11.27 -17.72 64.91
N GLU E 193 12.02 -18.00 65.96
CA GLU E 193 11.63 -17.58 67.31
C GLU E 193 11.75 -16.08 67.46
N THR E 194 12.65 -15.53 66.64
CA THR E 194 12.98 -14.11 66.59
C THR E 194 11.85 -13.31 65.97
N LEU E 195 10.82 -14.04 65.52
CA LEU E 195 9.58 -13.48 64.98
C LEU E 195 8.90 -12.39 65.87
N ASN E 196 8.70 -11.22 65.27
CA ASN E 196 8.02 -10.11 65.90
C ASN E 196 6.61 -9.97 65.42
N GLU E 197 6.40 -10.13 64.11
CA GLU E 197 5.05 -10.16 63.59
C GLU E 197 4.89 -11.45 62.83
N LEU E 198 3.69 -12.03 62.80
CA LEU E 198 3.47 -13.27 62.04
C LEU E 198 2.06 -13.25 61.61
N HIS E 199 1.78 -13.31 60.32
CA HIS E 199 0.36 -13.32 59.86
C HIS E 199 0.00 -14.62 59.23
N LEU E 200 -1.21 -15.07 59.49
CA LEU E 200 -1.56 -16.29 58.87
C LEU E 200 -2.96 -16.08 58.37
N ASP E 201 -3.34 -14.82 58.21
CA ASP E 201 -4.69 -14.47 57.76
C ASP E 201 -5.04 -15.18 56.45
N HIS E 202 -6.31 -15.36 56.22
CA HIS E 202 -6.78 -16.11 55.07
C HIS E 202 -6.18 -17.49 54.90
N ASN E 203 -6.47 -18.38 55.81
CA ASN E 203 -6.12 -19.75 55.63
C ASN E 203 -7.29 -20.65 55.94
N LYS E 204 -7.01 -21.90 56.26
CA LYS E 204 -8.10 -22.70 56.69
C LYS E 204 -7.77 -23.20 58.09
N ILE E 205 -7.01 -22.44 58.86
CA ILE E 205 -6.66 -22.91 60.19
C ILE E 205 -7.90 -23.32 60.98
N GLN E 206 -7.79 -24.46 61.67
CA GLN E 206 -8.89 -25.09 62.42
C GLN E 206 -9.03 -24.65 63.88
N ALA E 207 -7.93 -24.51 64.58
CA ALA E 207 -8.07 -24.13 65.96
C ALA E 207 -6.69 -23.85 66.48
N ILE E 208 -6.53 -22.86 67.31
CA ILE E 208 -5.20 -22.71 67.90
C ILE E 208 -5.08 -23.43 69.24
N GLU E 209 -4.16 -24.38 69.28
CA GLU E 209 -4.02 -25.23 70.45
C GLU E 209 -2.94 -24.73 71.38
N LEU E 210 -2.70 -25.56 72.39
CA LEU E 210 -1.79 -25.23 73.46
C LEU E 210 -0.38 -24.81 73.06
N GLU E 211 0.38 -25.69 72.41
CA GLU E 211 1.78 -25.39 72.08
C GLU E 211 1.96 -24.66 70.77
N ASP E 212 0.86 -24.34 70.09
CA ASP E 212 0.92 -23.64 68.82
C ASP E 212 1.85 -22.42 68.82
N LEU E 213 1.51 -21.40 69.56
CA LEU E 213 2.33 -20.23 69.61
C LEU E 213 3.41 -20.44 70.67
N LEU E 214 3.77 -21.68 70.99
CA LEU E 214 4.77 -21.85 72.03
C LEU E 214 6.01 -20.97 71.84
N ARG E 215 6.87 -21.34 70.92
CA ARG E 215 8.15 -20.65 70.82
C ARG E 215 8.15 -19.23 70.25
N TYR E 216 6.99 -18.67 69.93
CA TYR E 216 6.92 -17.36 69.30
C TYR E 216 6.85 -16.28 70.34
N SER E 217 7.57 -16.50 71.42
CA SER E 217 7.54 -15.64 72.62
C SER E 217 7.98 -14.20 72.50
N LYS E 218 8.01 -13.68 71.28
CA LYS E 218 8.45 -12.32 71.03
C LYS E 218 7.57 -11.60 70.06
N LEU E 219 6.26 -11.90 70.05
CA LEU E 219 5.37 -11.24 69.08
C LEU E 219 4.73 -9.95 69.53
N TYR E 220 4.48 -9.06 68.58
CA TYR E 220 3.76 -7.81 68.85
C TYR E 220 2.42 -8.00 68.21
N ARG E 221 2.40 -8.51 66.99
CA ARG E 221 1.16 -8.76 66.35
C ARG E 221 1.03 -10.24 66.04
N LEU E 222 -0.18 -10.66 65.71
CA LEU E 222 -0.43 -12.02 65.35
C LEU E 222 -1.76 -11.97 64.71
N GLY E 223 -1.81 -11.93 63.40
CA GLY E 223 -3.11 -11.86 62.71
C GLY E 223 -3.58 -13.28 62.37
N LEU E 224 -4.86 -13.59 62.60
CA LEU E 224 -5.32 -14.89 62.20
C LEU E 224 -6.64 -14.66 61.58
N GLY E 225 -6.95 -13.39 61.34
CA GLY E 225 -8.19 -13.04 60.63
C GLY E 225 -8.59 -14.04 59.51
N HIS E 226 -9.83 -14.02 59.07
CA HIS E 226 -10.25 -14.87 57.98
C HIS E 226 -9.68 -16.25 58.08
N ASN E 227 -10.09 -16.95 59.12
CA ASN E 227 -9.76 -18.36 59.22
C ASN E 227 -10.97 -19.16 59.65
N GLN E 228 -10.71 -20.33 60.19
CA GLN E 228 -11.80 -21.15 60.61
C GLN E 228 -11.57 -21.61 62.02
N ILE E 229 -11.04 -20.72 62.84
CA ILE E 229 -10.77 -21.08 64.22
C ILE E 229 -12.07 -21.27 64.98
N ARG E 230 -12.25 -22.47 65.49
CA ARG E 230 -13.45 -22.88 66.13
C ARG E 230 -13.16 -22.79 67.61
N MET E 231 -12.06 -23.31 68.06
CA MET E 231 -11.82 -23.27 69.47
C MET E 231 -10.40 -22.99 69.86
N ILE E 232 -10.12 -21.79 70.35
CA ILE E 232 -8.76 -21.49 70.80
C ILE E 232 -8.56 -21.96 72.23
N GLU E 233 -7.62 -22.85 72.43
CA GLU E 233 -7.39 -23.50 73.72
C GLU E 233 -6.68 -22.62 74.75
N ASN E 234 -7.13 -22.63 76.00
CA ASN E 234 -6.57 -21.67 76.95
C ASN E 234 -5.17 -22.02 77.37
N GLY E 235 -4.40 -21.00 77.67
CA GLY E 235 -3.02 -21.14 78.04
C GLY E 235 -2.16 -20.88 76.83
N SER E 236 -2.68 -21.23 75.66
CA SER E 236 -1.95 -21.11 74.41
C SER E 236 -1.55 -19.64 74.17
N LEU E 237 -2.49 -18.71 74.44
CA LEU E 237 -2.20 -17.28 74.28
C LEU E 237 -1.39 -16.72 75.45
N SER E 238 -0.90 -17.61 76.33
CA SER E 238 -0.13 -17.19 77.48
C SER E 238 1.31 -16.92 77.10
N PHE E 239 1.82 -17.67 76.14
CA PHE E 239 3.26 -17.60 75.73
C PHE E 239 3.71 -16.34 75.01
N LEU E 240 2.77 -15.43 74.75
CA LEU E 240 3.02 -14.15 74.05
C LEU E 240 3.08 -12.96 75.01
N PRO E 241 3.94 -13.01 76.01
CA PRO E 241 3.96 -11.99 76.99
C PRO E 241 3.74 -10.62 76.38
N THR E 242 4.47 -10.25 75.34
CA THR E 242 4.33 -8.90 74.79
C THR E 242 3.33 -8.66 73.67
N LEU E 243 2.47 -9.62 73.39
CA LEU E 243 1.52 -9.44 72.30
C LEU E 243 0.77 -8.10 72.52
N ARG E 244 0.76 -7.25 71.48
CA ARG E 244 0.14 -5.95 71.54
C ARG E 244 -1.13 -5.87 70.75
N GLU E 245 -1.20 -6.54 69.60
CA GLU E 245 -2.43 -6.49 68.77
C GLU E 245 -2.75 -7.87 68.34
N LEU E 246 -4.01 -8.22 68.48
CA LEU E 246 -4.46 -9.54 68.03
C LEU E 246 -5.77 -9.50 67.18
N HIS E 247 -5.63 -9.67 65.88
CA HIS E 247 -6.80 -9.74 65.02
C HIS E 247 -7.20 -11.16 65.03
N LEU E 248 -8.43 -11.47 65.34
CA LEU E 248 -8.79 -12.87 65.50
C LEU E 248 -10.17 -13.03 64.90
N ASP E 249 -10.48 -12.04 64.09
CA ASP E 249 -11.80 -11.87 63.48
C ASP E 249 -12.13 -12.84 62.34
N ASN E 250 -13.38 -12.89 61.93
CA ASN E 250 -13.75 -13.73 60.79
C ASN E 250 -13.45 -15.16 60.98
N ASN E 251 -13.86 -15.68 62.13
CA ASN E 251 -13.72 -17.09 62.41
C ASN E 251 -15.00 -17.71 62.87
N LYS E 252 -14.85 -18.90 63.46
CA LYS E 252 -15.94 -19.70 63.99
C LYS E 252 -15.90 -19.74 65.56
N LEU E 253 -15.30 -18.73 66.14
CA LEU E 253 -15.16 -18.67 67.59
C LEU E 253 -16.53 -18.59 68.18
N SER E 254 -16.67 -19.17 69.37
CA SER E 254 -17.97 -19.20 70.08
C SER E 254 -17.94 -18.46 71.44
N ARG E 255 -16.75 -18.15 71.93
CA ARG E 255 -16.63 -17.41 73.19
C ARG E 255 -15.28 -16.61 73.16
N VAL E 256 -15.19 -15.44 73.81
CA VAL E 256 -13.93 -14.65 73.84
C VAL E 256 -12.74 -15.52 74.28
N PRO E 257 -11.69 -15.54 73.46
CA PRO E 257 -10.59 -16.51 73.66
C PRO E 257 -9.94 -16.42 75.05
N ALA E 258 -9.86 -17.54 75.72
CA ALA E 258 -9.41 -17.47 77.10
C ALA E 258 -7.99 -16.91 77.32
N GLY E 259 -7.83 -15.96 78.24
CA GLY E 259 -6.47 -15.52 78.59
C GLY E 259 -6.21 -14.04 78.36
N LEU E 260 -7.02 -13.44 77.45
CA LEU E 260 -6.97 -11.96 77.16
C LEU E 260 -6.46 -11.08 78.31
N PRO E 261 -7.15 -11.09 79.46
CA PRO E 261 -6.76 -10.31 80.63
C PRO E 261 -5.30 -10.43 81.05
N ASP E 262 -4.76 -11.65 80.99
CA ASP E 262 -3.36 -11.94 81.43
C ASP E 262 -2.23 -11.39 80.54
N LEU E 263 -2.60 -10.87 79.37
CA LEU E 263 -1.64 -10.36 78.42
C LEU E 263 -1.49 -8.92 78.72
N LYS E 264 -0.51 -8.66 79.59
CA LYS E 264 -0.26 -7.35 80.15
C LYS E 264 -0.16 -6.23 79.14
N LEU E 265 0.02 -6.48 77.87
CA LEU E 265 0.09 -5.36 76.95
C LEU E 265 -0.87 -5.39 75.76
N LEU E 266 -1.78 -6.36 75.74
CA LEU E 266 -2.71 -6.53 74.64
C LEU E 266 -3.41 -5.20 74.46
N GLN E 267 -3.18 -4.46 73.37
CA GLN E 267 -3.79 -3.16 73.32
C GLN E 267 -4.95 -3.10 72.44
N VAL E 268 -5.03 -4.02 71.49
CA VAL E 268 -6.19 -4.11 70.56
C VAL E 268 -6.49 -5.56 70.12
N VAL E 269 -7.53 -6.16 70.67
CA VAL E 269 -7.99 -7.43 70.18
C VAL E 269 -9.22 -7.16 69.25
N TYR E 270 -9.27 -7.86 68.12
CA TYR E 270 -10.39 -7.78 67.18
C TYR E 270 -11.18 -9.09 67.25
N LEU E 271 -12.50 -9.05 67.31
CA LEU E 271 -13.20 -10.31 67.40
C LEU E 271 -14.45 -10.42 66.54
N HIS E 272 -14.62 -9.42 65.68
CA HIS E 272 -15.86 -9.29 64.87
C HIS E 272 -16.14 -10.44 63.92
N THR E 273 -17.38 -10.52 63.47
CA THR E 273 -17.84 -11.54 62.53
C THR E 273 -17.57 -12.94 63.04
N ASN E 274 -17.38 -13.12 64.33
CA ASN E 274 -17.26 -14.47 64.85
C ASN E 274 -18.60 -15.13 65.06
N ASN E 275 -18.66 -15.99 66.07
CA ASN E 275 -19.90 -16.67 66.42
C ASN E 275 -19.96 -16.73 67.93
N ILE E 276 -19.40 -15.67 68.52
CA ILE E 276 -19.42 -15.44 69.96
C ILE E 276 -20.85 -15.09 70.36
N THR E 277 -21.32 -15.88 71.31
CA THR E 277 -22.66 -15.82 71.82
C THR E 277 -22.78 -15.09 73.25
N LYS E 278 -21.92 -15.49 74.16
CA LYS E 278 -21.91 -14.98 75.53
C LYS E 278 -20.57 -14.25 75.82
N VAL E 279 -20.63 -13.08 76.47
CA VAL E 279 -19.40 -12.34 76.80
C VAL E 279 -19.18 -12.15 78.32
N GLY E 280 -18.46 -13.05 78.97
CA GLY E 280 -18.19 -12.89 80.42
C GLY E 280 -17.66 -11.53 80.83
N VAL E 281 -18.01 -11.05 82.04
CA VAL E 281 -17.63 -9.72 82.54
C VAL E 281 -16.13 -9.56 82.63
N ASN E 282 -15.44 -10.65 82.94
CA ASN E 282 -13.99 -10.60 83.13
C ASN E 282 -13.31 -11.19 81.97
N ASP E 283 -13.87 -10.98 80.80
CA ASP E 283 -13.26 -11.57 79.66
C ASP E 283 -12.19 -10.65 79.15
N PHE E 284 -12.33 -9.35 79.43
CA PHE E 284 -11.33 -8.43 78.89
C PHE E 284 -10.45 -7.83 79.99
N CYS E 285 -11.08 -7.28 81.00
CA CYS E 285 -10.24 -6.76 82.04
C CYS E 285 -9.86 -7.87 82.98
N PRO E 286 -8.87 -7.64 83.81
CA PRO E 286 -8.44 -8.63 84.77
C PRO E 286 -9.24 -8.46 86.04
N VAL E 287 -9.29 -9.51 86.88
CA VAL E 287 -10.10 -9.50 88.12
C VAL E 287 -9.61 -8.52 89.16
N GLY E 288 -8.47 -8.78 89.79
CA GLY E 288 -7.95 -7.91 90.89
C GLY E 288 -7.03 -6.70 90.59
N PHE E 289 -7.55 -5.73 89.79
CA PHE E 289 -6.77 -4.60 89.15
C PHE E 289 -5.26 -4.87 88.85
N GLY E 290 -4.95 -5.24 87.59
CA GLY E 290 -3.57 -5.60 87.14
C GLY E 290 -2.45 -4.60 87.49
N VAL E 291 -1.41 -5.06 88.22
CA VAL E 291 -0.28 -4.20 88.75
C VAL E 291 0.75 -3.63 87.67
N LYS E 292 0.28 -3.54 86.41
CA LYS E 292 0.92 -2.86 85.23
C LYS E 292 -0.14 -2.57 84.09
N ARG E 293 -1.29 -3.30 84.16
CA ARG E 293 -2.45 -3.43 83.18
C ARG E 293 -2.81 -2.37 82.04
N ALA E 294 -2.59 -2.76 80.78
CA ALA E 294 -2.81 -1.88 79.59
C ALA E 294 -4.26 -1.54 79.33
N TYR E 295 -4.53 -0.35 78.86
CA TYR E 295 -5.91 -0.17 78.53
C TYR E 295 -6.08 -0.61 77.11
N TYR E 296 -7.20 -1.28 76.79
CA TYR E 296 -7.51 -1.63 75.40
C TYR E 296 -7.76 -0.38 74.64
N ASN E 297 -7.22 -0.37 73.46
CA ASN E 297 -7.25 0.78 72.70
C ASN E 297 -8.24 0.58 71.60
N GLY E 298 -8.87 -0.61 71.60
CA GLY E 298 -9.89 -0.96 70.62
C GLY E 298 -10.32 -2.42 70.71
N ILE E 299 -11.62 -2.65 70.64
CA ILE E 299 -12.16 -4.02 70.62
C ILE E 299 -13.31 -4.05 69.62
N SER E 300 -13.28 -5.00 68.69
CA SER E 300 -14.36 -5.20 67.72
C SER E 300 -15.20 -6.40 68.14
N LEU E 301 -16.52 -6.32 67.98
CA LEU E 301 -17.33 -7.42 68.41
C LEU E 301 -18.56 -7.52 67.51
N PHE E 302 -18.85 -6.43 66.79
CA PHE E 302 -20.04 -6.31 65.99
C PHE E 302 -20.09 -7.52 65.16
N ASN E 303 -21.20 -7.76 64.49
CA ASN E 303 -21.40 -8.94 63.66
C ASN E 303 -21.17 -10.24 64.30
N ASN E 304 -21.72 -10.39 65.49
CA ASN E 304 -21.65 -11.59 66.31
C ASN E 304 -22.98 -11.78 66.98
N PRO E 305 -23.41 -13.01 67.17
CA PRO E 305 -24.65 -13.29 67.87
C PRO E 305 -24.46 -13.07 69.33
N VAL E 306 -24.80 -11.87 69.81
CA VAL E 306 -24.70 -11.44 71.22
C VAL E 306 -24.91 -9.96 71.13
N PRO E 307 -26.03 -9.54 71.64
CA PRO E 307 -26.45 -8.13 71.52
C PRO E 307 -25.73 -7.22 72.53
N TYR E 308 -25.48 -5.96 72.17
CA TYR E 308 -24.89 -5.12 73.17
C TYR E 308 -25.61 -5.15 74.56
N TRP E 309 -26.91 -5.48 74.63
CA TRP E 309 -27.62 -5.62 75.93
C TRP E 309 -27.39 -6.91 76.73
N GLU E 310 -26.62 -7.84 76.18
CA GLU E 310 -26.43 -9.09 76.86
C GLU E 310 -25.11 -8.99 77.62
N VAL E 311 -24.34 -7.94 77.33
CA VAL E 311 -23.02 -7.83 77.92
C VAL E 311 -22.90 -6.62 78.81
N GLN E 312 -22.77 -6.95 80.10
CA GLN E 312 -22.75 -6.01 81.22
C GLN E 312 -21.75 -4.92 81.10
N PRO E 313 -22.07 -3.69 81.50
CA PRO E 313 -21.16 -2.55 81.31
C PRO E 313 -19.79 -2.70 81.99
N ALA E 314 -19.85 -3.15 83.24
CA ALA E 314 -18.69 -3.57 84.00
C ALA E 314 -17.66 -4.39 83.21
N THR E 315 -18.11 -5.03 82.12
CA THR E 315 -17.28 -5.86 81.19
C THR E 315 -16.11 -5.06 80.51
N PHE E 316 -16.37 -3.78 80.18
CA PHE E 316 -15.37 -2.95 79.52
C PHE E 316 -14.92 -1.82 80.47
N ARG E 317 -14.74 -2.13 81.74
CA ARG E 317 -14.31 -1.10 82.67
C ARG E 317 -13.00 -0.44 82.32
N CYS E 318 -12.04 -1.24 81.90
CA CYS E 318 -10.71 -0.78 81.68
C CYS E 318 -10.45 -0.28 80.26
N VAL E 319 -11.44 -0.36 79.37
CA VAL E 319 -11.27 0.27 78.02
C VAL E 319 -11.23 1.77 78.22
N THR E 320 -10.71 2.54 77.28
CA THR E 320 -10.71 4.00 77.53
C THR E 320 -11.98 4.72 77.06
N ASP E 321 -12.02 5.19 75.82
CA ASP E 321 -13.22 5.82 75.32
C ASP E 321 -14.32 4.77 75.17
N ARG E 322 -15.44 5.18 74.60
CA ARG E 322 -16.51 4.24 74.25
C ARG E 322 -16.27 3.89 72.78
N LEU E 323 -15.80 4.88 72.03
CA LEU E 323 -15.53 4.72 70.63
C LEU E 323 -14.41 3.73 70.43
N ALA E 324 -13.82 3.22 71.49
CA ALA E 324 -12.78 2.22 71.29
C ALA E 324 -13.48 0.86 71.23
N ILE E 325 -14.82 0.86 71.23
CA ILE E 325 -15.53 -0.40 71.21
C ILE E 325 -16.46 -0.52 70.05
N GLN E 326 -15.91 -0.94 68.93
CA GLN E 326 -16.75 -1.21 67.82
C GLN E 326 -17.65 -2.32 68.27
N PHE E 327 -18.90 -1.97 68.56
CA PHE E 327 -19.89 -2.91 69.06
C PHE E 327 -21.28 -2.28 68.95
N ALA F 25 2.93 7.88 64.70
CA ALA F 25 2.15 6.66 64.43
C ALA F 25 2.93 5.44 63.78
N MET F 26 3.22 4.39 64.56
CA MET F 26 3.77 3.18 63.96
C MET F 26 2.71 2.69 62.96
N CYS F 27 3.04 1.68 62.14
CA CYS F 27 2.16 1.38 61.00
C CYS F 27 1.01 0.39 61.01
N PRO F 28 0.22 0.47 59.94
CA PRO F 28 -0.96 -0.38 59.73
C PRO F 28 -0.70 -1.90 59.92
N PHE F 29 -1.74 -2.64 60.29
CA PHE F 29 -1.56 -4.03 60.72
C PHE F 29 -0.75 -4.98 59.82
N GLY F 30 -1.26 -5.29 58.63
CA GLY F 30 -0.54 -6.19 57.74
C GLY F 30 0.87 -5.66 57.41
N CYS F 31 0.95 -4.33 57.40
CA CYS F 31 2.14 -3.59 57.02
C CYS F 31 3.32 -3.84 57.89
N HIS F 32 4.47 -3.78 57.20
CA HIS F 32 5.80 -3.92 57.75
C HIS F 32 6.47 -2.66 57.31
N CYS F 33 7.29 -2.11 58.18
CA CYS F 33 7.89 -0.90 57.79
C CYS F 33 9.16 -0.60 58.60
N HIS F 34 10.11 0.03 57.95
CA HIS F 34 11.39 0.22 58.54
C HIS F 34 11.92 1.54 58.06
N LEU F 35 12.32 2.42 58.98
CA LEU F 35 13.07 3.60 58.59
C LEU F 35 12.38 4.38 57.50
N ARG F 36 11.20 4.87 57.87
CA ARG F 36 10.43 5.80 57.04
C ARG F 36 9.87 5.17 55.78
N VAL F 37 10.03 3.86 55.62
CA VAL F 37 9.45 3.16 54.46
C VAL F 37 8.32 2.32 55.04
N VAL F 38 7.15 2.38 54.41
CA VAL F 38 5.97 1.62 54.81
C VAL F 38 5.55 0.73 53.70
N GLN F 39 5.60 -0.55 53.96
CA GLN F 39 5.30 -1.56 52.95
C GLN F 39 3.95 -2.22 53.23
N CYS F 40 2.92 -1.87 52.47
CA CYS F 40 1.58 -2.45 52.68
C CYS F 40 1.07 -3.25 51.52
N SER F 41 1.72 -4.30 51.12
CA SER F 41 1.29 -4.84 49.86
C SER F 41 0.62 -6.20 49.95
N ASP F 42 -0.41 -6.45 49.11
CA ASP F 42 -1.06 -7.78 49.06
C ASP F 42 -1.90 -8.15 50.33
N LEU F 43 -2.22 -7.14 51.12
CA LEU F 43 -3.04 -7.29 52.26
C LEU F 43 -4.48 -7.14 51.89
N GLY F 44 -4.76 -6.57 50.71
CA GLY F 44 -6.13 -6.29 50.22
C GLY F 44 -6.90 -5.45 51.24
N LEU F 45 -6.43 -4.20 51.43
CA LEU F 45 -7.03 -3.28 52.37
C LEU F 45 -8.11 -2.59 51.63
N LYS F 46 -9.24 -2.38 52.33
CA LYS F 46 -10.44 -1.72 51.77
C LYS F 46 -10.12 -0.30 51.32
N ALA F 47 -9.27 0.40 52.09
CA ALA F 47 -8.76 1.70 51.68
C ALA F 47 -7.37 1.97 52.24
N VAL F 48 -6.86 3.18 52.01
CA VAL F 48 -5.56 3.59 52.53
C VAL F 48 -5.67 3.60 54.03
N PRO F 49 -4.77 2.96 54.75
CA PRO F 49 -4.90 2.79 56.19
C PRO F 49 -4.64 4.11 56.97
N LYS F 50 -5.30 4.28 58.14
CA LYS F 50 -5.28 5.55 58.89
C LYS F 50 -4.03 5.76 59.70
N GLU F 51 -3.34 4.68 60.06
CA GLU F 51 -2.13 4.90 60.87
C GLU F 51 -0.82 4.98 60.07
N ILE F 52 -0.48 6.17 59.57
CA ILE F 52 0.75 6.34 58.76
C ILE F 52 1.65 7.47 59.22
N SER F 53 2.74 7.13 59.91
CA SER F 53 3.67 8.16 60.38
C SER F 53 3.93 9.22 59.32
N PRO F 54 3.99 10.47 59.71
CA PRO F 54 4.34 11.52 58.78
C PRO F 54 5.79 11.39 58.30
N ASP F 55 6.68 10.89 59.15
CA ASP F 55 8.10 10.70 58.79
C ASP F 55 8.25 9.94 57.47
N THR F 56 7.14 9.34 57.04
CA THR F 56 7.17 8.38 55.96
C THR F 56 7.51 8.95 54.61
N THR F 57 8.45 8.26 53.96
CA THR F 57 8.96 8.61 52.65
C THR F 57 8.50 7.73 51.45
N LEU F 58 8.41 6.42 51.62
CA LEU F 58 7.80 5.59 50.57
C LEU F 58 6.56 4.99 51.15
N LEU F 59 5.50 4.95 50.36
CA LEU F 59 4.31 4.28 50.81
C LEU F 59 4.08 3.32 49.68
N ASP F 60 4.40 2.05 49.88
CA ASP F 60 4.14 1.05 48.85
C ASP F 60 2.87 0.31 49.24
N LEU F 61 1.73 0.62 48.62
CA LEU F 61 0.55 -0.18 48.99
C LEU F 61 -0.12 -0.69 47.76
N GLN F 62 0.50 -1.73 47.20
CA GLN F 62 0.19 -2.30 45.91
C GLN F 62 -0.64 -3.51 46.07
N ASN F 63 -1.51 -3.70 45.08
CA ASN F 63 -2.36 -4.89 45.05
C ASN F 63 -3.17 -5.12 46.33
N ASN F 64 -4.02 -4.14 46.64
CA ASN F 64 -4.98 -4.18 47.73
C ASN F 64 -6.34 -3.91 47.13
N ASP F 65 -7.26 -3.31 47.89
CA ASP F 65 -8.58 -3.05 47.34
C ASP F 65 -9.11 -1.66 47.51
N ILE F 66 -8.21 -0.72 47.47
CA ILE F 66 -8.55 0.68 47.54
C ILE F 66 -9.48 1.04 46.36
N SER F 67 -10.55 1.81 46.61
CA SER F 67 -11.51 2.07 45.53
C SER F 67 -11.55 3.51 45.19
N GLU F 68 -11.19 4.33 46.16
CA GLU F 68 -11.11 5.77 45.96
C GLU F 68 -10.06 6.40 46.86
N LEU F 69 -9.73 7.65 46.58
CA LEU F 69 -8.84 8.34 47.48
C LEU F 69 -9.58 9.52 48.12
N ARG F 70 -9.58 9.59 49.45
CA ARG F 70 -10.36 10.57 50.16
C ARG F 70 -9.58 11.84 50.52
N LYS F 71 -10.31 12.94 50.72
CA LYS F 71 -9.70 14.25 51.00
C LYS F 71 -8.48 14.08 51.89
N ASP F 72 -8.71 13.52 53.07
CA ASP F 72 -7.67 13.48 54.08
C ASP F 72 -7.05 12.11 54.20
N ASP F 73 -7.18 11.31 53.13
CA ASP F 73 -6.63 9.96 53.07
C ASP F 73 -5.11 10.00 53.34
N PHE F 74 -4.43 10.99 52.76
CA PHE F 74 -2.99 11.15 52.92
C PHE F 74 -2.52 12.30 53.83
N LYS F 75 -3.45 12.91 54.55
CA LYS F 75 -3.14 14.09 55.37
C LYS F 75 -1.84 13.99 56.18
N GLY F 76 -1.02 15.02 56.05
CA GLY F 76 0.23 15.11 56.81
C GLY F 76 1.37 14.20 56.39
N LEU F 77 1.40 13.76 55.14
CA LEU F 77 2.54 13.00 54.68
C LEU F 77 3.39 13.87 53.77
N GLN F 78 3.75 15.02 54.27
CA GLN F 78 4.50 15.97 53.48
C GLN F 78 5.89 15.46 53.12
N HIS F 79 6.35 14.40 53.75
CA HIS F 79 7.66 13.93 53.38
C HIS F 79 7.52 12.74 52.44
N LEU F 80 6.30 12.41 52.08
CA LEU F 80 6.08 11.33 51.10
C LEU F 80 6.71 11.68 49.74
N TYR F 81 7.64 10.84 49.30
CA TYR F 81 8.43 11.01 48.08
C TYR F 81 7.87 10.23 46.91
N ALA F 82 7.65 8.93 47.13
CA ALA F 82 7.07 8.02 46.13
C ALA F 82 5.92 7.23 46.71
N LEU F 83 4.79 7.28 46.01
CA LEU F 83 3.61 6.59 46.44
C LEU F 83 3.24 5.62 45.33
N VAL F 84 3.18 4.35 45.72
CA VAL F 84 2.83 3.24 44.84
C VAL F 84 1.41 2.69 45.13
N LEU F 85 0.50 3.07 44.25
CA LEU F 85 -0.85 2.61 44.39
C LEU F 85 -1.27 1.54 43.39
N VAL F 86 -0.31 1.02 42.59
CA VAL F 86 -0.57 0.04 41.50
C VAL F 86 -1.40 -1.15 41.96
N ASN F 87 -2.11 -1.72 40.97
CA ASN F 87 -2.86 -2.95 41.10
C ASN F 87 -3.87 -2.90 42.22
N ASN F 88 -4.65 -1.84 42.17
CA ASN F 88 -5.82 -1.63 43.02
C ASN F 88 -7.02 -1.28 42.18
N LYS F 89 -8.14 -0.99 42.78
CA LYS F 89 -9.31 -0.73 41.94
C LYS F 89 -9.89 0.65 42.21
N ILE F 90 -9.02 1.63 42.02
CA ILE F 90 -9.35 3.01 42.30
C ILE F 90 -10.29 3.52 41.20
N SER F 91 -11.28 4.32 41.54
CA SER F 91 -12.14 4.83 40.50
C SER F 91 -12.62 6.22 40.81
N LYS F 92 -12.36 6.68 42.02
CA LYS F 92 -12.71 8.03 42.43
C LYS F 92 -11.57 8.67 43.21
N ILE F 93 -11.10 9.83 42.75
CA ILE F 93 -10.08 10.56 43.50
C ILE F 93 -10.49 11.99 43.85
N HIS F 94 -10.83 12.18 45.12
CA HIS F 94 -11.18 13.46 45.68
C HIS F 94 -10.20 14.54 45.21
N GLU F 95 -10.69 15.76 45.00
CA GLU F 95 -9.87 16.91 44.56
C GLU F 95 -8.68 17.26 45.47
N LYS F 96 -8.92 17.47 46.76
CA LYS F 96 -7.83 17.84 47.67
C LYS F 96 -6.99 16.63 48.18
N ALA F 97 -7.15 15.52 47.46
CA ALA F 97 -6.60 14.24 47.85
C ALA F 97 -5.11 14.24 47.92
N PHE F 98 -4.51 14.83 46.88
CA PHE F 98 -3.04 14.84 46.77
C PHE F 98 -2.46 16.11 47.34
N SER F 99 -3.31 17.04 47.68
CA SER F 99 -2.81 18.31 48.17
C SER F 99 -1.84 18.33 49.39
N PRO F 100 -1.96 17.41 50.32
CA PRO F 100 -0.98 17.29 51.41
C PRO F 100 0.41 16.83 50.99
N LEU F 101 0.60 16.44 49.74
CA LEU F 101 1.87 15.82 49.31
C LEU F 101 2.94 16.68 48.72
N ARG F 102 3.31 17.79 49.38
CA ARG F 102 4.27 18.80 48.87
C ARG F 102 5.66 18.36 48.31
N LYS F 103 6.20 17.20 48.68
CA LYS F 103 7.46 16.73 48.10
C LYS F 103 7.37 15.43 47.28
N LEU F 104 6.16 14.89 47.17
CA LEU F 104 5.85 13.72 46.36
C LEU F 104 6.40 13.81 44.93
N GLN F 105 7.40 12.98 44.59
CA GLN F 105 8.01 12.95 43.23
C GLN F 105 7.57 11.82 42.30
N LYS F 106 7.39 10.62 42.86
CA LYS F 106 6.82 9.48 42.11
C LYS F 106 5.33 9.04 42.44
N LEU F 107 4.47 8.95 41.43
CA LEU F 107 3.15 8.53 41.71
C LEU F 107 2.88 7.46 40.78
N TYR F 108 2.96 6.22 41.26
CA TYR F 108 2.61 5.04 40.43
C TYR F 108 1.14 4.56 40.74
N ILE F 109 0.21 4.73 39.78
CA ILE F 109 -1.18 4.25 39.93
C ILE F 109 -1.56 3.52 38.71
N SER F 110 -0.72 2.58 38.29
CA SER F 110 -1.08 1.73 37.14
C SER F 110 -2.10 0.65 37.57
N LYS F 111 -2.70 -0.02 36.56
CA LYS F 111 -3.63 -1.12 36.84
C LYS F 111 -4.64 -0.69 37.88
N ASN F 112 -5.43 0.30 37.51
CA ASN F 112 -6.58 0.73 38.29
C ASN F 112 -7.80 1.04 37.43
N HIS F 113 -8.88 1.39 38.08
CA HIS F 113 -10.11 1.71 37.39
C HIS F 113 -10.26 3.23 37.14
N LEU F 114 -9.18 3.98 37.30
CA LEU F 114 -9.20 5.41 37.01
C LEU F 114 -9.97 5.71 35.71
N VAL F 115 -10.69 6.84 35.64
CA VAL F 115 -11.45 7.18 34.38
C VAL F 115 -11.17 8.59 33.85
N GLU F 116 -10.08 9.19 34.34
CA GLU F 116 -9.66 10.55 33.98
C GLU F 116 -8.29 10.77 34.65
N ILE F 117 -7.35 11.44 33.99
CA ILE F 117 -6.10 11.75 34.67
C ILE F 117 -6.38 12.56 35.88
N PRO F 118 -5.89 12.13 37.03
CA PRO F 118 -6.12 12.84 38.28
C PRO F 118 -5.62 14.31 38.16
N PRO F 119 -6.33 15.24 38.79
CA PRO F 119 -5.91 16.64 38.75
C PRO F 119 -5.17 17.08 40.02
N ASN F 120 -4.50 18.21 39.93
CA ASN F 120 -3.84 18.78 41.08
C ASN F 120 -2.80 17.88 41.64
N LEU F 121 -2.08 17.18 40.77
CA LEU F 121 -1.01 16.35 41.25
C LEU F 121 0.09 17.24 41.78
N PRO F 122 0.85 16.80 42.75
CA PRO F 122 1.97 17.57 43.31
C PRO F 122 2.93 18.15 42.28
N SER F 123 3.20 19.45 42.39
CA SER F 123 4.08 20.13 41.43
C SER F 123 5.46 19.49 41.39
N SER F 124 5.79 18.91 42.53
CA SER F 124 7.05 18.24 42.80
C SER F 124 7.28 17.03 41.92
N LEU F 125 6.18 16.34 41.62
CA LEU F 125 6.14 15.11 40.85
C LEU F 125 6.96 15.09 39.56
N VAL F 126 7.86 14.13 39.45
CA VAL F 126 8.68 14.00 38.25
C VAL F 126 8.26 12.80 37.44
N GLU F 127 7.83 11.72 38.07
CA GLU F 127 7.49 10.52 37.30
C GLU F 127 6.01 10.17 37.57
N LEU F 128 5.22 9.86 36.54
CA LEU F 128 3.82 9.55 36.76
C LEU F 128 3.45 8.25 36.02
N ARG F 129 3.35 7.11 36.72
CA ARG F 129 2.87 5.91 36.06
C ARG F 129 1.32 5.74 36.08
N ILE F 130 0.66 5.77 34.92
CA ILE F 130 -0.79 5.58 34.95
C ILE F 130 -1.35 4.54 33.93
N HIS F 131 -0.65 3.42 33.88
CA HIS F 131 -0.92 2.34 32.94
C HIS F 131 -2.13 1.51 33.32
N ASP F 132 -2.60 0.69 32.36
CA ASP F 132 -3.79 -0.18 32.56
C ASP F 132 -4.97 0.48 33.15
N ASN F 133 -5.30 1.70 32.77
CA ASN F 133 -6.49 2.30 33.31
C ASN F 133 -7.66 2.37 32.36
N ARG F 134 -8.61 3.27 32.61
CA ARG F 134 -9.79 3.34 31.76
C ARG F 134 -10.02 4.77 31.21
N ILE F 135 -8.96 5.56 31.15
CA ILE F 135 -9.05 6.96 30.76
C ILE F 135 -9.39 7.10 29.30
N ARG F 136 -10.54 7.71 29.02
CA ARG F 136 -10.99 7.82 27.65
C ARG F 136 -10.71 9.13 26.95
N LYS F 137 -10.45 10.17 27.72
CA LYS F 137 -10.06 11.42 27.12
C LYS F 137 -9.11 12.20 28.05
N VAL F 138 -8.09 12.82 27.48
CA VAL F 138 -7.28 13.67 28.29
C VAL F 138 -7.47 15.15 27.87
N PRO F 139 -8.02 15.96 28.80
CA PRO F 139 -8.41 17.36 28.56
C PRO F 139 -7.25 18.30 28.45
N LYS F 140 -7.50 19.59 28.63
CA LYS F 140 -6.48 20.57 28.38
C LYS F 140 -5.66 20.89 29.61
N GLY F 141 -6.23 21.64 30.53
CA GLY F 141 -5.41 22.06 31.70
C GLY F 141 -4.93 21.01 32.74
N VAL F 142 -4.97 19.73 32.35
CA VAL F 142 -4.68 18.61 33.23
C VAL F 142 -3.26 18.60 33.78
N PHE F 143 -2.27 18.81 32.90
CA PHE F 143 -0.86 18.85 33.33
C PHE F 143 -0.34 20.28 33.49
N SER F 144 -1.26 21.24 33.39
CA SER F 144 -0.88 22.65 33.44
C SER F 144 0.08 22.93 34.63
N GLY F 145 -0.27 22.42 35.81
CA GLY F 145 0.50 22.63 37.02
C GLY F 145 1.96 22.22 36.96
N LEU F 146 2.20 20.91 36.93
CA LEU F 146 3.55 20.32 36.97
C LEU F 146 4.60 21.05 36.14
N ARG F 147 5.83 21.08 36.64
CA ARG F 147 6.86 21.75 35.89
C ARG F 147 8.07 20.97 36.08
N ASN F 148 7.89 19.77 36.60
CA ASN F 148 9.01 18.86 36.75
C ASN F 148 8.77 17.50 36.07
N MET F 149 7.66 17.36 35.36
CA MET F 149 7.43 16.09 34.74
C MET F 149 8.61 15.72 33.89
N ASN F 150 8.59 14.53 33.35
CA ASN F 150 9.62 14.09 32.43
C ASN F 150 9.41 12.61 32.15
N CYS F 151 8.45 11.98 32.85
CA CYS F 151 8.21 10.56 32.63
C CYS F 151 6.71 10.30 32.74
N ILE F 152 6.06 9.78 31.71
CA ILE F 152 4.61 9.64 31.80
C ILE F 152 4.17 8.43 31.07
N GLU F 153 3.80 7.40 31.81
CA GLU F 153 3.22 6.20 31.24
C GLU F 153 1.70 6.33 31.14
N MET F 154 1.12 6.33 29.93
CA MET F 154 -0.36 6.37 29.82
C MET F 154 -0.92 5.17 29.03
N GLY F 155 -0.09 4.16 28.74
CA GLY F 155 -0.56 3.05 27.93
C GLY F 155 -1.57 2.14 28.65
N GLY F 156 -2.08 1.13 27.96
CA GLY F 156 -2.99 0.28 28.58
C GLY F 156 -4.25 1.06 28.79
N ASN F 157 -4.37 2.19 28.14
CA ASN F 157 -5.61 2.94 28.20
C ASN F 157 -6.38 2.93 26.88
N PRO F 158 -7.67 3.27 26.88
CA PRO F 158 -8.45 3.26 25.65
C PRO F 158 -8.68 4.68 25.28
N LEU F 159 -7.80 5.21 24.47
CA LEU F 159 -8.04 6.54 23.97
C LEU F 159 -7.76 6.57 22.50
N GLU F 160 -8.69 7.11 21.70
CA GLU F 160 -8.45 7.23 20.29
C GLU F 160 -7.85 8.56 20.16
N ASN F 161 -7.42 8.93 18.95
CA ASN F 161 -6.80 10.25 18.80
C ASN F 161 -7.76 11.35 19.12
N SER F 162 -9.03 11.14 18.70
CA SER F 162 -10.11 12.07 19.01
C SER F 162 -10.18 12.31 20.53
N GLY F 163 -9.83 11.32 21.34
CA GLY F 163 -9.78 11.49 22.80
C GLY F 163 -8.87 12.62 23.30
N PHE F 164 -7.71 12.83 22.67
CA PHE F 164 -6.85 13.95 23.08
C PHE F 164 -7.52 15.27 22.71
N GLU F 165 -7.00 16.35 23.25
CA GLU F 165 -7.66 17.59 23.07
C GLU F 165 -6.59 18.65 22.96
N PRO F 166 -6.80 19.60 22.05
CA PRO F 166 -5.87 20.70 21.79
C PRO F 166 -5.29 21.29 23.05
N GLY F 167 -3.97 21.21 23.19
CA GLY F 167 -3.27 21.77 24.33
C GLY F 167 -3.39 20.95 25.59
N ALA F 168 -3.44 19.62 25.43
CA ALA F 168 -3.56 18.70 26.56
C ALA F 168 -2.23 18.64 27.29
N PHE F 169 -1.15 18.63 26.52
CA PHE F 169 0.18 18.56 27.12
C PHE F 169 0.79 19.91 27.20
N ASP F 170 -0.12 20.86 27.14
CA ASP F 170 0.19 22.26 27.18
C ASP F 170 1.17 22.69 28.29
N GLY F 171 2.23 23.38 27.86
CA GLY F 171 3.32 23.79 28.73
C GLY F 171 3.67 22.62 29.60
N LEU F 172 4.55 21.76 29.12
CA LEU F 172 4.97 20.64 29.93
C LEU F 172 6.29 20.13 29.45
N LYS F 173 7.36 20.90 29.66
CA LYS F 173 8.72 20.47 29.27
C LYS F 173 9.08 19.07 29.84
N LEU F 174 8.80 17.99 29.10
CA LEU F 174 9.09 16.63 29.58
C LEU F 174 9.83 15.76 28.56
N ASN F 175 10.68 14.89 29.05
CA ASN F 175 11.53 14.23 28.11
C ASN F 175 11.19 12.79 27.79
N TYR F 176 10.25 12.19 28.52
CA TYR F 176 9.80 10.83 28.17
C TYR F 176 8.28 10.78 28.05
N LEU F 177 7.74 9.81 27.37
CA LEU F 177 6.30 9.79 27.24
C LEU F 177 5.97 8.58 26.42
N ARG F 178 5.18 7.66 26.99
CA ARG F 178 4.83 6.44 26.25
C ARG F 178 3.34 6.16 26.27
N ILE F 179 2.68 6.32 25.12
CA ILE F 179 1.29 6.01 25.02
C ILE F 179 1.18 4.70 24.24
N SER F 180 1.67 3.62 24.84
CA SER F 180 1.53 2.34 24.17
C SER F 180 0.14 1.80 24.32
N GLU F 181 -0.11 0.74 23.57
CA GLU F 181 -1.28 -0.07 23.79
C GLU F 181 -2.57 0.75 23.95
N ALA F 182 -2.78 1.75 23.15
CA ALA F 182 -4.01 2.51 23.26
C ALA F 182 -4.76 2.26 22.00
N LYS F 183 -5.40 3.29 21.47
CA LYS F 183 -6.21 3.06 20.29
C LYS F 183 -5.85 4.11 19.34
N LEU F 184 -4.57 4.49 19.36
CA LEU F 184 -4.10 5.55 18.44
C LEU F 184 -4.14 5.04 17.00
N THR F 185 -4.77 5.86 16.17
CA THR F 185 -4.89 5.59 14.77
C THR F 185 -3.78 6.34 13.90
N GLY F 186 -3.19 7.36 14.50
CA GLY F 186 -2.09 8.07 13.87
C GLY F 186 -1.24 8.71 14.99
N ILE F 187 -0.06 9.23 14.64
CA ILE F 187 0.82 9.96 15.59
C ILE F 187 0.20 11.28 15.97
N PRO F 188 0.01 11.49 17.26
CA PRO F 188 -0.53 12.79 17.76
C PRO F 188 0.47 13.88 17.47
N LYS F 189 0.02 15.11 17.29
CA LYS F 189 0.97 16.17 16.91
C LYS F 189 1.34 17.23 18.00
N ASP F 190 0.42 17.44 18.95
CA ASP F 190 0.61 18.42 20.01
C ASP F 190 1.07 17.77 21.30
N LEU F 191 2.28 17.25 21.25
CA LEU F 191 2.88 16.62 22.41
C LEU F 191 3.90 17.65 22.82
N PRO F 192 4.75 17.27 23.76
CA PRO F 192 5.83 18.12 24.22
C PRO F 192 7.04 18.16 23.27
N GLU F 193 7.49 19.37 22.89
CA GLU F 193 8.59 19.51 21.93
C GLU F 193 9.90 19.03 22.50
N THR F 194 9.98 19.19 23.82
CA THR F 194 11.13 18.83 24.64
C THR F 194 11.34 17.30 24.72
N LEU F 195 10.40 16.57 24.14
CA LEU F 195 10.44 15.12 24.10
C LEU F 195 11.77 14.58 23.55
N ASN F 196 12.36 13.68 24.36
CA ASN F 196 13.59 12.92 24.06
C ASN F 196 13.34 11.52 23.56
N GLU F 197 12.38 10.85 24.18
CA GLU F 197 11.88 9.52 23.76
C GLU F 197 10.40 9.60 23.57
N LEU F 198 9.86 8.84 22.65
CA LEU F 198 8.40 8.87 22.50
C LEU F 198 7.98 7.48 21.98
N HIS F 199 7.13 6.77 22.71
CA HIS F 199 6.75 5.48 22.19
C HIS F 199 5.32 5.43 21.88
N LEU F 200 4.99 4.72 20.83
CA LEU F 200 3.63 4.62 20.48
C LEU F 200 3.45 3.22 20.05
N ASP F 201 4.28 2.33 20.55
CA ASP F 201 4.14 0.93 20.20
C ASP F 201 2.75 0.40 20.54
N HIS F 202 2.37 -0.69 19.89
CA HIS F 202 1.07 -1.30 20.11
C HIS F 202 -0.10 -0.39 19.96
N ASN F 203 -0.31 0.11 18.75
CA ASN F 203 -1.46 0.94 18.50
C ASN F 203 -2.16 0.48 17.29
N LYS F 204 -2.92 1.36 16.68
CA LYS F 204 -3.46 0.99 15.38
C LYS F 204 -3.06 2.09 14.40
N ILE F 205 -1.89 2.70 14.61
CA ILE F 205 -1.40 3.78 13.73
C ILE F 205 -1.31 3.30 12.28
N GLN F 206 -1.90 4.10 11.39
CA GLN F 206 -2.04 3.80 9.95
C GLN F 206 -0.83 4.11 9.05
N ALA F 207 -0.21 5.24 9.26
CA ALA F 207 0.89 5.60 8.43
C ALA F 207 1.46 6.88 8.98
N ILE F 208 2.76 7.00 9.01
CA ILE F 208 3.38 8.25 9.43
C ILE F 208 3.59 9.20 8.23
N GLU F 209 2.87 10.31 8.35
CA GLU F 209 2.88 11.32 7.35
C GLU F 209 3.97 12.40 7.51
N LEU F 210 3.92 13.36 6.59
CA LEU F 210 4.91 14.38 6.48
C LEU F 210 5.16 15.16 7.77
N GLU F 211 4.14 15.85 8.29
CA GLU F 211 4.34 16.74 9.46
C GLU F 211 4.13 16.05 10.80
N ASP F 212 3.81 14.76 10.77
CA ASP F 212 3.63 13.98 11.98
C ASP F 212 4.75 14.21 13.03
N LEU F 213 5.98 13.81 12.70
CA LEU F 213 7.08 14.03 13.63
C LEU F 213 7.65 15.44 13.53
N LEU F 214 6.89 16.38 12.96
CA LEU F 214 7.44 17.70 12.75
C LEU F 214 8.13 18.29 13.98
N ARG F 215 7.35 18.71 14.98
CA ARG F 215 7.89 19.42 16.15
C ARG F 215 8.67 18.61 17.23
N TYR F 216 8.89 17.29 17.02
CA TYR F 216 9.57 16.46 18.01
C TYR F 216 11.04 16.45 17.75
N SER F 217 11.54 17.57 17.27
CA SER F 217 12.91 17.72 16.74
C SER F 217 14.11 17.45 17.67
N LYS F 218 13.87 16.74 18.79
CA LYS F 218 14.94 16.42 19.73
C LYS F 218 14.86 15.01 20.18
N LEU F 219 14.41 14.08 19.36
CA LEU F 219 14.27 12.72 19.84
C LEU F 219 15.51 11.84 19.76
N TYR F 220 15.59 10.87 20.66
CA TYR F 220 16.64 9.88 20.56
C TYR F 220 16.09 8.56 20.11
N ARG F 221 14.98 8.16 20.73
CA ARG F 221 14.32 6.99 20.24
C ARG F 221 12.93 7.37 19.69
N LEU F 222 12.37 6.43 18.93
CA LEU F 222 11.04 6.63 18.43
C LEU F 222 10.54 5.25 18.15
N GLY F 223 9.72 4.70 19.01
CA GLY F 223 9.29 3.30 18.79
C GLY F 223 7.92 3.34 18.14
N LEU F 224 7.69 2.53 17.12
CA LEU F 224 6.39 2.45 16.57
C LEU F 224 6.20 1.02 16.24
N GLY F 225 6.98 0.15 16.86
CA GLY F 225 6.79 -1.31 16.73
C GLY F 225 5.31 -1.69 16.91
N HIS F 226 4.92 -2.90 16.52
CA HIS F 226 3.49 -3.37 16.59
C HIS F 226 2.47 -2.27 16.27
N ASN F 227 2.44 -1.86 15.01
CA ASN F 227 1.42 -0.97 14.54
C ASN F 227 0.89 -1.40 13.20
N GLN F 228 0.28 -0.49 12.51
CA GLN F 228 -0.22 -0.89 11.25
C GLN F 228 0.28 0.06 10.20
N ILE F 229 1.50 0.52 10.37
CA ILE F 229 2.05 1.46 9.42
C ILE F 229 2.19 0.79 8.07
N ARG F 230 1.54 1.41 7.08
CA ARG F 230 1.47 0.90 5.72
C ARG F 230 2.42 1.74 4.86
N MET F 231 2.36 3.05 5.00
CA MET F 231 3.22 3.87 4.18
C MET F 231 3.79 5.11 4.90
N ILE F 232 5.04 5.02 5.32
CA ILE F 232 5.70 6.16 5.91
C ILE F 232 6.17 7.07 4.79
N GLU F 233 5.71 8.32 4.84
CA GLU F 233 5.95 9.27 3.77
C GLU F 233 7.30 9.92 3.88
N ASN F 234 7.98 10.11 2.77
CA ASN F 234 9.35 10.61 2.87
C ASN F 234 9.42 12.08 3.29
N GLY F 235 10.51 12.39 3.98
CA GLY F 235 10.75 13.73 4.47
C GLY F 235 10.26 13.84 5.90
N SER F 236 9.30 13.01 6.25
CA SER F 236 8.77 13.02 7.60
C SER F 236 9.86 12.64 8.63
N LEU F 237 10.67 11.63 8.30
CA LEU F 237 11.76 11.26 9.20
C LEU F 237 12.96 12.22 9.14
N SER F 238 12.83 13.31 8.39
CA SER F 238 13.92 14.26 8.24
C SER F 238 14.03 15.15 9.49
N PHE F 239 12.88 15.39 10.13
CA PHE F 239 12.78 16.33 11.25
C PHE F 239 13.42 15.93 12.56
N LEU F 240 13.91 14.69 12.63
CA LEU F 240 14.58 14.15 13.86
C LEU F 240 16.10 14.09 13.70
N PRO F 241 16.75 15.22 13.52
CA PRO F 241 18.15 15.29 13.21
C PRO F 241 18.94 14.33 14.01
N THR F 242 18.66 14.24 15.33
CA THR F 242 19.41 13.33 16.26
C THR F 242 18.81 11.95 16.57
N LEU F 243 17.78 11.53 15.88
CA LEU F 243 17.23 10.20 16.16
C LEU F 243 18.39 9.17 16.13
N ARG F 244 18.41 8.31 17.15
CA ARG F 244 19.45 7.32 17.32
C ARG F 244 18.94 5.88 17.19
N GLU F 245 17.71 5.60 17.59
CA GLU F 245 17.18 4.22 17.46
C GLU F 245 15.81 4.29 16.93
N LEU F 246 15.48 3.49 15.96
CA LEU F 246 14.17 3.58 15.43
C LEU F 246 13.60 2.21 15.23
N HIS F 247 12.74 1.74 16.13
CA HIS F 247 12.06 0.42 15.99
C HIS F 247 10.87 0.70 15.13
N LEU F 248 10.66 0.00 14.03
CA LEU F 248 9.53 0.38 13.23
C LEU F 248 8.97 -0.90 12.66
N ASP F 249 9.21 -1.92 13.48
CA ASP F 249 8.90 -3.34 13.28
C ASP F 249 7.47 -3.72 13.57
N ASN F 250 7.09 -4.86 13.04
CA ASN F 250 5.75 -5.34 13.18
C ASN F 250 4.76 -4.41 12.54
N ASN F 251 4.98 -4.04 11.27
CA ASN F 251 4.02 -3.23 10.58
C ASN F 251 3.63 -3.82 9.28
N LYS F 252 3.11 -2.97 8.42
CA LYS F 252 2.63 -3.41 7.11
C LYS F 252 3.45 -2.64 6.06
N LEU F 253 4.67 -2.29 6.45
CA LEU F 253 5.59 -1.57 5.56
C LEU F 253 5.89 -2.44 4.37
N SER F 254 6.02 -1.80 3.22
CA SER F 254 6.30 -2.48 1.96
C SER F 254 7.73 -2.20 1.34
N ARG F 255 8.40 -1.16 1.87
CA ARG F 255 9.75 -0.80 1.44
C ARG F 255 10.48 -0.05 2.58
N VAL F 256 11.80 -0.22 2.71
CA VAL F 256 12.58 0.53 3.73
C VAL F 256 12.24 2.04 3.75
N PRO F 257 11.84 2.55 4.92
CA PRO F 257 11.30 3.93 5.02
C PRO F 257 12.24 5.02 4.44
N ALA F 258 11.72 5.81 3.49
CA ALA F 258 12.54 6.82 2.81
C ALA F 258 13.20 7.85 3.76
N GLY F 259 14.53 7.98 3.67
CA GLY F 259 15.21 8.98 4.49
C GLY F 259 16.30 8.44 5.38
N LEU F 260 16.24 7.15 5.69
CA LEU F 260 17.20 6.52 6.57
C LEU F 260 18.64 7.04 6.45
N PRO F 261 19.20 7.01 5.28
CA PRO F 261 20.58 7.52 5.12
C PRO F 261 20.83 8.97 5.66
N ASP F 262 19.86 9.84 5.50
CA ASP F 262 20.04 11.23 5.84
C ASP F 262 20.05 11.53 7.33
N LEU F 263 19.84 10.52 8.16
CA LEU F 263 19.81 10.72 9.60
C LEU F 263 21.19 10.48 10.19
N LYS F 264 21.96 11.54 10.24
CA LYS F 264 23.35 11.41 10.57
C LYS F 264 23.69 10.61 11.86
N LEU F 265 22.71 10.24 12.65
CA LEU F 265 23.08 9.43 13.83
C LEU F 265 22.23 8.19 14.10
N LEU F 266 21.40 7.81 13.12
CA LEU F 266 20.58 6.64 13.22
C LEU F 266 21.48 5.49 13.47
N GLN F 267 21.53 4.96 14.68
CA GLN F 267 22.46 3.86 14.93
C GLN F 267 21.88 2.49 14.84
N VAL F 268 20.55 2.35 15.04
CA VAL F 268 19.84 1.06 14.99
C VAL F 268 18.43 1.22 14.57
N VAL F 269 18.15 0.91 13.33
CA VAL F 269 16.78 0.82 12.83
C VAL F 269 16.28 -0.67 12.84
N TYR F 270 15.04 -0.89 13.26
CA TYR F 270 14.45 -2.24 13.32
C TYR F 270 13.36 -2.32 12.26
N LEU F 271 13.43 -3.30 11.37
CA LEU F 271 12.38 -3.40 10.32
C LEU F 271 11.67 -4.78 10.15
N HIS F 272 11.90 -5.68 11.13
CA HIS F 272 11.45 -7.07 11.03
C HIS F 272 9.98 -7.24 11.10
N THR F 273 9.52 -8.38 10.60
CA THR F 273 8.13 -8.75 10.57
C THR F 273 7.28 -7.74 9.78
N ASN F 274 7.94 -7.06 8.84
CA ASN F 274 7.20 -6.18 7.92
C ASN F 274 6.73 -6.88 6.65
N ASN F 275 6.59 -6.14 5.60
CA ASN F 275 6.13 -6.73 4.38
C ASN F 275 6.97 -6.07 3.30
N ILE F 276 8.19 -5.78 3.70
CA ILE F 276 9.19 -5.24 2.82
C ILE F 276 9.56 -6.36 1.84
N THR F 277 9.41 -6.05 0.57
CA THR F 277 9.70 -6.94 -0.54
C THR F 277 11.10 -6.67 -1.25
N LYS F 278 11.39 -5.41 -1.55
CA LYS F 278 12.57 -5.04 -2.22
C LYS F 278 13.46 -4.18 -1.28
N VAL F 279 14.78 -4.37 -1.37
CA VAL F 279 15.73 -3.59 -0.59
C VAL F 279 16.79 -2.84 -1.41
N GLY F 280 16.47 -1.62 -1.91
CA GLY F 280 17.46 -0.74 -2.61
C GLY F 280 18.89 -0.83 -2.01
N VAL F 281 19.93 -0.67 -2.83
CA VAL F 281 21.32 -0.72 -2.32
C VAL F 281 21.68 0.47 -1.42
N ASN F 282 21.06 1.63 -1.68
CA ASN F 282 21.30 2.86 -0.93
C ASN F 282 20.15 3.17 0.00
N ASP F 283 19.60 2.12 0.61
CA ASP F 283 18.47 2.30 1.49
C ASP F 283 19.00 2.53 2.89
N PHE F 284 20.18 2.03 3.16
CA PHE F 284 20.74 2.28 4.49
C PHE F 284 21.95 3.23 4.50
N CYS F 285 22.97 2.97 3.71
CA CYS F 285 24.07 3.89 3.73
C CYS F 285 23.80 5.01 2.79
N PRO F 286 24.54 6.08 2.93
CA PRO F 286 24.33 7.24 2.06
C PRO F 286 25.16 7.11 0.77
N VAL F 287 24.71 7.75 -0.32
CA VAL F 287 25.39 7.58 -1.62
C VAL F 287 26.82 8.06 -1.52
N GLY F 288 26.98 9.28 -0.99
CA GLY F 288 28.31 9.83 -0.71
C GLY F 288 28.77 9.65 0.73
N PHE F 289 30.04 9.27 0.90
CA PHE F 289 30.61 9.05 2.24
C PHE F 289 30.35 10.26 3.17
N GLY F 290 29.92 9.97 4.40
CA GLY F 290 29.79 10.98 5.45
C GLY F 290 31.15 11.10 6.16
N VAL F 291 31.11 11.17 7.49
CA VAL F 291 32.29 11.26 8.41
C VAL F 291 31.67 11.68 9.73
N LYS F 292 30.59 12.44 9.61
CA LYS F 292 29.70 12.77 10.72
C LYS F 292 28.83 11.54 11.01
N ARG F 293 27.85 11.30 10.12
CA ARG F 293 26.96 10.13 10.03
C ARG F 293 27.49 8.88 10.71
N ALA F 294 26.77 8.27 11.62
CA ALA F 294 27.42 7.20 12.34
C ALA F 294 27.11 5.93 11.70
N TYR F 295 27.87 4.88 11.99
CA TYR F 295 27.64 3.59 11.37
C TYR F 295 26.53 2.93 12.11
N TYR F 296 25.68 2.12 11.42
CA TYR F 296 24.49 1.49 12.06
C TYR F 296 25.05 0.52 12.94
N ASN F 297 24.38 0.34 14.03
CA ASN F 297 24.91 -0.46 15.07
C ASN F 297 24.05 -1.68 15.24
N GLY F 298 22.95 -1.70 14.47
CA GLY F 298 21.99 -2.82 14.40
C GLY F 298 20.91 -2.56 13.35
N ILE F 299 20.62 -3.54 12.49
CA ILE F 299 19.51 -3.50 11.56
C ILE F 299 18.76 -4.81 11.59
N SER F 300 17.46 -4.79 11.87
CA SER F 300 16.64 -6.00 11.75
C SER F 300 15.84 -6.04 10.40
N LEU F 301 15.74 -7.22 9.83
CA LEU F 301 15.10 -7.31 8.57
C LEU F 301 14.32 -8.64 8.46
N PHE F 302 14.74 -9.63 9.28
CA PHE F 302 14.27 -11.00 9.20
C PHE F 302 12.81 -10.99 9.22
N ASN F 303 12.21 -12.11 8.85
CA ASN F 303 10.79 -12.26 8.77
C ASN F 303 10.12 -11.27 7.92
N ASN F 304 10.69 -11.10 6.72
CA ASN F 304 10.20 -10.21 5.65
C ASN F 304 10.31 -10.90 4.28
N PRO F 305 9.31 -10.72 3.41
CA PRO F 305 9.39 -11.30 2.11
C PRO F 305 10.49 -10.57 1.31
N VAL F 306 11.73 -11.10 1.36
CA VAL F 306 12.89 -10.60 0.60
C VAL F 306 14.01 -11.38 1.17
N PRO F 307 14.54 -12.30 0.37
CA PRO F 307 15.55 -13.27 0.82
C PRO F 307 16.95 -12.75 0.89
N TYR F 308 17.77 -13.45 1.66
CA TYR F 308 19.14 -12.99 2.01
C TYR F 308 19.92 -12.75 0.79
N TRP F 309 19.76 -13.71 -0.10
CA TRP F 309 20.39 -13.63 -1.38
C TRP F 309 19.79 -12.58 -2.34
N GLU F 310 18.75 -11.85 -1.95
CA GLU F 310 18.20 -10.90 -2.87
C GLU F 310 18.80 -9.56 -2.55
N VAL F 311 19.49 -9.47 -1.46
CA VAL F 311 19.99 -8.18 -1.05
C VAL F 311 21.49 -8.15 -1.07
N GLN F 312 21.98 -7.36 -2.02
CA GLN F 312 23.40 -7.22 -2.31
C GLN F 312 24.21 -6.78 -1.10
N PRO F 313 25.42 -7.31 -0.88
CA PRO F 313 26.21 -7.05 0.36
C PRO F 313 26.51 -5.55 0.57
N ALA F 314 26.85 -4.89 -0.55
CA ALA F 314 27.05 -3.43 -0.64
C ALA F 314 26.01 -2.59 0.11
N THR F 315 24.82 -3.18 0.24
CA THR F 315 23.65 -2.63 0.94
C THR F 315 23.92 -2.34 2.44
N PHE F 316 24.74 -3.16 3.09
CA PHE F 316 25.09 -2.89 4.48
C PHE F 316 26.54 -2.45 4.64
N ARG F 317 27.11 -1.67 3.73
CA ARG F 317 28.54 -1.21 3.84
C ARG F 317 28.96 -0.47 5.11
N CYS F 318 28.11 0.42 5.57
CA CYS F 318 28.38 1.24 6.69
C CYS F 318 27.88 0.67 8.01
N VAL F 319 27.31 -0.53 8.02
CA VAL F 319 27.04 -1.20 9.33
C VAL F 319 28.38 -1.65 9.90
N THR F 320 28.47 -1.91 11.20
CA THR F 320 29.75 -2.35 11.74
C THR F 320 29.99 -3.85 11.71
N ASP F 321 29.68 -4.53 12.80
CA ASP F 321 29.77 -5.97 12.74
C ASP F 321 28.77 -6.61 11.73
N ARG F 322 28.81 -7.92 11.64
CA ARG F 322 27.87 -8.64 10.84
C ARG F 322 26.76 -8.84 11.84
N LEU F 323 27.16 -9.20 13.05
CA LEU F 323 26.21 -9.49 14.12
C LEU F 323 25.31 -8.32 14.44
N ALA F 324 25.48 -7.23 13.71
CA ALA F 324 24.62 -6.11 13.93
C ALA F 324 23.45 -6.21 12.94
N ILE F 325 23.39 -7.31 12.21
CA ILE F 325 22.32 -7.44 11.24
C ILE F 325 21.44 -8.65 11.46
N GLN F 326 20.46 -8.54 12.36
CA GLN F 326 19.50 -9.62 12.48
C GLN F 326 18.83 -9.80 11.12
N PHE F 327 19.22 -10.87 10.42
CA PHE F 327 18.82 -11.15 9.04
C PHE F 327 19.19 -12.55 8.54
N GLY F 328 19.78 -13.37 9.42
CA GLY F 328 20.12 -14.77 9.10
C GLY F 328 20.82 -14.93 7.75
N ASN F 329 22.09 -15.21 7.83
CA ASN F 329 22.92 -15.44 6.70
C ASN F 329 24.24 -15.65 7.33
C1 NAG G . -32.29 10.90 -8.28
C2 NAG G . -30.73 10.89 -8.23
C3 NAG G . -30.25 9.75 -7.29
C4 NAG G . -31.45 9.16 -6.50
C5 NAG G . -32.66 8.81 -7.39
C6 NAG G . -34.01 8.91 -6.70
C7 NAG G . -28.92 11.65 -9.76
C8 NAG G . -27.56 11.01 -10.07
N2 NAG G . -30.04 10.89 -9.55
O3 NAG G . -29.18 10.17 -6.45
O4 NAG G . -31.07 7.96 -5.86
O5 NAG G . -32.69 9.59 -8.58
O6 NAG G . -34.74 7.82 -7.19
O7 NAG G . -29.00 12.87 -9.70
CAC FLC H . -29.08 30.67 -2.94
CA FLC H . -28.65 30.47 -1.50
CB FLC H . -29.76 29.89 -0.58
CBC FLC H . -29.59 28.38 -0.47
CG FLC H . -31.18 30.28 -1.00
CGC FLC H . -31.30 31.75 -0.63
OA1 FLC H . -28.56 29.87 -3.76
OA2 FLC H . -29.89 31.60 -3.26
OB1 FLC H . -29.97 27.80 0.62
OB2 FLC H . -29.07 27.82 -1.49
OG1 FLC H . -30.39 32.53 -0.95
OG2 FLC H . -32.31 32.14 -0.01
OHB FLC H . -29.58 30.44 0.72
C1 NAG I . 8.98 64.00 -26.50
C2 NAG I . 7.72 63.54 -27.29
C3 NAG I . 7.36 64.57 -28.40
C4 NAG I . 8.36 65.76 -28.39
C5 NAG I . 9.83 65.40 -28.24
C6 NAG I . 10.56 66.66 -27.76
C7 NAG I . 7.19 61.17 -27.14
C8 NAG I . 6.04 60.50 -27.88
N2 NAG I . 7.82 62.16 -27.77
O3 NAG I . 5.97 64.98 -28.31
O4 NAG I . 8.37 66.49 -29.61
O5 NAG I . 10.07 64.31 -27.38
O6 NAG I . 10.17 67.74 -28.59
O7 NAG I . 7.57 60.83 -26.01
CAC FLC J . -3.19 58.34 -7.96
CA FLC J . -3.16 59.12 -9.26
CB FLC J . -1.74 59.37 -9.76
CBC FLC J . -1.72 60.18 -11.10
CG FLC J . -1.02 58.04 -9.98
CGC FLC J . -1.93 56.93 -10.53
OA1 FLC J . -2.55 57.27 -7.83
OA2 FLC J . -3.91 58.81 -7.06
OB1 FLC J . -1.58 59.55 -12.18
OB2 FLC J . -1.87 61.44 -11.15
OG1 FLC J . -1.43 55.96 -11.17
OG2 FLC J . -3.15 57.02 -10.32
OHB FLC J . -1.15 60.09 -8.65
C1 NAG K . 23.35 -64.82 -74.28
C2 NAG K . 24.58 -65.14 -73.39
C3 NAG K . 25.01 -66.66 -73.42
C4 NAG K . 25.03 -67.30 -74.82
C5 NAG K . 24.63 -66.21 -75.87
C6 NAG K . 24.64 -66.71 -77.34
C7 NAG K . 25.66 -62.94 -72.84
C8 NAG K . 26.51 -62.95 -71.59
N2 NAG K . 25.61 -64.07 -73.57
O3 NAG K . 24.14 -67.51 -72.68
O4 NAG K . 26.28 -67.95 -75.01
O5 NAG K . 23.36 -65.58 -75.50
O6 NAG K . 25.97 -67.01 -77.75
O7 NAG K . 25.05 -61.92 -73.13
CAC FLC L . 13.11 -55.55 -56.25
CA FLC L . 13.21 -56.51 -57.40
CB FLC L . 13.44 -57.86 -56.73
CBC FLC L . 14.61 -58.63 -57.45
CG FLC L . 12.13 -58.61 -56.58
CGC FLC L . 11.44 -58.56 -57.91
OA1 FLC L . 12.55 -55.91 -55.19
OA2 FLC L . 13.62 -54.44 -56.39
OB1 FLC L . 15.27 -58.03 -58.35
OB2 FLC L . 14.92 -59.83 -57.16
OG1 FLC L . 11.92 -59.27 -58.79
OG2 FLC L . 10.45 -57.83 -58.02
OHB FLC L . 13.59 -57.60 -55.32
C1 NAG M . 26.98 -7.19 -33.33
C2 NAG M . 26.41 -7.25 -34.76
C3 NAG M . 25.57 -6.01 -35.18
C4 NAG M . 26.19 -4.67 -34.71
C5 NAG M . 27.49 -4.90 -33.90
C6 NAG M . 28.18 -3.62 -33.35
C7 NAG M . 27.30 -7.93 -36.99
C8 NAG M . 25.94 -7.96 -37.66
N2 NAG M . 27.48 -7.49 -35.73
O3 NAG M . 24.18 -6.16 -34.83
O4 NAG M . 26.46 -3.78 -35.80
O5 NAG M . 27.15 -5.85 -32.89
O6 NAG M . 27.69 -3.16 -32.09
O7 NAG M . 28.27 -8.34 -37.63
CAC FLC N . 19.21 -26.73 -29.91
CA FLC N . 18.09 -25.86 -30.32
CB FLC N . 18.48 -25.05 -31.55
CBC FLC N . 17.63 -23.82 -31.43
CG FLC N . 18.34 -25.97 -32.77
CGC FLC N . 19.72 -26.54 -33.14
OA1 FLC N . 19.67 -27.57 -30.73
OA2 FLC N . 19.65 -26.60 -28.76
OB1 FLC N . 16.93 -23.71 -30.40
OB2 FLC N . 17.65 -22.92 -32.28
OG1 FLC N . 20.14 -27.58 -32.53
OG2 FLC N . 20.40 -25.96 -34.03
OHB FLC N . 19.85 -24.63 -31.61
C1 NAG O . -22.35 -20.72 67.02
C2 NAG O . -22.76 -21.83 66.01
C3 NAG O . -23.87 -22.70 66.66
C4 NAG O . -23.51 -23.16 68.12
C5 NAG O . -22.91 -22.05 69.03
C6 NAG O . -22.20 -22.59 70.31
C7 NAG O . -22.51 -21.14 63.54
C8 NAG O . -21.84 -22.29 62.83
N2 NAG O . -23.24 -21.40 64.66
O3 NAG O . -24.16 -23.80 65.77
O4 NAG O . -24.60 -23.87 68.75
O5 NAG O . -21.94 -21.28 68.28
O6 NAG O . -23.04 -23.22 71.28
O7 NAG O . -22.40 -19.99 63.06
CAC FLC P . -8.86 -7.98 55.63
CA FLC P . -8.65 -7.25 56.95
CB FLC P . -7.57 -7.94 57.81
CBC FLC P . -8.04 -9.24 58.62
CG FLC P . -6.96 -6.85 58.67
CGC FLC P . -8.00 -6.57 59.70
OA1 FLC P . -8.24 -7.55 54.63
OA2 FLC P . -9.64 -8.99 55.62
OB1 FLC P . -8.67 -10.20 58.12
OB2 FLC P . -7.82 -9.40 59.84
OG1 FLC P . -8.36 -7.55 60.40
OG2 FLC P . -8.43 -5.38 59.77
OHB FLC P . -6.42 -8.09 56.94
C1 NAG Q . 2.50 -7.26 1.20
C2 NAG Q . 0.98 -7.36 1.56
C3 NAG Q . -0.01 -7.39 0.35
C4 NAG Q . 0.55 -7.78 -1.02
C5 NAG Q . 2.02 -8.20 -0.92
C6 NAG Q . 2.67 -8.57 -2.27
C7 NAG Q . 1.24 -9.65 2.62
C8 NAG Q . 1.51 -10.34 3.95
N2 NAG Q . 0.71 -8.40 2.59
O3 NAG Q . -0.59 -6.10 0.17
O4 NAG Q . -0.26 -8.77 -1.67
O5 NAG Q . 2.75 -7.20 -0.21
O6 NAG Q . 2.57 -7.57 -3.26
O7 NAG Q . 1.52 -10.25 1.58
CAC FLC R . 8.29 -4.33 21.01
CA FLC R . 9.21 -5.53 21.19
CB FLC R . 10.68 -5.17 21.00
CBC FLC R . 10.76 -4.33 19.73
CG FLC R . 11.37 -6.60 20.95
CGC FLC R . 12.90 -7.00 20.77
OA1 FLC R . 7.91 -3.92 19.83
OA2 FLC R . 7.95 -3.82 22.09
OB1 FLC R . 11.65 -4.73 18.94
OB2 FLC R . 10.00 -3.30 19.48
OG1 FLC R . 13.81 -6.51 21.51
OG2 FLC R . 13.27 -7.89 19.93
OHB FLC R . 11.13 -4.27 22.05
#